data_1R3G
# 
_entry.id   1R3G 
# 
_audit_conform.dict_name       mmcif_pdbx.dic 
_audit_conform.dict_version    5.386 
_audit_conform.dict_location   http://mmcif.pdb.org/dictionaries/ascii/mmcif_pdbx.dic 
# 
loop_
_database_2.database_id 
_database_2.database_code 
_database_2.pdbx_database_accession 
_database_2.pdbx_DOI 
PDB   1R3G         pdb_00001r3g 10.2210/pdb1r3g/pdb 
NDB   AD0031       ?            ?                   
RCSB  RCSB020389   ?            ?                   
WWPDB D_1000020389 ?            ?                   
# 
loop_
_pdbx_audit_revision_history.ordinal 
_pdbx_audit_revision_history.data_content_type 
_pdbx_audit_revision_history.major_revision 
_pdbx_audit_revision_history.minor_revision 
_pdbx_audit_revision_history.revision_date 
1 'Structure model' 1 0 2003-10-21 
2 'Structure model' 1 1 2008-01-08 
3 'Structure model' 1 2 2011-07-13 
4 'Structure model' 1 3 2024-02-14 
# 
_pdbx_audit_revision_details.ordinal             1 
_pdbx_audit_revision_details.revision_ordinal    1 
_pdbx_audit_revision_details.data_content_type   'Structure model' 
_pdbx_audit_revision_details.provider            repository 
_pdbx_audit_revision_details.type                'Initial release' 
_pdbx_audit_revision_details.description         ? 
_pdbx_audit_revision_details.details             ? 
# 
loop_
_pdbx_audit_revision_group.ordinal 
_pdbx_audit_revision_group.revision_ordinal 
_pdbx_audit_revision_group.data_content_type 
_pdbx_audit_revision_group.group 
1 2 'Structure model' 'Version format compliance' 
2 3 'Structure model' 'Version format compliance' 
3 4 'Structure model' 'Data collection'           
4 4 'Structure model' 'Database references'       
5 4 'Structure model' 'Derived calculations'      
# 
loop_
_pdbx_audit_revision_category.ordinal 
_pdbx_audit_revision_category.revision_ordinal 
_pdbx_audit_revision_category.data_content_type 
_pdbx_audit_revision_category.category 
1 4 'Structure model' chem_comp_atom         
2 4 'Structure model' chem_comp_bond         
3 4 'Structure model' database_2             
4 4 'Structure model' pdbx_struct_conn_angle 
5 4 'Structure model' struct_conn            
6 4 'Structure model' struct_site            
# 
loop_
_pdbx_audit_revision_item.ordinal 
_pdbx_audit_revision_item.revision_ordinal 
_pdbx_audit_revision_item.data_content_type 
_pdbx_audit_revision_item.item 
1  4 'Structure model' '_database_2.pdbx_DOI'                      
2  4 'Structure model' '_database_2.pdbx_database_accession'       
3  4 'Structure model' '_pdbx_struct_conn_angle.ptnr1_auth_seq_id' 
4  4 'Structure model' '_pdbx_struct_conn_angle.ptnr3_auth_seq_id' 
5  4 'Structure model' '_pdbx_struct_conn_angle.value'             
6  4 'Structure model' '_struct_conn.pdbx_dist_value'              
7  4 'Structure model' '_struct_conn.pdbx_leaving_atom_flag'       
8  4 'Structure model' '_struct_conn.ptnr2_auth_seq_id'            
9  4 'Structure model' '_struct_site.pdbx_auth_asym_id'            
10 4 'Structure model' '_struct_site.pdbx_auth_comp_id'            
11 4 'Structure model' '_struct_site.pdbx_auth_seq_id'             
# 
_pdbx_database_status.status_code                     REL 
_pdbx_database_status.entry_id                        1R3G 
_pdbx_database_status.recvd_initial_deposition_date   2003-10-01 
_pdbx_database_status.deposit_site                    RCSB 
_pdbx_database_status.process_site                    RCSB 
_pdbx_database_status.status_code_sf                  REL 
_pdbx_database_status.SG_entry                        . 
_pdbx_database_status.status_code_mr                  ? 
_pdbx_database_status.pdb_format_compatible           Y 
_pdbx_database_status.status_code_cs                  ? 
_pdbx_database_status.status_code_nmr_data            ? 
_pdbx_database_status.methods_development_category    ? 
# 
loop_
_audit_author.name 
_audit_author.pdbx_ordinal 
'Prakash, T.P.' 1 
'Puschl, A.'    2 
'Lesnik, E.'    3 
'Tereshko, V.'  4 
'Egli, M.'      5 
'Manoharan, M.' 6 
# 
_citation.id                        primary 
_citation.title                     
;2'-O-[2-(Guanidinium)ethyl]-Modified Oligonucleotides: Stabilizing Effect on Duplex and Triplex Structures.
;
_citation.journal_abbrev            Org.Lett. 
_citation.journal_volume            6 
_citation.page_first                1971 
_citation.page_last                 1974 
_citation.year                      2004 
_citation.journal_id_ASTM           ? 
_citation.country                   US 
_citation.journal_id_ISSN           1523-7060 
_citation.journal_id_CSD            ? 
_citation.book_publisher            ? 
_citation.pdbx_database_id_PubMed   15176796 
_citation.pdbx_database_id_DOI      10.1021/ol0493249 
# 
loop_
_citation_author.citation_id 
_citation_author.name 
_citation_author.ordinal 
_citation_author.identifier_ORCID 
primary 'Prakash, T.P.' 1 ? 
primary 'Lesnik, E.'    2 ? 
primary 'Mohan, V.'     3 ? 
primary 'Tereshko, V.'  4 ? 
primary 'Egli, M.'      5 ? 
primary 'Manoharan, M.' 6 ? 
# 
loop_
_entity.id 
_entity.type 
_entity.src_method 
_entity.pdbx_description 
_entity.formula_weight 
_entity.pdbx_number_of_molecules 
_entity.pdbx_ec 
_entity.pdbx_mutation 
_entity.pdbx_fragment 
_entity.details 
1 polymer     syn "5'-D(*GP*CP*GP*TP*AP*(GMU)P*AP*CP*GP*C)-3')" 3148.129 2   ? ? ? ? 
2 non-polymer syn 'MAGNESIUM ION'                               24.305   1   ? ? ? ? 
3 water       nat water                                         18.015   153 ? ? ? ? 
# 
_entity_poly.entity_id                      1 
_entity_poly.type                           polydeoxyribonucleotide 
_entity_poly.nstd_linkage                   no 
_entity_poly.nstd_monomer                   yes 
_entity_poly.pdbx_seq_one_letter_code       '(DG)(DC)(DG)(DT)(DA)(GMU)(DA)(DC)(DG)(DC)' 
_entity_poly.pdbx_seq_one_letter_code_can   GCGTAUACGC 
_entity_poly.pdbx_strand_id                 A,B 
_entity_poly.pdbx_target_identifier         ? 
# 
loop_
_pdbx_entity_nonpoly.entity_id 
_pdbx_entity_nonpoly.name 
_pdbx_entity_nonpoly.comp_id 
2 'MAGNESIUM ION' MG  
3 water           HOH 
# 
loop_
_entity_poly_seq.entity_id 
_entity_poly_seq.num 
_entity_poly_seq.mon_id 
_entity_poly_seq.hetero 
1 1  DG  n 
1 2  DC  n 
1 3  DG  n 
1 4  DT  n 
1 5  DA  n 
1 6  GMU n 
1 7  DA  n 
1 8  DC  n 
1 9  DG  n 
1 10 DC  n 
# 
loop_
_chem_comp.id 
_chem_comp.type 
_chem_comp.mon_nstd_flag 
_chem_comp.name 
_chem_comp.pdbx_synonyms 
_chem_comp.formula 
_chem_comp.formula_weight 
DA  'DNA linking' y "2'-DEOXYADENOSINE-5'-MONOPHOSPHATE"                           ? 'C10 H14 N5 O6 P' 331.222 
DC  'DNA linking' y "2'-DEOXYCYTIDINE-5'-MONOPHOSPHATE"                            ? 'C9 H14 N3 O7 P'  307.197 
DG  'DNA linking' y "2'-DEOXYGUANOSINE-5'-MONOPHOSPHATE"                           ? 'C10 H14 N5 O7 P' 347.221 
DT  'DNA linking' y "THYMIDINE-5'-MONOPHOSPHATE"                                   ? 'C10 H15 N2 O8 P' 322.208 
GMU 'RNA linking' n 
;2'-O-[(2-GUANIDINIUM)ETHYL]-5-METHYLURIDINE 5'-MONOPHOSPHATE
;
? 'C13 H24 N5 O9 P' 425.332 
HOH non-polymer   . WATER                                                          ? 'H2 O'            18.015  
MG  non-polymer   . 'MAGNESIUM ION'                                                ? 'Mg 2'            24.305  
# 
loop_
_pdbx_poly_seq_scheme.asym_id 
_pdbx_poly_seq_scheme.entity_id 
_pdbx_poly_seq_scheme.seq_id 
_pdbx_poly_seq_scheme.mon_id 
_pdbx_poly_seq_scheme.ndb_seq_num 
_pdbx_poly_seq_scheme.pdb_seq_num 
_pdbx_poly_seq_scheme.auth_seq_num 
_pdbx_poly_seq_scheme.pdb_mon_id 
_pdbx_poly_seq_scheme.auth_mon_id 
_pdbx_poly_seq_scheme.pdb_strand_id 
_pdbx_poly_seq_scheme.pdb_ins_code 
_pdbx_poly_seq_scheme.hetero 
A 1 1  DG  1  1  1  DG  G   A . n 
A 1 2  DC  2  2  2  DC  C   A . n 
A 1 3  DG  3  3  3  DG  G   A . n 
A 1 4  DT  4  4  4  DT  T   A . n 
A 1 5  DA  5  5  5  DA  A   A . n 
A 1 6  GMU 6  6  6  GMU THG A . n 
A 1 7  DA  7  7  7  DA  A   A . n 
A 1 8  DC  8  8  8  DC  C   A . n 
A 1 9  DG  9  9  9  DG  G   A . n 
A 1 10 DC  10 10 10 DC  C   A . n 
B 1 1  DG  1  11 11 DG  G   B . n 
B 1 2  DC  2  12 12 DC  C   B . n 
B 1 3  DG  3  13 13 DG  G   B . n 
B 1 4  DT  4  14 14 DT  T   B . n 
B 1 5  DA  5  15 15 DA  A   B . n 
B 1 6  GMU 6  16 16 GMU THG B . n 
B 1 7  DA  7  17 17 DA  A   B . n 
B 1 8  DC  8  18 18 DC  C   B . n 
B 1 9  DG  9  19 19 DG  G   B . n 
B 1 10 DC  10 20 20 DC  C   B . n 
# 
loop_
_pdbx_nonpoly_scheme.asym_id 
_pdbx_nonpoly_scheme.entity_id 
_pdbx_nonpoly_scheme.mon_id 
_pdbx_nonpoly_scheme.ndb_seq_num 
_pdbx_nonpoly_scheme.pdb_seq_num 
_pdbx_nonpoly_scheme.auth_seq_num 
_pdbx_nonpoly_scheme.pdb_mon_id 
_pdbx_nonpoly_scheme.auth_mon_id 
_pdbx_nonpoly_scheme.pdb_strand_id 
_pdbx_nonpoly_scheme.pdb_ins_code 
C 2 MG  1  101 101 MG  MG  A . 
D 3 HOH 1  102 102 HOH HOH A . 
D 3 HOH 2  104 104 HOH HOH A . 
D 3 HOH 3  105 105 HOH HOH A . 
D 3 HOH 4  106 106 HOH HOH A . 
D 3 HOH 5  202 202 HOH HOH A . 
D 3 HOH 6  205 205 HOH HOH A . 
D 3 HOH 7  206 206 HOH HOH A . 
D 3 HOH 8  207 207 HOH HOH A . 
D 3 HOH 9  208 208 HOH HOH A . 
D 3 HOH 10 209 209 HOH HOH A . 
D 3 HOH 11 210 210 HOH HOH A . 
D 3 HOH 12 211 211 HOH HOH A . 
D 3 HOH 13 212 212 HOH HOH A . 
D 3 HOH 14 215 215 HOH HOH A . 
D 3 HOH 15 217 217 HOH HOH A . 
D 3 HOH 16 218 218 HOH HOH A . 
D 3 HOH 17 219 219 HOH HOH A . 
D 3 HOH 18 226 226 HOH HOH A . 
D 3 HOH 19 229 229 HOH HOH A . 
D 3 HOH 20 230 230 HOH HOH A . 
D 3 HOH 21 232 232 HOH HOH A . 
D 3 HOH 22 234 234 HOH HOH A . 
D 3 HOH 23 237 237 HOH HOH A . 
D 3 HOH 24 238 238 HOH HOH A . 
D 3 HOH 25 239 239 HOH HOH A . 
D 3 HOH 26 240 240 HOH HOH A . 
D 3 HOH 27 241 241 HOH HOH A . 
D 3 HOH 28 246 246 HOH HOH A . 
D 3 HOH 29 247 247 HOH HOH A . 
D 3 HOH 30 248 248 HOH HOH A . 
D 3 HOH 31 249 249 HOH HOH A . 
D 3 HOH 32 250 250 HOH HOH A . 
D 3 HOH 33 251 251 HOH HOH A . 
D 3 HOH 34 252 252 HOH HOH A . 
D 3 HOH 35 254 254 HOH HOH A . 
D 3 HOH 36 255 255 HOH HOH A . 
D 3 HOH 37 257 257 HOH HOH A . 
D 3 HOH 38 261 261 HOH HOH A . 
D 3 HOH 39 263 263 HOH HOH A . 
D 3 HOH 40 265 265 HOH HOH A . 
D 3 HOH 41 267 267 HOH HOH A . 
D 3 HOH 42 269 269 HOH HOH A . 
D 3 HOH 43 280 280 HOH HOH A . 
D 3 HOH 44 281 281 HOH HOH A . 
D 3 HOH 45 282 282 HOH HOH A . 
D 3 HOH 46 287 287 HOH HOH A . 
D 3 HOH 47 288 288 HOH HOH A . 
D 3 HOH 48 289 289 HOH HOH A . 
D 3 HOH 49 290 290 HOH HOH A . 
D 3 HOH 50 294 294 HOH HOH A . 
D 3 HOH 51 296 296 HOH HOH A . 
D 3 HOH 52 299 299 HOH HOH A . 
D 3 HOH 53 301 301 HOH HOH A . 
D 3 HOH 54 302 302 HOH HOH A . 
D 3 HOH 55 304 304 HOH HOH A . 
D 3 HOH 56 305 305 HOH HOH A . 
D 3 HOH 57 307 307 HOH HOH A . 
D 3 HOH 58 309 309 HOH HOH A . 
D 3 HOH 59 310 310 HOH HOH A . 
D 3 HOH 60 311 311 HOH HOH A . 
D 3 HOH 61 314 314 HOH HOH A . 
D 3 HOH 62 316 316 HOH HOH A . 
D 3 HOH 63 321 321 HOH HOH A . 
D 3 HOH 64 322 322 HOH HOH A . 
D 3 HOH 65 323 323 HOH HOH A . 
D 3 HOH 66 325 325 HOH HOH A . 
D 3 HOH 67 326 326 HOH HOH A . 
D 3 HOH 68 327 327 HOH HOH A . 
D 3 HOH 69 328 328 HOH HOH A . 
D 3 HOH 70 329 329 HOH HOH A . 
D 3 HOH 71 330 330 HOH HOH A . 
D 3 HOH 72 331 331 HOH HOH A . 
D 3 HOH 73 332 332 HOH HOH A . 
D 3 HOH 74 335 335 HOH HOH A . 
D 3 HOH 75 336 336 HOH HOH A . 
D 3 HOH 76 338 338 HOH HOH A . 
D 3 HOH 77 345 345 HOH HOH A . 
D 3 HOH 78 346 346 HOH HOH A . 
D 3 HOH 79 347 347 HOH HOH A . 
D 3 HOH 80 352 352 HOH HOH A . 
E 3 HOH 1  103 103 HOH HOH B . 
E 3 HOH 2  107 107 HOH HOH B . 
E 3 HOH 3  201 201 HOH HOH B . 
E 3 HOH 4  203 203 HOH HOH B . 
E 3 HOH 5  204 204 HOH HOH B . 
E 3 HOH 6  213 213 HOH HOH B . 
E 3 HOH 7  214 214 HOH HOH B . 
E 3 HOH 8  216 216 HOH HOH B . 
E 3 HOH 9  220 220 HOH HOH B . 
E 3 HOH 10 221 221 HOH HOH B . 
E 3 HOH 11 222 222 HOH HOH B . 
E 3 HOH 12 223 223 HOH HOH B . 
E 3 HOH 13 224 224 HOH HOH B . 
E 3 HOH 14 225 225 HOH HOH B . 
E 3 HOH 15 227 227 HOH HOH B . 
E 3 HOH 16 228 228 HOH HOH B . 
E 3 HOH 17 231 231 HOH HOH B . 
E 3 HOH 18 233 233 HOH HOH B . 
E 3 HOH 19 235 235 HOH HOH B . 
E 3 HOH 20 236 236 HOH HOH B . 
E 3 HOH 21 242 242 HOH HOH B . 
E 3 HOH 22 243 243 HOH HOH B . 
E 3 HOH 23 244 244 HOH HOH B . 
E 3 HOH 24 245 245 HOH HOH B . 
E 3 HOH 25 253 253 HOH HOH B . 
E 3 HOH 26 256 256 HOH HOH B . 
E 3 HOH 27 258 258 HOH HOH B . 
E 3 HOH 28 259 259 HOH HOH B . 
E 3 HOH 29 260 260 HOH HOH B . 
E 3 HOH 30 262 262 HOH HOH B . 
E 3 HOH 31 264 264 HOH HOH B . 
E 3 HOH 32 266 266 HOH HOH B . 
E 3 HOH 33 268 268 HOH HOH B . 
E 3 HOH 34 270 270 HOH HOH B . 
E 3 HOH 35 273 273 HOH HOH B . 
E 3 HOH 36 275 275 HOH HOH B . 
E 3 HOH 37 277 277 HOH HOH B . 
E 3 HOH 38 278 278 HOH HOH B . 
E 3 HOH 39 283 283 HOH HOH B . 
E 3 HOH 40 284 284 HOH HOH B . 
E 3 HOH 41 285 285 HOH HOH B . 
E 3 HOH 42 286 286 HOH HOH B . 
E 3 HOH 43 291 291 HOH HOH B . 
E 3 HOH 44 292 292 HOH HOH B . 
E 3 HOH 45 293 293 HOH HOH B . 
E 3 HOH 46 295 295 HOH HOH B . 
E 3 HOH 47 297 297 HOH HOH B . 
E 3 HOH 48 298 298 HOH HOH B . 
E 3 HOH 49 300 300 HOH HOH B . 
E 3 HOH 50 303 303 HOH HOH B . 
E 3 HOH 51 306 306 HOH HOH B . 
E 3 HOH 52 308 308 HOH HOH B . 
E 3 HOH 53 312 312 HOH HOH B . 
E 3 HOH 54 313 313 HOH HOH B . 
E 3 HOH 55 315 315 HOH HOH B . 
E 3 HOH 56 317 317 HOH HOH B . 
E 3 HOH 57 318 318 HOH HOH B . 
E 3 HOH 58 319 319 HOH HOH B . 
E 3 HOH 59 320 320 HOH HOH B . 
E 3 HOH 60 324 324 HOH HOH B . 
E 3 HOH 61 333 333 HOH HOH B . 
E 3 HOH 62 334 334 HOH HOH B . 
E 3 HOH 63 337 337 HOH HOH B . 
E 3 HOH 64 339 339 HOH HOH B . 
E 3 HOH 65 340 340 HOH HOH B . 
E 3 HOH 66 341 341 HOH HOH B . 
E 3 HOH 67 342 342 HOH HOH B . 
E 3 HOH 68 343 343 HOH HOH B . 
E 3 HOH 69 344 344 HOH HOH B . 
E 3 HOH 70 348 348 HOH HOH B . 
E 3 HOH 71 349 349 HOH HOH B . 
E 3 HOH 72 350 350 HOH HOH B . 
E 3 HOH 73 351 351 HOH HOH B . 
# 
loop_
_software.name 
_software.classification 
_software.version 
_software.citation_id 
_software.pdbx_ordinal 
REFMAC    refinement       5.1.9999 ? 1 
DENZO     'data reduction' .        ? 2 
SCALEPACK 'data scaling'   .        ? 3 
AMoRE     phasing          .        ? 4 
# 
_cell.entry_id           1R3G 
_cell.length_a           25.111 
_cell.length_b           43.151 
_cell.length_c           45.558 
_cell.angle_alpha        90.00 
_cell.angle_beta         90.00 
_cell.angle_gamma        90.00 
_cell.Z_PDB              8 
_cell.pdbx_unique_axis   ? 
_cell.length_a_esd       ? 
_cell.length_b_esd       ? 
_cell.length_c_esd       ? 
_cell.angle_alpha_esd    ? 
_cell.angle_beta_esd     ? 
_cell.angle_gamma_esd    ? 
# 
_symmetry.entry_id                         1R3G 
_symmetry.space_group_name_H-M             'P 21 21 21' 
_symmetry.pdbx_full_space_group_name_H-M   ? 
_symmetry.cell_setting                     ? 
_symmetry.Int_Tables_number                19 
_symmetry.space_group_name_Hall            ? 
# 
_exptl.entry_id          1R3G 
_exptl.method            'X-RAY DIFFRACTION' 
_exptl.crystals_number   1 
# 
_exptl_crystal.id                    1 
_exptl_crystal.density_meas          ? 
_exptl_crystal.density_Matthews      1.88 
_exptl_crystal.density_percent_sol   34.70 
_exptl_crystal.description           ? 
_exptl_crystal.F_000                 ? 
_exptl_crystal.preparation           ? 
# 
_exptl_crystal_grow.crystal_id      1 
_exptl_crystal_grow.method          ? 
_exptl_crystal_grow.temp            ? 
_exptl_crystal_grow.temp_details    ? 
_exptl_crystal_grow.pH              ? 
_exptl_crystal_grow.pdbx_details    'VAPOR DIFFUSION, HANGING DROP' 
_exptl_crystal_grow.pdbx_pH_range   . 
# 
_diffrn.id                     1 
_diffrn.ambient_temp           100.0 
_diffrn.ambient_temp_details   ? 
_diffrn.crystal_id             1 
# 
_diffrn_detector.diffrn_id              1 
_diffrn_detector.detector               CCD 
_diffrn_detector.type                   MARRESEARCH 
_diffrn_detector.pdbx_collection_date   1999-01-01 
_diffrn_detector.details                MIRRORS 
# 
_diffrn_radiation.diffrn_id                        1 
_diffrn_radiation.wavelength_id                    1 
_diffrn_radiation.pdbx_monochromatic_or_laue_m_l   M 
_diffrn_radiation.monochromator                    ? 
_diffrn_radiation.pdbx_diffrn_protocol             'SINGLE WAVELENGTH' 
_diffrn_radiation.pdbx_scattering_type             x-ray 
# 
_diffrn_radiation_wavelength.id           1 
_diffrn_radiation_wavelength.wavelength   1.000 
_diffrn_radiation_wavelength.wt           1.0 
# 
_diffrn_source.diffrn_id                   1 
_diffrn_source.source                      SYNCHROTRON 
_diffrn_source.type                        'APS BEAMLINE 5ID-B' 
_diffrn_source.pdbx_synchrotron_site       APS 
_diffrn_source.pdbx_synchrotron_beamline   5ID-B 
_diffrn_source.pdbx_wavelength             1.000 
_diffrn_source.pdbx_wavelength_list        ? 
# 
_reflns.entry_id                     1R3G 
_reflns.observed_criterion_sigma_I   0.00 
_reflns.observed_criterion_sigma_F   ? 
_reflns.d_resolution_low             19.500 
_reflns.d_resolution_high            1.160 
_reflns.number_obs                   17426 
_reflns.number_all                   ? 
_reflns.percent_possible_obs         97.4 
_reflns.pdbx_Rmerge_I_obs            0.06 
_reflns.pdbx_Rsym_value              ? 
_reflns.pdbx_netI_over_sigmaI        ? 
_reflns.B_iso_Wilson_estimate        ? 
_reflns.pdbx_redundancy              5.00 
_reflns.R_free_details               ? 
_reflns.pdbx_chi_squared             ? 
_reflns.pdbx_scaling_rejects         ? 
_reflns.pdbx_diffrn_id               1 
_reflns.pdbx_ordinal                 1 
# 
_refine.entry_id                                 1R3G 
_refine.ls_number_reflns_obs                     16535 
_refine.ls_number_reflns_all                     ? 
_refine.pdbx_ls_sigma_I                          ? 
_refine.pdbx_ls_sigma_F                          0.00 
_refine.pdbx_data_cutoff_high_absF               ? 
_refine.pdbx_data_cutoff_low_absF                ? 
_refine.pdbx_data_cutoff_high_rms_absF           ? 
_refine.ls_d_res_low                             20.00 
_refine.ls_d_res_high                            1.16 
_refine.ls_percent_reflns_obs                    97.4 
_refine.ls_R_factor_obs                          0.134 
_refine.ls_R_factor_all                          ? 
_refine.ls_R_factor_R_work                       0.132 
_refine.ls_R_factor_R_free                       0.174 
_refine.ls_R_factor_R_free_error                 ? 
_refine.ls_R_factor_R_free_error_details         ? 
_refine.ls_percent_reflns_R_free                 5.100 
_refine.ls_number_reflns_R_free                  891 
_refine.ls_number_parameters                     ? 
_refine.ls_number_restraints                     ? 
_refine.occupancy_min                            ? 
_refine.occupancy_max                            ? 
_refine.correlation_coeff_Fo_to_Fc               0.984 
_refine.correlation_coeff_Fo_to_Fc_free          0.974 
_refine.B_iso_mean                               16.67 
_refine.aniso_B[1][1]                            0.29000 
_refine.aniso_B[2][2]                            0.15000 
_refine.aniso_B[3][3]                            -0.44000 
_refine.aniso_B[1][2]                            0.00000 
_refine.aniso_B[1][3]                            0.00000 
_refine.aniso_B[2][3]                            0.00000 
_refine.solvent_model_details                    'BABINET MODEL WITH MASK' 
_refine.solvent_model_param_ksol                 ? 
_refine.solvent_model_param_bsol                 ? 
_refine.pdbx_solvent_vdw_probe_radii             1.20 
_refine.pdbx_solvent_ion_probe_radii             0.80 
_refine.pdbx_solvent_shrinkage_radii             0.80 
_refine.pdbx_ls_cross_valid_method               THROUGHOUT 
_refine.details                                  'HYDROGENS HAVE BEEN ADDED IN THE RIDING POSITIONS' 
_refine.pdbx_starting_model                      ? 
_refine.pdbx_method_to_determine_struct          'MOLECULAR REPLACEMENT' 
_refine.pdbx_isotropic_thermal_model             ? 
_refine.pdbx_stereochemistry_target_values       'MAXIMUM LIKELIHOOD' 
_refine.pdbx_stereochem_target_val_spec_case     ? 
_refine.pdbx_R_Free_selection_details            RANDOM 
_refine.pdbx_overall_ESU_R                       0.035 
_refine.pdbx_overall_ESU_R_Free                  0.039 
_refine.overall_SU_ML                            0.023 
_refine.overall_SU_B                             1.117 
_refine.ls_redundancy_reflns_obs                 ? 
_refine.overall_SU_R_Cruickshank_DPI             ? 
_refine.overall_SU_R_free                        ? 
_refine.pdbx_refine_id                           'X-RAY DIFFRACTION' 
_refine.pdbx_overall_phase_error                 ? 
_refine.ls_wR_factor_R_free                      ? 
_refine.ls_wR_factor_R_work                      ? 
_refine.overall_FOM_free_R_set                   ? 
_refine.overall_FOM_work_R_set                   ? 
_refine.pdbx_diffrn_id                           1 
_refine.pdbx_TLS_residual_ADP_flag               ? 
_refine.pdbx_overall_SU_R_free_Cruickshank_DPI   ? 
_refine.pdbx_overall_SU_R_Blow_DPI               ? 
_refine.pdbx_overall_SU_R_free_Blow_DPI          ? 
# 
_refine_hist.pdbx_refine_id                   'X-RAY DIFFRACTION' 
_refine_hist.cycle_id                         LAST 
_refine_hist.pdbx_number_atoms_protein        0 
_refine_hist.pdbx_number_atoms_nucleic_acid   418 
_refine_hist.pdbx_number_atoms_ligand         1 
_refine_hist.number_atoms_solvent             156 
_refine_hist.number_atoms_total               575 
_refine_hist.d_res_high                       1.16 
_refine_hist.d_res_low                        20.00 
# 
loop_
_refine_ls_restr.type 
_refine_ls_restr.dev_ideal 
_refine_ls_restr.dev_ideal_target 
_refine_ls_restr.weight 
_refine_ls_restr.number 
_refine_ls_restr.pdbx_refine_id 
_refine_ls_restr.pdbx_restraint_function 
r_bond_refined_d         0.020  0.021 ? 466 'X-RAY DIFFRACTION' ? 
r_bond_other_d           0.009  0.020 ? 194 'X-RAY DIFFRACTION' ? 
r_angle_refined_deg      1.982  2.112 ? 716 'X-RAY DIFFRACTION' ? 
r_angle_other_deg        1.267  2.004 ? 486 'X-RAY DIFFRACTION' ? 
r_dihedral_angle_1_deg   ?      ?     ? ?   'X-RAY DIFFRACTION' ? 
r_dihedral_angle_2_deg   ?      ?     ? ?   'X-RAY DIFFRACTION' ? 
r_dihedral_angle_3_deg   ?      ?     ? ?   'X-RAY DIFFRACTION' ? 
r_dihedral_angle_4_deg   ?      ?     ? ?   'X-RAY DIFFRACTION' ? 
r_chiral_restr           0.107  0.200 ? 80  'X-RAY DIFFRACTION' ? 
r_gen_planes_refined     0.031  0.020 ? 216 'X-RAY DIFFRACTION' ? 
r_gen_planes_other       ?      ?     ? ?   'X-RAY DIFFRACTION' ? 
r_nbd_refined            0.179  0.200 ? 70  'X-RAY DIFFRACTION' ? 
r_nbd_other              0.239  0.200 ? 200 'X-RAY DIFFRACTION' ? 
r_nbtor_refined          ?      ?     ? ?   'X-RAY DIFFRACTION' ? 
r_nbtor_other            0.074  0.200 ? 81  'X-RAY DIFFRACTION' ? 
r_xyhbond_nbd_refined    0.347  0.200 ? 117 'X-RAY DIFFRACTION' ? 
r_xyhbond_nbd_other      0.000  0.200 ? 1   'X-RAY DIFFRACTION' ? 
r_metal_ion_refined      ?      ?     ? ?   'X-RAY DIFFRACTION' ? 
r_metal_ion_other        ?      ?     ? ?   'X-RAY DIFFRACTION' ? 
r_symmetry_vdw_refined   0.248  0.200 ? 5   'X-RAY DIFFRACTION' ? 
r_symmetry_vdw_other     0.182  0.200 ? 44  'X-RAY DIFFRACTION' ? 
r_symmetry_hbond_refined 0.298  0.200 ? 15  'X-RAY DIFFRACTION' ? 
r_symmetry_hbond_other   ?      ?     ? ?   'X-RAY DIFFRACTION' ? 
r_mcbond_it              ?      ?     ? ?   'X-RAY DIFFRACTION' ? 
r_mcangle_it             ?      ?     ? ?   'X-RAY DIFFRACTION' ? 
r_scbond_it              3.047  3.000 ? 668 'X-RAY DIFFRACTION' ? 
r_scangle_it             3.930  4.500 ? 712 'X-RAY DIFFRACTION' ? 
r_rigid_bond_restr       2.209  3.000 ? 668 'X-RAY DIFFRACTION' ? 
r_sphericity_free        11.381 3.000 ? 92  'X-RAY DIFFRACTION' ? 
r_sphericity_bonded      7.752  3.000 ? 418 'X-RAY DIFFRACTION' ? 
# 
_refine_ls_shell.pdbx_total_number_of_bins_used   20 
_refine_ls_shell.d_res_high                       1.16 
_refine_ls_shell.d_res_low                        1.19 
_refine_ls_shell.number_reflns_R_work             1136 
_refine_ls_shell.R_factor_R_work                  0.18 
_refine_ls_shell.percent_reflns_obs               ? 
_refine_ls_shell.R_factor_R_free                  0.246 
_refine_ls_shell.R_factor_R_free_error            ? 
_refine_ls_shell.percent_reflns_R_free            ? 
_refine_ls_shell.number_reflns_R_free             69 
_refine_ls_shell.redundancy_reflns_obs            ? 
_refine_ls_shell.pdbx_refine_id                   'X-RAY DIFFRACTION' 
_refine_ls_shell.number_reflns_all                ? 
_refine_ls_shell.number_reflns_obs                ? 
_refine_ls_shell.R_factor_all                     ? 
# 
_struct.entry_id                  1R3G 
_struct.title                     
;1.16A X-ray structure of the synthetic DNA fragment with the incorporated 2'-O-[(2-Guanidinium)ethyl]-5-methyluridine residues
;
_struct.pdbx_model_details        ? 
_struct.pdbx_CASP_flag            ? 
_struct.pdbx_model_type_details   ? 
# 
_struct_keywords.entry_id        1R3G 
_struct_keywords.pdbx_keywords   DNA 
_struct_keywords.text            DNA 
# 
loop_
_struct_asym.id 
_struct_asym.pdbx_blank_PDB_chainid_flag 
_struct_asym.pdbx_modified 
_struct_asym.entity_id 
_struct_asym.details 
A N N 1 ? 
B N N 1 ? 
C N N 2 ? 
D N N 3 ? 
E N N 3 ? 
# 
_struct_ref.id                         1 
_struct_ref.entity_id                  1 
_struct_ref.db_name                    PDB 
_struct_ref.db_code                    1R3G 
_struct_ref.pdbx_db_accession          1R3G 
_struct_ref.pdbx_align_begin           ? 
_struct_ref.pdbx_seq_one_letter_code   ? 
_struct_ref.pdbx_db_isoform            ? 
# 
loop_
_struct_ref_seq.align_id 
_struct_ref_seq.ref_id 
_struct_ref_seq.pdbx_PDB_id_code 
_struct_ref_seq.pdbx_strand_id 
_struct_ref_seq.seq_align_beg 
_struct_ref_seq.pdbx_seq_align_beg_ins_code 
_struct_ref_seq.seq_align_end 
_struct_ref_seq.pdbx_seq_align_end_ins_code 
_struct_ref_seq.pdbx_db_accession 
_struct_ref_seq.db_align_beg 
_struct_ref_seq.pdbx_db_align_beg_ins_code 
_struct_ref_seq.db_align_end 
_struct_ref_seq.pdbx_db_align_end_ins_code 
_struct_ref_seq.pdbx_auth_seq_align_beg 
_struct_ref_seq.pdbx_auth_seq_align_end 
1 1 1R3G A 1 ? 10 ? 1R3G 1  ? 10 ? 1  10 
2 1 1R3G B 1 ? 10 ? 1R3G 11 ? 20 ? 11 20 
# 
_pdbx_struct_assembly.id                   1 
_pdbx_struct_assembly.details              author_defined_assembly 
_pdbx_struct_assembly.method_details       ? 
_pdbx_struct_assembly.oligomeric_details   dimeric 
_pdbx_struct_assembly.oligomeric_count     2 
# 
_pdbx_struct_assembly_gen.assembly_id       1 
_pdbx_struct_assembly_gen.oper_expression   1 
_pdbx_struct_assembly_gen.asym_id_list      A,B,C,D,E 
# 
_pdbx_struct_oper_list.id                   1 
_pdbx_struct_oper_list.type                 'identity operation' 
_pdbx_struct_oper_list.name                 1_555 
_pdbx_struct_oper_list.symmetry_operation   x,y,z 
_pdbx_struct_oper_list.matrix[1][1]         1.0000000000 
_pdbx_struct_oper_list.matrix[1][2]         0.0000000000 
_pdbx_struct_oper_list.matrix[1][3]         0.0000000000 
_pdbx_struct_oper_list.vector[1]            0.0000000000 
_pdbx_struct_oper_list.matrix[2][1]         0.0000000000 
_pdbx_struct_oper_list.matrix[2][2]         1.0000000000 
_pdbx_struct_oper_list.matrix[2][3]         0.0000000000 
_pdbx_struct_oper_list.vector[2]            0.0000000000 
_pdbx_struct_oper_list.matrix[3][1]         0.0000000000 
_pdbx_struct_oper_list.matrix[3][2]         0.0000000000 
_pdbx_struct_oper_list.matrix[3][3]         1.0000000000 
_pdbx_struct_oper_list.vector[3]            0.0000000000 
# 
_struct_biol.id                    1 
_struct_biol.pdbx_parent_biol_id   ? 
_struct_biol.details               ? 
# 
loop_
_struct_conn.id 
_struct_conn.conn_type_id 
_struct_conn.pdbx_leaving_atom_flag 
_struct_conn.pdbx_PDB_id 
_struct_conn.ptnr1_label_asym_id 
_struct_conn.ptnr1_label_comp_id 
_struct_conn.ptnr1_label_seq_id 
_struct_conn.ptnr1_label_atom_id 
_struct_conn.pdbx_ptnr1_label_alt_id 
_struct_conn.pdbx_ptnr1_PDB_ins_code 
_struct_conn.pdbx_ptnr1_standard_comp_id 
_struct_conn.ptnr1_symmetry 
_struct_conn.ptnr2_label_asym_id 
_struct_conn.ptnr2_label_comp_id 
_struct_conn.ptnr2_label_seq_id 
_struct_conn.ptnr2_label_atom_id 
_struct_conn.pdbx_ptnr2_label_alt_id 
_struct_conn.pdbx_ptnr2_PDB_ins_code 
_struct_conn.ptnr1_auth_asym_id 
_struct_conn.ptnr1_auth_comp_id 
_struct_conn.ptnr1_auth_seq_id 
_struct_conn.ptnr2_auth_asym_id 
_struct_conn.ptnr2_auth_comp_id 
_struct_conn.ptnr2_auth_seq_id 
_struct_conn.ptnr2_symmetry 
_struct_conn.pdbx_ptnr3_label_atom_id 
_struct_conn.pdbx_ptnr3_label_seq_id 
_struct_conn.pdbx_ptnr3_label_comp_id 
_struct_conn.pdbx_ptnr3_label_asym_id 
_struct_conn.pdbx_ptnr3_label_alt_id 
_struct_conn.pdbx_ptnr3_PDB_ins_code 
_struct_conn.details 
_struct_conn.pdbx_dist_value 
_struct_conn.pdbx_value_order 
_struct_conn.pdbx_role 
covale1  covale both ? A DA  5  "O3'" ? ? ? 1_555 A GMU 6  P  ? ? A DA  5   A GMU 6   1_555 ? ? ? ? ? ? ?            1.613 ? ? 
covale2  covale one  ? A GMU 6  "O3'" ? ? ? 1_555 A DA  7  P  ? ? A GMU 6   A DA  7   1_555 ? ? ? ? ? ? ?            1.620 ? ? 
covale3  covale both ? B DA  5  "O3'" ? ? ? 1_555 B GMU 6  P  ? ? B DA  15  B GMU 16  1_555 ? ? ? ? ? ? ?            1.607 ? ? 
covale4  covale one  ? B GMU 6  "O3'" ? ? ? 1_555 B DA  7  P  ? ? B GMU 16  B DA  17  1_555 ? ? ? ? ? ? ?            1.603 ? ? 
metalc1  metalc ?    ? C MG  .  MG    ? ? ? 1_555 D HOH .  O  ? ? A MG  101 A HOH 102 1_555 ? ? ? ? ? ? ?            1.941 ? ? 
metalc2  metalc ?    ? C MG  .  MG    ? ? ? 1_555 D HOH .  O  ? ? A MG  101 A HOH 104 1_555 ? ? ? ? ? ? ?            2.239 ? ? 
metalc3  metalc ?    ? C MG  .  MG    ? ? ? 1_555 D HOH .  O  ? ? A MG  101 A HOH 105 1_555 ? ? ? ? ? ? ?            1.970 ? ? 
metalc4  metalc ?    ? C MG  .  MG    ? ? ? 1_555 D HOH .  O  ? ? A MG  101 A HOH 106 1_555 ? ? ? ? ? ? ?            2.212 ? ? 
metalc5  metalc ?    ? C MG  .  MG    ? ? ? 1_555 E HOH .  O  ? ? A MG  101 B HOH 103 1_555 ? ? ? ? ? ? ?            1.961 ? ? 
metalc6  metalc ?    ? C MG  .  MG    ? ? ? 1_555 E HOH .  O  ? ? A MG  101 B HOH 107 1_555 ? ? ? ? ? ? ?            1.936 ? ? 
hydrog1  hydrog ?    ? A DG  1  N1    ? ? ? 1_555 B DC  10 N3 ? ? A DG  1   B DC  20  1_555 ? ? ? ? ? ? WATSON-CRICK ?     ? ? 
hydrog2  hydrog ?    ? A DG  1  N2    ? ? ? 1_555 B DC  10 O2 ? ? A DG  1   B DC  20  1_555 ? ? ? ? ? ? WATSON-CRICK ?     ? ? 
hydrog3  hydrog ?    ? A DG  1  O6    ? ? ? 1_555 B DC  10 N4 ? ? A DG  1   B DC  20  1_555 ? ? ? ? ? ? WATSON-CRICK ?     ? ? 
hydrog4  hydrog ?    ? A DC  2  N3    ? ? ? 1_555 B DG  9  N1 ? ? A DC  2   B DG  19  1_555 ? ? ? ? ? ? WATSON-CRICK ?     ? ? 
hydrog5  hydrog ?    ? A DC  2  N4    ? ? ? 1_555 B DG  9  O6 ? ? A DC  2   B DG  19  1_555 ? ? ? ? ? ? WATSON-CRICK ?     ? ? 
hydrog6  hydrog ?    ? A DC  2  O2    ? ? ? 1_555 B DG  9  N2 ? ? A DC  2   B DG  19  1_555 ? ? ? ? ? ? WATSON-CRICK ?     ? ? 
hydrog7  hydrog ?    ? A DG  3  N1    ? ? ? 1_555 B DC  8  N3 ? ? A DG  3   B DC  18  1_555 ? ? ? ? ? ? WATSON-CRICK ?     ? ? 
hydrog8  hydrog ?    ? A DG  3  N2    ? ? ? 1_555 B DC  8  O2 ? ? A DG  3   B DC  18  1_555 ? ? ? ? ? ? WATSON-CRICK ?     ? ? 
hydrog9  hydrog ?    ? A DG  3  O6    ? ? ? 1_555 B DC  8  N4 ? ? A DG  3   B DC  18  1_555 ? ? ? ? ? ? WATSON-CRICK ?     ? ? 
hydrog10 hydrog ?    ? A DT  4  N3    ? ? ? 1_555 B DA  7  N1 ? ? A DT  4   B DA  17  1_555 ? ? ? ? ? ? WATSON-CRICK ?     ? ? 
hydrog11 hydrog ?    ? A DT  4  O4    ? ? ? 1_555 B DA  7  N6 ? ? A DT  4   B DA  17  1_555 ? ? ? ? ? ? WATSON-CRICK ?     ? ? 
hydrog12 hydrog ?    ? A DA  5  N1    ? ? ? 1_555 B GMU 6  N3 ? ? A DA  5   B GMU 16  1_555 ? ? ? ? ? ? WATSON-CRICK ?     ? ? 
hydrog13 hydrog ?    ? A DA  5  N6    ? ? ? 1_555 B GMU 6  O4 ? ? A DA  5   B GMU 16  1_555 ? ? ? ? ? ? WATSON-CRICK ?     ? ? 
hydrog14 hydrog ?    ? A GMU 6  N3    ? ? ? 1_555 B DA  5  N1 ? ? A GMU 6   B DA  15  1_555 ? ? ? ? ? ? WATSON-CRICK ?     ? ? 
hydrog15 hydrog ?    ? A GMU 6  O4    ? ? ? 1_555 B DA  5  N6 ? ? A GMU 6   B DA  15  1_555 ? ? ? ? ? ? WATSON-CRICK ?     ? ? 
hydrog16 hydrog ?    ? A DA  7  N1    ? ? ? 1_555 B DT  4  N3 ? ? A DA  7   B DT  14  1_555 ? ? ? ? ? ? WATSON-CRICK ?     ? ? 
hydrog17 hydrog ?    ? A DA  7  N6    ? ? ? 1_555 B DT  4  O4 ? ? A DA  7   B DT  14  1_555 ? ? ? ? ? ? WATSON-CRICK ?     ? ? 
hydrog18 hydrog ?    ? A DC  8  N3    ? ? ? 1_555 B DG  3  N1 ? ? A DC  8   B DG  13  1_555 ? ? ? ? ? ? WATSON-CRICK ?     ? ? 
hydrog19 hydrog ?    ? A DC  8  N4    ? ? ? 1_555 B DG  3  O6 ? ? A DC  8   B DG  13  1_555 ? ? ? ? ? ? WATSON-CRICK ?     ? ? 
hydrog20 hydrog ?    ? A DC  8  O2    ? ? ? 1_555 B DG  3  N2 ? ? A DC  8   B DG  13  1_555 ? ? ? ? ? ? WATSON-CRICK ?     ? ? 
hydrog21 hydrog ?    ? A DG  9  N1    ? ? ? 1_555 B DC  2  N3 ? ? A DG  9   B DC  12  1_555 ? ? ? ? ? ? WATSON-CRICK ?     ? ? 
hydrog22 hydrog ?    ? A DG  9  N2    ? ? ? 1_555 B DC  2  O2 ? ? A DG  9   B DC  12  1_555 ? ? ? ? ? ? WATSON-CRICK ?     ? ? 
hydrog23 hydrog ?    ? A DG  9  O6    ? ? ? 1_555 B DC  2  N4 ? ? A DG  9   B DC  12  1_555 ? ? ? ? ? ? WATSON-CRICK ?     ? ? 
hydrog24 hydrog ?    ? A DC  10 N3    ? ? ? 1_555 B DG  1  N1 ? ? A DC  10  B DG  11  1_555 ? ? ? ? ? ? WATSON-CRICK ?     ? ? 
hydrog25 hydrog ?    ? A DC  10 N4    ? ? ? 1_555 B DG  1  O6 ? ? A DC  10  B DG  11  1_555 ? ? ? ? ? ? WATSON-CRICK ?     ? ? 
hydrog26 hydrog ?    ? A DC  10 O2    ? ? ? 1_555 B DG  1  N2 ? ? A DC  10  B DG  11  1_555 ? ? ? ? ? ? WATSON-CRICK ?     ? ? 
# 
loop_
_struct_conn_type.id 
_struct_conn_type.criteria 
_struct_conn_type.reference 
covale ? ? 
metalc ? ? 
hydrog ? ? 
# 
loop_
_pdbx_struct_conn_angle.id 
_pdbx_struct_conn_angle.ptnr1_label_atom_id 
_pdbx_struct_conn_angle.ptnr1_label_alt_id 
_pdbx_struct_conn_angle.ptnr1_label_asym_id 
_pdbx_struct_conn_angle.ptnr1_label_comp_id 
_pdbx_struct_conn_angle.ptnr1_label_seq_id 
_pdbx_struct_conn_angle.ptnr1_auth_atom_id 
_pdbx_struct_conn_angle.ptnr1_auth_asym_id 
_pdbx_struct_conn_angle.ptnr1_auth_comp_id 
_pdbx_struct_conn_angle.ptnr1_auth_seq_id 
_pdbx_struct_conn_angle.ptnr1_PDB_ins_code 
_pdbx_struct_conn_angle.ptnr1_symmetry 
_pdbx_struct_conn_angle.ptnr2_label_atom_id 
_pdbx_struct_conn_angle.ptnr2_label_alt_id 
_pdbx_struct_conn_angle.ptnr2_label_asym_id 
_pdbx_struct_conn_angle.ptnr2_label_comp_id 
_pdbx_struct_conn_angle.ptnr2_label_seq_id 
_pdbx_struct_conn_angle.ptnr2_auth_atom_id 
_pdbx_struct_conn_angle.ptnr2_auth_asym_id 
_pdbx_struct_conn_angle.ptnr2_auth_comp_id 
_pdbx_struct_conn_angle.ptnr2_auth_seq_id 
_pdbx_struct_conn_angle.ptnr2_PDB_ins_code 
_pdbx_struct_conn_angle.ptnr2_symmetry 
_pdbx_struct_conn_angle.ptnr3_label_atom_id 
_pdbx_struct_conn_angle.ptnr3_label_alt_id 
_pdbx_struct_conn_angle.ptnr3_label_asym_id 
_pdbx_struct_conn_angle.ptnr3_label_comp_id 
_pdbx_struct_conn_angle.ptnr3_label_seq_id 
_pdbx_struct_conn_angle.ptnr3_auth_atom_id 
_pdbx_struct_conn_angle.ptnr3_auth_asym_id 
_pdbx_struct_conn_angle.ptnr3_auth_comp_id 
_pdbx_struct_conn_angle.ptnr3_auth_seq_id 
_pdbx_struct_conn_angle.ptnr3_PDB_ins_code 
_pdbx_struct_conn_angle.ptnr3_symmetry 
_pdbx_struct_conn_angle.value 
_pdbx_struct_conn_angle.value_esd 
1  O ? D HOH . ? A HOH 102 ? 1_555 MG ? C MG . ? A MG 101 ? 1_555 O ? D HOH . ? A HOH 104 ? 1_555 96.9  ? 
2  O ? D HOH . ? A HOH 102 ? 1_555 MG ? C MG . ? A MG 101 ? 1_555 O ? D HOH . ? A HOH 105 ? 1_555 79.4  ? 
3  O ? D HOH . ? A HOH 104 ? 1_555 MG ? C MG . ? A MG 101 ? 1_555 O ? D HOH . ? A HOH 105 ? 1_555 172.1 ? 
4  O ? D HOH . ? A HOH 102 ? 1_555 MG ? C MG . ? A MG 101 ? 1_555 O ? D HOH . ? A HOH 106 ? 1_555 86.6  ? 
5  O ? D HOH . ? A HOH 104 ? 1_555 MG ? C MG . ? A MG 101 ? 1_555 O ? D HOH . ? A HOH 106 ? 1_555 100.9 ? 
6  O ? D HOH . ? A HOH 105 ? 1_555 MG ? C MG . ? A MG 101 ? 1_555 O ? D HOH . ? A HOH 106 ? 1_555 72.0  ? 
7  O ? D HOH . ? A HOH 102 ? 1_555 MG ? C MG . ? A MG 101 ? 1_555 O ? E HOH . ? B HOH 103 ? 1_555 168.6 ? 
8  O ? D HOH . ? A HOH 104 ? 1_555 MG ? C MG . ? A MG 101 ? 1_555 O ? E HOH . ? B HOH 103 ? 1_555 89.3  ? 
9  O ? D HOH . ? A HOH 105 ? 1_555 MG ? C MG . ? A MG 101 ? 1_555 O ? E HOH . ? B HOH 103 ? 1_555 93.2  ? 
10 O ? D HOH . ? A HOH 106 ? 1_555 MG ? C MG . ? A MG 101 ? 1_555 O ? E HOH . ? B HOH 103 ? 1_555 82.8  ? 
11 O ? D HOH . ? A HOH 102 ? 1_555 MG ? C MG . ? A MG 101 ? 1_555 O ? E HOH . ? B HOH 107 ? 1_555 97.9  ? 
12 O ? D HOH . ? A HOH 104 ? 1_555 MG ? C MG . ? A MG 101 ? 1_555 O ? E HOH . ? B HOH 107 ? 1_555 89.2  ? 
13 O ? D HOH . ? A HOH 105 ? 1_555 MG ? C MG . ? A MG 101 ? 1_555 O ? E HOH . ? B HOH 107 ? 1_555 98.2  ? 
14 O ? D HOH . ? A HOH 106 ? 1_555 MG ? C MG . ? A MG 101 ? 1_555 O ? E HOH . ? B HOH 107 ? 1_555 168.4 ? 
15 O ? E HOH . ? B HOH 103 ? 1_555 MG ? C MG . ? A MG 101 ? 1_555 O ? E HOH . ? B HOH 107 ? 1_555 91.7  ? 
# 
_struct_site.id                   AC1 
_struct_site.pdbx_evidence_code   Software 
_struct_site.pdbx_auth_asym_id    A 
_struct_site.pdbx_auth_comp_id    MG 
_struct_site.pdbx_auth_seq_id     101 
_struct_site.pdbx_auth_ins_code   ? 
_struct_site.pdbx_num_residues    6 
_struct_site.details              'BINDING SITE FOR RESIDUE MG A 101' 
# 
loop_
_struct_site_gen.id 
_struct_site_gen.site_id 
_struct_site_gen.pdbx_num_res 
_struct_site_gen.label_comp_id 
_struct_site_gen.label_asym_id 
_struct_site_gen.label_seq_id 
_struct_site_gen.pdbx_auth_ins_code 
_struct_site_gen.auth_comp_id 
_struct_site_gen.auth_asym_id 
_struct_site_gen.auth_seq_id 
_struct_site_gen.label_atom_id 
_struct_site_gen.label_alt_id 
_struct_site_gen.symmetry 
_struct_site_gen.details 
1 AC1 6 HOH D . ? HOH A 102 . ? 1_555 ? 
2 AC1 6 HOH D . ? HOH A 104 . ? 1_555 ? 
3 AC1 6 HOH D . ? HOH A 105 . ? 1_555 ? 
4 AC1 6 HOH D . ? HOH A 106 . ? 1_555 ? 
5 AC1 6 HOH E . ? HOH B 103 . ? 1_555 ? 
6 AC1 6 HOH E . ? HOH B 107 . ? 1_555 ? 
# 
_pdbx_validate_close_contact.id               1 
_pdbx_validate_close_contact.PDB_model_num    1 
_pdbx_validate_close_contact.auth_atom_id_1   O 
_pdbx_validate_close_contact.auth_asym_id_1   A 
_pdbx_validate_close_contact.auth_comp_id_1   HOH 
_pdbx_validate_close_contact.auth_seq_id_1    238 
_pdbx_validate_close_contact.PDB_ins_code_1   ? 
_pdbx_validate_close_contact.label_alt_id_1   ? 
_pdbx_validate_close_contact.auth_atom_id_2   O 
_pdbx_validate_close_contact.auth_asym_id_2   A 
_pdbx_validate_close_contact.auth_comp_id_2   HOH 
_pdbx_validate_close_contact.auth_seq_id_2    267 
_pdbx_validate_close_contact.PDB_ins_code_2   ? 
_pdbx_validate_close_contact.label_alt_id_2   ? 
_pdbx_validate_close_contact.dist             2.15 
# 
loop_
_pdbx_validate_rmsd_bond.id 
_pdbx_validate_rmsd_bond.PDB_model_num 
_pdbx_validate_rmsd_bond.auth_atom_id_1 
_pdbx_validate_rmsd_bond.auth_asym_id_1 
_pdbx_validate_rmsd_bond.auth_comp_id_1 
_pdbx_validate_rmsd_bond.auth_seq_id_1 
_pdbx_validate_rmsd_bond.PDB_ins_code_1 
_pdbx_validate_rmsd_bond.label_alt_id_1 
_pdbx_validate_rmsd_bond.auth_atom_id_2 
_pdbx_validate_rmsd_bond.auth_asym_id_2 
_pdbx_validate_rmsd_bond.auth_comp_id_2 
_pdbx_validate_rmsd_bond.auth_seq_id_2 
_pdbx_validate_rmsd_bond.PDB_ins_code_2 
_pdbx_validate_rmsd_bond.label_alt_id_2 
_pdbx_validate_rmsd_bond.bond_value 
_pdbx_validate_rmsd_bond.bond_target_value 
_pdbx_validate_rmsd_bond.bond_deviation 
_pdbx_validate_rmsd_bond.bond_standard_deviation 
_pdbx_validate_rmsd_bond.linker_flag 
1 1 P     B DC 12 ? ? "O5'" B DC 12 ? ? 1.533 1.593 -0.060 0.010 N 
2 1 "O3'" B DC 12 ? ? "C3'" B DC 12 ? ? 1.345 1.419 -0.074 0.006 N 
# 
loop_
_pdbx_validate_rmsd_angle.id 
_pdbx_validate_rmsd_angle.PDB_model_num 
_pdbx_validate_rmsd_angle.auth_atom_id_1 
_pdbx_validate_rmsd_angle.auth_asym_id_1 
_pdbx_validate_rmsd_angle.auth_comp_id_1 
_pdbx_validate_rmsd_angle.auth_seq_id_1 
_pdbx_validate_rmsd_angle.PDB_ins_code_1 
_pdbx_validate_rmsd_angle.label_alt_id_1 
_pdbx_validate_rmsd_angle.auth_atom_id_2 
_pdbx_validate_rmsd_angle.auth_asym_id_2 
_pdbx_validate_rmsd_angle.auth_comp_id_2 
_pdbx_validate_rmsd_angle.auth_seq_id_2 
_pdbx_validate_rmsd_angle.PDB_ins_code_2 
_pdbx_validate_rmsd_angle.label_alt_id_2 
_pdbx_validate_rmsd_angle.auth_atom_id_3 
_pdbx_validate_rmsd_angle.auth_asym_id_3 
_pdbx_validate_rmsd_angle.auth_comp_id_3 
_pdbx_validate_rmsd_angle.auth_seq_id_3 
_pdbx_validate_rmsd_angle.PDB_ins_code_3 
_pdbx_validate_rmsd_angle.label_alt_id_3 
_pdbx_validate_rmsd_angle.angle_value 
_pdbx_validate_rmsd_angle.angle_target_value 
_pdbx_validate_rmsd_angle.angle_deviation 
_pdbx_validate_rmsd_angle.angle_standard_deviation 
_pdbx_validate_rmsd_angle.linker_flag 
1 1 "O4'" A DC 10 ? ? "C4'" A DC 10 ? ? "C3'" A DC 10 ? ? 102.07 104.50 -2.43 0.40 N 
2 1 "O4'" B DG 11 ? ? "C1'" B DG 11 ? ? N9    B DG 11 ? ? 115.26 108.30 6.96  0.30 N 
3 1 C8    B DG 11 ? ? N9    B DG 11 ? ? C4    B DG 11 ? ? 103.07 106.40 -3.33 0.40 N 
4 1 "C4'" B DT 14 ? ? "C3'" B DT 14 ? ? "C2'" B DT 14 ? ? 97.45  102.20 -4.75 0.70 N 
5 1 N1    B DA 15 ? ? C2    B DA 15 ? ? N3    B DA 15 ? ? 125.68 129.30 -3.62 0.50 N 
6 1 "O4'" B DG 19 ? ? "C1'" B DG 19 ? ? N9    B DG 19 ? ? 110.20 108.30 1.90  0.30 N 
# 
_pdbx_validate_planes.id              1 
_pdbx_validate_planes.PDB_model_num   1 
_pdbx_validate_planes.auth_comp_id    DG 
_pdbx_validate_planes.auth_asym_id    B 
_pdbx_validate_planes.auth_seq_id     19 
_pdbx_validate_planes.PDB_ins_code    ? 
_pdbx_validate_planes.label_alt_id    ? 
_pdbx_validate_planes.rmsd            0.059 
_pdbx_validate_planes.type            'SIDE CHAIN' 
# 
loop_
_pdbx_struct_mod_residue.id 
_pdbx_struct_mod_residue.label_asym_id 
_pdbx_struct_mod_residue.label_comp_id 
_pdbx_struct_mod_residue.label_seq_id 
_pdbx_struct_mod_residue.auth_asym_id 
_pdbx_struct_mod_residue.auth_comp_id 
_pdbx_struct_mod_residue.auth_seq_id 
_pdbx_struct_mod_residue.PDB_ins_code 
_pdbx_struct_mod_residue.parent_comp_id 
_pdbx_struct_mod_residue.details 
1 A GMU 6 A GMU 6  ? DU ? 
2 B GMU 6 B GMU 16 ? DU ? 
# 
_pdbx_refine_tls.id               1 
_pdbx_refine_tls.details          ? 
_pdbx_refine_tls.method           refined 
_pdbx_refine_tls.origin_x         -0.0728 
_pdbx_refine_tls.origin_y         -0.1435 
_pdbx_refine_tls.origin_z         0.0353 
_pdbx_refine_tls.T[1][1]          -0.0027 
_pdbx_refine_tls.T[2][2]          -0.0013 
_pdbx_refine_tls.T[3][3]          -0.0126 
_pdbx_refine_tls.T[1][2]          -0.0063 
_pdbx_refine_tls.T[1][3]          0.0015 
_pdbx_refine_tls.T[2][3]          -0.0085 
_pdbx_refine_tls.L[1][1]          1.6433 
_pdbx_refine_tls.L[2][2]          1.0656 
_pdbx_refine_tls.L[3][3]          0.0442 
_pdbx_refine_tls.L[1][2]          -0.7992 
_pdbx_refine_tls.L[1][3]          0.2656 
_pdbx_refine_tls.L[2][3]          -0.1006 
_pdbx_refine_tls.S[1][1]          0.0031 
_pdbx_refine_tls.S[1][2]          0.0058 
_pdbx_refine_tls.S[1][3]          -0.0835 
_pdbx_refine_tls.S[2][1]          0.0369 
_pdbx_refine_tls.S[2][2]          -0.0258 
_pdbx_refine_tls.S[2][3]          0.0472 
_pdbx_refine_tls.S[3][1]          -0.0133 
_pdbx_refine_tls.S[3][2]          0.0388 
_pdbx_refine_tls.S[3][3]          0.0225 
_pdbx_refine_tls.pdbx_refine_id   'X-RAY DIFFRACTION' 
# 
_pdbx_refine_tls_group.id                  1 
_pdbx_refine_tls_group.refine_tls_id       1 
_pdbx_refine_tls_group.beg_label_asym_id   . 
_pdbx_refine_tls_group.beg_label_seq_id    . 
_pdbx_refine_tls_group.beg_auth_seq_id     1 
_pdbx_refine_tls_group.end_label_asym_id   . 
_pdbx_refine_tls_group.end_label_seq_id    . 
_pdbx_refine_tls_group.end_auth_seq_id     351 
_pdbx_refine_tls_group.selection           ? 
_pdbx_refine_tls_group.beg_auth_asym_id    A 
_pdbx_refine_tls_group.end_auth_asym_id    B 
_pdbx_refine_tls_group.pdbx_refine_id      'X-RAY DIFFRACTION' 
_pdbx_refine_tls_group.selection_details   ? 
# 
loop_
_chem_comp_atom.comp_id 
_chem_comp_atom.atom_id 
_chem_comp_atom.type_symbol 
_chem_comp_atom.pdbx_aromatic_flag 
_chem_comp_atom.pdbx_stereo_config 
_chem_comp_atom.pdbx_ordinal 
DA  OP3    O  N N 1   
DA  P      P  N N 2   
DA  OP1    O  N N 3   
DA  OP2    O  N N 4   
DA  "O5'"  O  N N 5   
DA  "C5'"  C  N N 6   
DA  "C4'"  C  N R 7   
DA  "O4'"  O  N N 8   
DA  "C3'"  C  N S 9   
DA  "O3'"  O  N N 10  
DA  "C2'"  C  N N 11  
DA  "C1'"  C  N R 12  
DA  N9     N  Y N 13  
DA  C8     C  Y N 14  
DA  N7     N  Y N 15  
DA  C5     C  Y N 16  
DA  C6     C  Y N 17  
DA  N6     N  N N 18  
DA  N1     N  Y N 19  
DA  C2     C  Y N 20  
DA  N3     N  Y N 21  
DA  C4     C  Y N 22  
DA  HOP3   H  N N 23  
DA  HOP2   H  N N 24  
DA  "H5'"  H  N N 25  
DA  "H5''" H  N N 26  
DA  "H4'"  H  N N 27  
DA  "H3'"  H  N N 28  
DA  "HO3'" H  N N 29  
DA  "H2'"  H  N N 30  
DA  "H2''" H  N N 31  
DA  "H1'"  H  N N 32  
DA  H8     H  N N 33  
DA  H61    H  N N 34  
DA  H62    H  N N 35  
DA  H2     H  N N 36  
DC  OP3    O  N N 37  
DC  P      P  N N 38  
DC  OP1    O  N N 39  
DC  OP2    O  N N 40  
DC  "O5'"  O  N N 41  
DC  "C5'"  C  N N 42  
DC  "C4'"  C  N R 43  
DC  "O4'"  O  N N 44  
DC  "C3'"  C  N S 45  
DC  "O3'"  O  N N 46  
DC  "C2'"  C  N N 47  
DC  "C1'"  C  N R 48  
DC  N1     N  N N 49  
DC  C2     C  N N 50  
DC  O2     O  N N 51  
DC  N3     N  N N 52  
DC  C4     C  N N 53  
DC  N4     N  N N 54  
DC  C5     C  N N 55  
DC  C6     C  N N 56  
DC  HOP3   H  N N 57  
DC  HOP2   H  N N 58  
DC  "H5'"  H  N N 59  
DC  "H5''" H  N N 60  
DC  "H4'"  H  N N 61  
DC  "H3'"  H  N N 62  
DC  "HO3'" H  N N 63  
DC  "H2'"  H  N N 64  
DC  "H2''" H  N N 65  
DC  "H1'"  H  N N 66  
DC  H41    H  N N 67  
DC  H42    H  N N 68  
DC  H5     H  N N 69  
DC  H6     H  N N 70  
DG  OP3    O  N N 71  
DG  P      P  N N 72  
DG  OP1    O  N N 73  
DG  OP2    O  N N 74  
DG  "O5'"  O  N N 75  
DG  "C5'"  C  N N 76  
DG  "C4'"  C  N R 77  
DG  "O4'"  O  N N 78  
DG  "C3'"  C  N S 79  
DG  "O3'"  O  N N 80  
DG  "C2'"  C  N N 81  
DG  "C1'"  C  N R 82  
DG  N9     N  Y N 83  
DG  C8     C  Y N 84  
DG  N7     N  Y N 85  
DG  C5     C  Y N 86  
DG  C6     C  N N 87  
DG  O6     O  N N 88  
DG  N1     N  N N 89  
DG  C2     C  N N 90  
DG  N2     N  N N 91  
DG  N3     N  N N 92  
DG  C4     C  Y N 93  
DG  HOP3   H  N N 94  
DG  HOP2   H  N N 95  
DG  "H5'"  H  N N 96  
DG  "H5''" H  N N 97  
DG  "H4'"  H  N N 98  
DG  "H3'"  H  N N 99  
DG  "HO3'" H  N N 100 
DG  "H2'"  H  N N 101 
DG  "H2''" H  N N 102 
DG  "H1'"  H  N N 103 
DG  H8     H  N N 104 
DG  H1     H  N N 105 
DG  H21    H  N N 106 
DG  H22    H  N N 107 
DT  OP3    O  N N 108 
DT  P      P  N N 109 
DT  OP1    O  N N 110 
DT  OP2    O  N N 111 
DT  "O5'"  O  N N 112 
DT  "C5'"  C  N N 113 
DT  "C4'"  C  N R 114 
DT  "O4'"  O  N N 115 
DT  "C3'"  C  N S 116 
DT  "O3'"  O  N N 117 
DT  "C2'"  C  N N 118 
DT  "C1'"  C  N R 119 
DT  N1     N  N N 120 
DT  C2     C  N N 121 
DT  O2     O  N N 122 
DT  N3     N  N N 123 
DT  C4     C  N N 124 
DT  O4     O  N N 125 
DT  C5     C  N N 126 
DT  C7     C  N N 127 
DT  C6     C  N N 128 
DT  HOP3   H  N N 129 
DT  HOP2   H  N N 130 
DT  "H5'"  H  N N 131 
DT  "H5''" H  N N 132 
DT  "H4'"  H  N N 133 
DT  "H3'"  H  N N 134 
DT  "HO3'" H  N N 135 
DT  "H2'"  H  N N 136 
DT  "H2''" H  N N 137 
DT  "H1'"  H  N N 138 
DT  H3     H  N N 139 
DT  H71    H  N N 140 
DT  H72    H  N N 141 
DT  H73    H  N N 142 
DT  H6     H  N N 143 
GMU OP3    O  N N 144 
GMU P      P  N N 145 
GMU OP2    O  N N 146 
GMU "O5'"  O  N N 147 
GMU "C5'"  C  N N 148 
GMU "C4'"  C  N R 149 
GMU "O4'"  O  N N 150 
GMU "C3'"  C  N R 151 
GMU "O3'"  O  N N 152 
GMU "C2'"  C  N R 153 
GMU "C1'"  C  N R 154 
GMU N1     N  N N 155 
GMU C2     C  N N 156 
GMU O2     O  N N 157 
GMU N3     N  N N 158 
GMU C6     C  N N 159 
GMU C5     C  N N 160 
GMU C5M    C  N N 161 
GMU C4     C  N N 162 
GMU O4     O  N N 163 
GMU "O2'"  O  N N 164 
GMU "CA'"  C  N N 165 
GMU "CB'"  C  N N 166 
GMU "NC'"  N  N N 167 
GMU "CD'"  C  N N 168 
GMU "NE'"  N  N N 169 
GMU "NF'"  N  N N 170 
GMU OP1    O  N N 171 
GMU H3P    H  N N 172 
GMU H2P    H  N N 173 
GMU "H5'"  H  N N 174 
GMU "H5''" H  N N 175 
GMU "H4'"  H  N N 176 
GMU H1     H  N N 177 
GMU "H3'"  H  N N 178 
GMU "H2'"  H  N N 179 
GMU "H1'"  H  N N 180 
GMU HN3    H  N N 181 
GMU H6     H  N N 182 
GMU H71    H  N N 183 
GMU H72    H  N N 184 
GMU H73    H  N N 185 
GMU "HA'1" H  N N 186 
GMU "HA'2" H  N N 187 
GMU "HB'1" H  N N 188 
GMU "HB'2" H  N N 189 
GMU "HC'"  H  N N 190 
GMU "HD'"  H  N N 191 
GMU "HE'1" H  N N 192 
GMU "HE'2" H  N N 193 
GMU "HF'1" H  N N 194 
GMU "HF'2" H  N N 195 
HOH O      O  N N 196 
HOH H1     H  N N 197 
HOH H2     H  N N 198 
MG  MG     MG N N 199 
# 
loop_
_chem_comp_bond.comp_id 
_chem_comp_bond.atom_id_1 
_chem_comp_bond.atom_id_2 
_chem_comp_bond.value_order 
_chem_comp_bond.pdbx_aromatic_flag 
_chem_comp_bond.pdbx_stereo_config 
_chem_comp_bond.pdbx_ordinal 
DA  OP3   P      sing N N 1   
DA  OP3   HOP3   sing N N 2   
DA  P     OP1    doub N N 3   
DA  P     OP2    sing N N 4   
DA  P     "O5'"  sing N N 5   
DA  OP2   HOP2   sing N N 6   
DA  "O5'" "C5'"  sing N N 7   
DA  "C5'" "C4'"  sing N N 8   
DA  "C5'" "H5'"  sing N N 9   
DA  "C5'" "H5''" sing N N 10  
DA  "C4'" "O4'"  sing N N 11  
DA  "C4'" "C3'"  sing N N 12  
DA  "C4'" "H4'"  sing N N 13  
DA  "O4'" "C1'"  sing N N 14  
DA  "C3'" "O3'"  sing N N 15  
DA  "C3'" "C2'"  sing N N 16  
DA  "C3'" "H3'"  sing N N 17  
DA  "O3'" "HO3'" sing N N 18  
DA  "C2'" "C1'"  sing N N 19  
DA  "C2'" "H2'"  sing N N 20  
DA  "C2'" "H2''" sing N N 21  
DA  "C1'" N9     sing N N 22  
DA  "C1'" "H1'"  sing N N 23  
DA  N9    C8     sing Y N 24  
DA  N9    C4     sing Y N 25  
DA  C8    N7     doub Y N 26  
DA  C8    H8     sing N N 27  
DA  N7    C5     sing Y N 28  
DA  C5    C6     sing Y N 29  
DA  C5    C4     doub Y N 30  
DA  C6    N6     sing N N 31  
DA  C6    N1     doub Y N 32  
DA  N6    H61    sing N N 33  
DA  N6    H62    sing N N 34  
DA  N1    C2     sing Y N 35  
DA  C2    N3     doub Y N 36  
DA  C2    H2     sing N N 37  
DA  N3    C4     sing Y N 38  
DC  OP3   P      sing N N 39  
DC  OP3   HOP3   sing N N 40  
DC  P     OP1    doub N N 41  
DC  P     OP2    sing N N 42  
DC  P     "O5'"  sing N N 43  
DC  OP2   HOP2   sing N N 44  
DC  "O5'" "C5'"  sing N N 45  
DC  "C5'" "C4'"  sing N N 46  
DC  "C5'" "H5'"  sing N N 47  
DC  "C5'" "H5''" sing N N 48  
DC  "C4'" "O4'"  sing N N 49  
DC  "C4'" "C3'"  sing N N 50  
DC  "C4'" "H4'"  sing N N 51  
DC  "O4'" "C1'"  sing N N 52  
DC  "C3'" "O3'"  sing N N 53  
DC  "C3'" "C2'"  sing N N 54  
DC  "C3'" "H3'"  sing N N 55  
DC  "O3'" "HO3'" sing N N 56  
DC  "C2'" "C1'"  sing N N 57  
DC  "C2'" "H2'"  sing N N 58  
DC  "C2'" "H2''" sing N N 59  
DC  "C1'" N1     sing N N 60  
DC  "C1'" "H1'"  sing N N 61  
DC  N1    C2     sing N N 62  
DC  N1    C6     sing N N 63  
DC  C2    O2     doub N N 64  
DC  C2    N3     sing N N 65  
DC  N3    C4     doub N N 66  
DC  C4    N4     sing N N 67  
DC  C4    C5     sing N N 68  
DC  N4    H41    sing N N 69  
DC  N4    H42    sing N N 70  
DC  C5    C6     doub N N 71  
DC  C5    H5     sing N N 72  
DC  C6    H6     sing N N 73  
DG  OP3   P      sing N N 74  
DG  OP3   HOP3   sing N N 75  
DG  P     OP1    doub N N 76  
DG  P     OP2    sing N N 77  
DG  P     "O5'"  sing N N 78  
DG  OP2   HOP2   sing N N 79  
DG  "O5'" "C5'"  sing N N 80  
DG  "C5'" "C4'"  sing N N 81  
DG  "C5'" "H5'"  sing N N 82  
DG  "C5'" "H5''" sing N N 83  
DG  "C4'" "O4'"  sing N N 84  
DG  "C4'" "C3'"  sing N N 85  
DG  "C4'" "H4'"  sing N N 86  
DG  "O4'" "C1'"  sing N N 87  
DG  "C3'" "O3'"  sing N N 88  
DG  "C3'" "C2'"  sing N N 89  
DG  "C3'" "H3'"  sing N N 90  
DG  "O3'" "HO3'" sing N N 91  
DG  "C2'" "C1'"  sing N N 92  
DG  "C2'" "H2'"  sing N N 93  
DG  "C2'" "H2''" sing N N 94  
DG  "C1'" N9     sing N N 95  
DG  "C1'" "H1'"  sing N N 96  
DG  N9    C8     sing Y N 97  
DG  N9    C4     sing Y N 98  
DG  C8    N7     doub Y N 99  
DG  C8    H8     sing N N 100 
DG  N7    C5     sing Y N 101 
DG  C5    C6     sing N N 102 
DG  C5    C4     doub Y N 103 
DG  C6    O6     doub N N 104 
DG  C6    N1     sing N N 105 
DG  N1    C2     sing N N 106 
DG  N1    H1     sing N N 107 
DG  C2    N2     sing N N 108 
DG  C2    N3     doub N N 109 
DG  N2    H21    sing N N 110 
DG  N2    H22    sing N N 111 
DG  N3    C4     sing N N 112 
DT  OP3   P      sing N N 113 
DT  OP3   HOP3   sing N N 114 
DT  P     OP1    doub N N 115 
DT  P     OP2    sing N N 116 
DT  P     "O5'"  sing N N 117 
DT  OP2   HOP2   sing N N 118 
DT  "O5'" "C5'"  sing N N 119 
DT  "C5'" "C4'"  sing N N 120 
DT  "C5'" "H5'"  sing N N 121 
DT  "C5'" "H5''" sing N N 122 
DT  "C4'" "O4'"  sing N N 123 
DT  "C4'" "C3'"  sing N N 124 
DT  "C4'" "H4'"  sing N N 125 
DT  "O4'" "C1'"  sing N N 126 
DT  "C3'" "O3'"  sing N N 127 
DT  "C3'" "C2'"  sing N N 128 
DT  "C3'" "H3'"  sing N N 129 
DT  "O3'" "HO3'" sing N N 130 
DT  "C2'" "C1'"  sing N N 131 
DT  "C2'" "H2'"  sing N N 132 
DT  "C2'" "H2''" sing N N 133 
DT  "C1'" N1     sing N N 134 
DT  "C1'" "H1'"  sing N N 135 
DT  N1    C2     sing N N 136 
DT  N1    C6     sing N N 137 
DT  C2    O2     doub N N 138 
DT  C2    N3     sing N N 139 
DT  N3    C4     sing N N 140 
DT  N3    H3     sing N N 141 
DT  C4    O4     doub N N 142 
DT  C4    C5     sing N N 143 
DT  C5    C7     sing N N 144 
DT  C5    C6     doub N N 145 
DT  C7    H71    sing N N 146 
DT  C7    H72    sing N N 147 
DT  C7    H73    sing N N 148 
DT  C6    H6     sing N N 149 
GMU OP3   P      sing N N 150 
GMU OP3   H3P    sing N N 151 
GMU P     OP2    sing N N 152 
GMU P     "O5'"  sing N N 153 
GMU P     OP1    doub N N 154 
GMU OP2   H2P    sing N N 155 
GMU "O5'" "C5'"  sing N N 156 
GMU "C5'" "C4'"  sing N N 157 
GMU "C5'" "H5'"  sing N N 158 
GMU "C5'" "H5''" sing N N 159 
GMU "C4'" "O4'"  sing N N 160 
GMU "C4'" "C3'"  sing N N 161 
GMU "C4'" "H4'"  sing N N 162 
GMU "O4'" "C1'"  sing N N 163 
GMU "C3'" "O3'"  sing N N 164 
GMU "C3'" "C2'"  sing N N 165 
GMU "C3'" H1     sing N N 166 
GMU "O3'" "H3'"  sing N N 167 
GMU "C2'" "C1'"  sing N N 168 
GMU "C2'" "O2'"  sing N N 169 
GMU "C2'" "H2'"  sing N N 170 
GMU "C1'" N1     sing N N 171 
GMU "C1'" "H1'"  sing N N 172 
GMU N1    C2     sing N N 173 
GMU N1    C6     sing N N 174 
GMU C2    O2     doub N N 175 
GMU C2    N3     sing N N 176 
GMU N3    C4     sing N N 177 
GMU N3    HN3    sing N N 178 
GMU C6    C5     doub N N 179 
GMU C6    H6     sing N N 180 
GMU C5    C5M    sing N N 181 
GMU C5    C4     sing N N 182 
GMU C5M   H71    sing N N 183 
GMU C5M   H72    sing N N 184 
GMU C5M   H73    sing N N 185 
GMU C4    O4     doub N N 186 
GMU "O2'" "CA'"  sing N N 187 
GMU "CA'" "CB'"  sing N N 188 
GMU "CA'" "HA'1" sing N N 189 
GMU "CA'" "HA'2" sing N N 190 
GMU "CB'" "NC'"  sing N N 191 
GMU "CB'" "HB'1" sing N N 192 
GMU "CB'" "HB'2" sing N N 193 
GMU "NC'" "CD'"  sing N N 194 
GMU "NC'" "HC'"  sing N N 195 
GMU "CD'" "NE'"  sing N N 196 
GMU "CD'" "NF'"  sing N N 197 
GMU "CD'" "HD'"  sing N N 198 
GMU "NE'" "HE'1" sing N N 199 
GMU "NE'" "HE'2" sing N N 200 
GMU "NF'" "HF'1" sing N N 201 
GMU "NF'" "HF'2" sing N N 202 
HOH O     H1     sing N N 203 
HOH O     H2     sing N N 204 
# 
_ndb_struct_conf_na.entry_id   1R3G 
_ndb_struct_conf_na.feature    'a-form double helix' 
# 
loop_
_ndb_struct_na_base_pair.model_number 
_ndb_struct_na_base_pair.i_label_asym_id 
_ndb_struct_na_base_pair.i_label_comp_id 
_ndb_struct_na_base_pair.i_label_seq_id 
_ndb_struct_na_base_pair.i_symmetry 
_ndb_struct_na_base_pair.j_label_asym_id 
_ndb_struct_na_base_pair.j_label_comp_id 
_ndb_struct_na_base_pair.j_label_seq_id 
_ndb_struct_na_base_pair.j_symmetry 
_ndb_struct_na_base_pair.shear 
_ndb_struct_na_base_pair.stretch 
_ndb_struct_na_base_pair.stagger 
_ndb_struct_na_base_pair.buckle 
_ndb_struct_na_base_pair.propeller 
_ndb_struct_na_base_pair.opening 
_ndb_struct_na_base_pair.pair_number 
_ndb_struct_na_base_pair.pair_name 
_ndb_struct_na_base_pair.i_auth_asym_id 
_ndb_struct_na_base_pair.i_auth_seq_id 
_ndb_struct_na_base_pair.i_PDB_ins_code 
_ndb_struct_na_base_pair.j_auth_asym_id 
_ndb_struct_na_base_pair.j_auth_seq_id 
_ndb_struct_na_base_pair.j_PDB_ins_code 
_ndb_struct_na_base_pair.hbond_type_28 
_ndb_struct_na_base_pair.hbond_type_12 
1 A DG  1  1_555 B DC  10 1_555 -0.318 -0.157 0.103  2.188  -6.377  -1.747 1  A_DG1:DC20_B  A 1  ? B 20 ? 19 1 
1 A DC  2  1_555 B DG  9  1_555 0.070  -0.111 0.042  4.937  -14.563 0.051  2  A_DC2:DG19_B  A 2  ? B 19 ? 19 1 
1 A DG  3  1_555 B DC  8  1_555 -0.277 -0.155 0.064  -7.196 -17.273 0.102  3  A_DG3:DC18_B  A 3  ? B 18 ? 19 1 
1 A DT  4  1_555 B DA  7  1_555 -0.125 -0.153 -0.016 -5.239 -17.867 -0.526 4  A_DT4:DA17_B  A 4  ? B 17 ? 20 1 
1 A DA  5  1_555 B GMU 6  1_555 0.150  -0.081 0.140  -4.062 -14.808 -5.074 5  A_DA5:GMU16_B A 5  ? B 16 ? 20 1 
1 A GMU 6  1_555 B DA  5  1_555 -0.074 -0.103 0.223  3.673  -14.026 4.479  6  A_GMU6:DA15_B A 6  ? B 15 ? 20 1 
1 A DA  7  1_555 B DT  4  1_555 0.052  -0.164 0.096  4.355  -12.445 1.239  7  A_DA7:DT14_B  A 7  ? B 14 ? 20 1 
1 A DC  8  1_555 B DG  3  1_555 0.195  -0.173 0.006  4.925  -14.272 -0.778 8  A_DC8:DG13_B  A 8  ? B 13 ? 19 1 
1 A DG  9  1_555 B DC  2  1_555 -0.135 -0.141 0.019  -5.179 -9.976  0.881  9  A_DG9:DC12_B  A 9  ? B 12 ? 19 1 
1 A DC  10 1_555 B DG  1  1_555 0.225  -0.143 0.057  -2.862 5.248   -0.700 10 A_DC10:DG11_B A 10 ? B 11 ? 19 1 
# 
loop_
_ndb_struct_na_base_pair_step.model_number 
_ndb_struct_na_base_pair_step.i_label_asym_id_1 
_ndb_struct_na_base_pair_step.i_label_comp_id_1 
_ndb_struct_na_base_pair_step.i_label_seq_id_1 
_ndb_struct_na_base_pair_step.i_symmetry_1 
_ndb_struct_na_base_pair_step.j_label_asym_id_1 
_ndb_struct_na_base_pair_step.j_label_comp_id_1 
_ndb_struct_na_base_pair_step.j_label_seq_id_1 
_ndb_struct_na_base_pair_step.j_symmetry_1 
_ndb_struct_na_base_pair_step.i_label_asym_id_2 
_ndb_struct_na_base_pair_step.i_label_comp_id_2 
_ndb_struct_na_base_pair_step.i_label_seq_id_2 
_ndb_struct_na_base_pair_step.i_symmetry_2 
_ndb_struct_na_base_pair_step.j_label_asym_id_2 
_ndb_struct_na_base_pair_step.j_label_comp_id_2 
_ndb_struct_na_base_pair_step.j_label_seq_id_2 
_ndb_struct_na_base_pair_step.j_symmetry_2 
_ndb_struct_na_base_pair_step.shift 
_ndb_struct_na_base_pair_step.slide 
_ndb_struct_na_base_pair_step.rise 
_ndb_struct_na_base_pair_step.tilt 
_ndb_struct_na_base_pair_step.roll 
_ndb_struct_na_base_pair_step.twist 
_ndb_struct_na_base_pair_step.x_displacement 
_ndb_struct_na_base_pair_step.y_displacement 
_ndb_struct_na_base_pair_step.helical_rise 
_ndb_struct_na_base_pair_step.inclination 
_ndb_struct_na_base_pair_step.tip 
_ndb_struct_na_base_pair_step.helical_twist 
_ndb_struct_na_base_pair_step.step_number 
_ndb_struct_na_base_pair_step.step_name 
_ndb_struct_na_base_pair_step.i_auth_asym_id_1 
_ndb_struct_na_base_pair_step.i_auth_seq_id_1 
_ndb_struct_na_base_pair_step.i_PDB_ins_code_1 
_ndb_struct_na_base_pair_step.j_auth_asym_id_1 
_ndb_struct_na_base_pair_step.j_auth_seq_id_1 
_ndb_struct_na_base_pair_step.j_PDB_ins_code_1 
_ndb_struct_na_base_pair_step.i_auth_asym_id_2 
_ndb_struct_na_base_pair_step.i_auth_seq_id_2 
_ndb_struct_na_base_pair_step.i_PDB_ins_code_2 
_ndb_struct_na_base_pair_step.j_auth_asym_id_2 
_ndb_struct_na_base_pair_step.j_auth_seq_id_2 
_ndb_struct_na_base_pair_step.j_PDB_ins_code_2 
1 A DG  1 1_555 B DC  10 1_555 A DC  2  1_555 B DG  9 1_555 0.398  -1.623 3.212 1.770  0.441  38.617 -2.505 -0.388 3.208 0.667  
-2.675 38.659 1 AA_DG1DC2:DG19DC20_BB   A 1 ? B 20 ? A 2  ? B 19 ? 
1 A DC  2 1_555 B DG  9  1_555 A DG  3  1_555 B DC  8 1_555 0.105  -2.072 3.409 0.228  12.207 27.143 -6.377 -0.162 2.286 24.497 
-0.458 29.715 2 AA_DC2DG3:DC18DG19_BB   A 2 ? B 19 ? A 3  ? B 18 ? 
1 A DG  3 1_555 B DC  8  1_555 A DT  4  1_555 B DA  7 1_555 -1.007 -1.372 3.104 -2.022 5.342  37.063 -2.785 1.320  2.934 8.343  
3.158  37.485 3 AA_DG3DT4:DA17DC18_BB   A 3 ? B 18 ? A 4  ? B 17 ? 
1 A DT  4 1_555 B DA  7  1_555 A DA  5  1_555 B GMU 6 1_555 0.710  -1.465 3.175 2.098  20.372 26.036 -5.463 -0.952 1.673 38.525 
-3.968 33.016 4 AA_DT4DA5:GMU16DA17_BB  A 4 ? B 17 ? A 5  ? B 16 ? 
1 A DA  5 1_555 B GMU 6  1_555 A GMU 6  1_555 B DA  5 1_555 0.835  -1.275 3.092 1.027  4.842  31.823 -3.095 -1.337 2.896 8.764  
-1.859 32.196 5 AA_DA5GMU6:DA15GMU16_BB A 5 ? B 16 ? A 6  ? B 15 ? 
1 A GMU 6 1_555 B DA  5  1_555 A DA  7  1_555 B DT  4 1_555 -0.075 -1.367 3.086 0.513  12.943 32.177 -4.026 0.195  2.375 22.258 
-0.883 34.622 6 AA_GMU6DA7:DT14DA15_BB  A 6 ? B 15 ? A 7  ? B 14 ? 
1 A DA  7 1_555 B DT  4  1_555 A DC  8  1_555 B DG  3 1_555 0.301  -1.839 3.317 1.318  4.101  31.972 -4.025 -0.311 3.074 7.403  
-2.379 32.253 7 AA_DA7DC8:DG13DT14_BB   A 7 ? B 14 ? A 8  ? B 13 ? 
1 A DC  8 1_555 B DG  3  1_555 A DG  9  1_555 B DC  2 1_555 -0.235 -1.937 3.412 0.608  11.845 26.195 -6.357 0.599  2.329 24.594 
-1.262 28.712 8 AA_DC8DG9:DC12DG13_BB   A 8 ? B 13 ? A 9  ? B 12 ? 
1 A DG  9 1_555 B DC  2  1_555 A DC  10 1_555 B DG  1 1_555 0.157  -1.565 3.386 1.569  -1.084 35.138 -2.420 -0.015 3.434 -1.793 
-2.596 35.188 9 AA_DG9DC10:DG11DC12_BB  A 9 ? B 12 ? A 10 ? B 11 ? 
# 
_atom_sites.entry_id                    1R3G 
_atom_sites.fract_transf_matrix[1][1]   -0.01087921 
_atom_sites.fract_transf_matrix[1][2]   -0.00861166 
_atom_sites.fract_transf_matrix[1][3]   0.03732765 
_atom_sites.fract_transf_matrix[2][1]   -0.01051734 
_atom_sites.fract_transf_matrix[2][2]   0.02058125 
_atom_sites.fract_transf_matrix[2][3]   0.00168289 
_atom_sites.fract_transf_matrix[3][1]   -0.01861737 
_atom_sites.fract_transf_matrix[3][2]   -0.00890215 
_atom_sites.fract_transf_matrix[3][3]   -0.00747983 
_atom_sites.fract_transf_vector[1]      0.122534 
_atom_sites.fract_transf_vector[2]      0.047805 
_atom_sites.fract_transf_vector[3]      0.244943 
# 
loop_
_atom_type.symbol 
C  
MG 
N  
O  
P  
# 
loop_
_atom_site.group_PDB 
_atom_site.id 
_atom_site.type_symbol 
_atom_site.label_atom_id 
_atom_site.label_alt_id 
_atom_site.label_comp_id 
_atom_site.label_asym_id 
_atom_site.label_entity_id 
_atom_site.label_seq_id 
_atom_site.pdbx_PDB_ins_code 
_atom_site.Cartn_x 
_atom_site.Cartn_y 
_atom_site.Cartn_z 
_atom_site.occupancy 
_atom_site.B_iso_or_equiv 
_atom_site.pdbx_formal_charge 
_atom_site.auth_seq_id 
_atom_site.auth_comp_id 
_atom_site.auth_asym_id 
_atom_site.auth_atom_id 
_atom_site.pdbx_PDB_model_num 
ATOM   1   O  "O5'" . DG  A 1 1  ? 0.625   -6.747  -8.948  1.00 33.91 ? 1   DG  A "O5'" 1 
ATOM   2   C  "C5'" . DG  A 1 1  ? 0.308   -8.152  -9.194  1.00 27.21 ? 1   DG  A "C5'" 1 
ATOM   3   C  "C4'" . DG  A 1 1  ? 1.364   -9.164  -8.742  1.00 24.53 ? 1   DG  A "C4'" 1 
ATOM   4   O  "O4'" . DG  A 1 1  ? 2.540   -9.032  -9.587  1.00 24.25 ? 1   DG  A "O4'" 1 
ATOM   5   C  "C3'" . DG  A 1 1  ? 1.876   -9.015  -7.310  1.00 22.11 ? 1   DG  A "C3'" 1 
ATOM   6   O  "O3'" . DG  A 1 1  ? 1.042   -9.730  -6.416  1.00 23.19 ? 1   DG  A "O3'" 1 
ATOM   7   C  "C2'" . DG  A 1 1  ? 3.298   -9.569  -7.421  1.00 22.05 ? 1   DG  A "C2'" 1 
ATOM   8   C  "C1'" . DG  A 1 1  ? 3.706   -9.083  -8.775  1.00 21.85 ? 1   DG  A "C1'" 1 
ATOM   9   N  N9    . DG  A 1 1  ? 4.302   -7.776  -8.730  1.00 21.89 ? 1   DG  A N9    1 
ATOM   10  C  C8    . DG  A 1 1  ? 3.855   -6.615  -9.305  1.00 23.27 ? 1   DG  A C8    1 
ATOM   11  N  N7    . DG  A 1 1  ? 4.654   -5.595  -9.140  1.00 23.49 ? 1   DG  A N7    1 
ATOM   12  C  C5    . DG  A 1 1  ? 5.714   -6.148  -8.394  1.00 20.55 ? 1   DG  A C5    1 
ATOM   13  C  C6    . DG  A 1 1  ? 6.879   -5.519  -7.929  1.00 20.25 ? 1   DG  A C6    1 
ATOM   14  O  O6    . DG  A 1 1  ? 7.222   -4.348  -8.073  1.00 22.04 ? 1   DG  A O6    1 
ATOM   15  N  N1    . DG  A 1 1  ? 7.663   -6.422  -7.210  1.00 18.33 ? 1   DG  A N1    1 
ATOM   16  C  C2    . DG  A 1 1  ? 7.397   -7.732  -7.040  1.00 18.31 ? 1   DG  A C2    1 
ATOM   17  N  N2    . DG  A 1 1  ? 8.311   -8.481  -6.340  1.00 19.21 ? 1   DG  A N2    1 
ATOM   18  N  N3    . DG  A 1 1  ? 6.312   -8.331  -7.496  1.00 19.36 ? 1   DG  A N3    1 
ATOM   19  C  C4    . DG  A 1 1  ? 5.507   -7.472  -8.151  1.00 19.93 ? 1   DG  A C4    1 
ATOM   20  P  P     . DC  A 1 2  ? 0.700   -9.301  -4.961  1.00 22.67 ? 2   DC  A P     1 
ATOM   21  O  OP1   . DC  A 1 2  ? -0.302  -10.298 -4.491  1.00 25.43 ? 2   DC  A OP1   1 
ATOM   22  O  OP2   . DC  A 1 2  ? 0.368   -7.873  -4.931  1.00 23.58 ? 2   DC  A OP2   1 
ATOM   23  O  "O5'" . DC  A 1 2  ? 2.090   -9.446  -4.173  1.00 21.35 ? 2   DC  A "O5'" 1 
ATOM   24  C  "C5'" . DC  A 1 2  ? 2.710   -10.702 -3.933  1.00 20.88 ? 2   DC  A "C5'" 1 
ATOM   25  C  "C4'" . DC  A 1 2  ? 4.093   -10.480 -3.364  1.00 19.56 ? 2   DC  A "C4'" 1 
ATOM   26  O  "O4'" . DC  A 1 2  ? 4.897   -9.748  -4.317  1.00 18.51 ? 2   DC  A "O4'" 1 
ATOM   27  C  "C3'" . DC  A 1 2  ? 4.153   -9.692  -2.080  1.00 20.78 ? 2   DC  A "C3'" 1 
ATOM   28  O  "O3'" . DC  A 1 2  ? 3.897   -10.539 -0.977  1.00 22.56 ? 2   DC  A "O3'" 1 
ATOM   29  C  "C2'" . DC  A 1 2  ? 5.578   -9.138  -2.159  1.00 19.44 ? 2   DC  A "C2'" 1 
ATOM   30  C  "C1'" . DC  A 1 2  ? 5.792   -8.907  -3.633  1.00 17.74 ? 2   DC  A "C1'" 1 
ATOM   31  N  N1    . DC  A 1 2  ? 5.559   -7.509  -4.089  1.00 18.33 ? 2   DC  A N1    1 
ATOM   32  C  C2    . DC  A 1 2  ? 6.587   -6.596  -3.891  1.00 18.03 ? 2   DC  A C2    1 
ATOM   33  O  O2    . DC  A 1 2  ? 7.605   -6.968  -3.305  1.00 18.22 ? 2   DC  A O2    1 
ATOM   34  N  N3    . DC  A 1 2  ? 6.439   -5.334  -4.333  1.00 17.50 ? 2   DC  A N3    1 
ATOM   35  C  C4    . DC  A 1 2  ? 5.303   -4.957  -4.910  1.00 18.52 ? 2   DC  A C4    1 
ATOM   36  N  N4    . DC  A 1 2  ? 5.189   -3.702  -5.333  1.00 20.08 ? 2   DC  A N4    1 
ATOM   37  C  C5    . DC  A 1 2  ? 4.219   -5.846  -5.070  1.00 19.04 ? 2   DC  A C5    1 
ATOM   38  C  C6    . DC  A 1 2  ? 4.385   -7.087  -4.672  1.00 19.34 ? 2   DC  A C6    1 
ATOM   39  P  P     . DG  A 1 3  ? 3.484   -9.998  0.438   1.00 23.39 ? 3   DG  A P     1 
ATOM   40  O  OP1   . DG  A 1 3  ? 3.269   -11.180 1.338   1.00 27.07 ? 3   DG  A OP1   1 
ATOM   41  O  OP2   . DG  A 1 3  ? 2.383   -9.005  0.288   1.00 25.42 ? 3   DG  A OP2   1 
ATOM   42  O  "O5'" . DG  A 1 3  ? 4.817   -9.257  0.804   1.00 22.51 ? 3   DG  A "O5'" 1 
ATOM   43  C  "C5'" . DG  A 1 3  ? 4.870   -8.103  1.524   1.00 22.30 ? 3   DG  A "C5'" 1 
ATOM   44  C  "C4'" . DG  A 1 3  ? 6.281   -7.518  1.594   1.00 21.80 ? 3   DG  A "C4'" 1 
ATOM   45  O  "O4'" . DG  A 1 3  ? 6.661   -7.089  0.271   1.00 22.65 ? 3   DG  A "O4'" 1 
ATOM   46  C  "C3'" . DG  A 1 3  ? 6.477   -6.316  2.470   1.00 20.17 ? 3   DG  A "C3'" 1 
ATOM   47  O  "O3'" . DG  A 1 3  ? 6.789   -6.742  3.799   1.00 21.32 ? 3   DG  A "O3'" 1 
ATOM   48  C  "C2'" . DG  A 1 3  ? 7.641   -5.608  1.806   1.00 20.52 ? 3   DG  A "C2'" 1 
ATOM   49  C  "C1'" . DG  A 1 3  ? 7.369   -5.838  0.361   1.00 20.98 ? 3   DG  A "C1'" 1 
ATOM   50  N  N9    . DG  A 1 3  ? 6.611   -4.854  -0.340  1.00 19.24 ? 3   DG  A N9    1 
ATOM   51  C  C8    . DG  A 1 3  ? 5.448   -4.995  -1.000  1.00 19.36 ? 3   DG  A C8    1 
ATOM   52  N  N7    . DG  A 1 3  ? 5.067   -3.942  -1.646  1.00 19.54 ? 3   DG  A N7    1 
ATOM   53  C  C5    . DG  A 1 3  ? 6.043   -3.001  -1.375  1.00 18.40 ? 3   DG  A C5    1 
ATOM   54  C  C6    . DG  A 1 3  ? 6.197   -1.671  -1.802  1.00 18.35 ? 3   DG  A C6    1 
ATOM   55  O  O6    . DG  A 1 3  ? 5.460   -1.018  -2.573  1.00 18.62 ? 3   DG  A O6    1 
ATOM   56  N  N1    . DG  A 1 3  ? 7.317   -1.083  -1.261  1.00 17.32 ? 3   DG  A N1    1 
ATOM   57  C  C2    . DG  A 1 3  ? 8.224   -1.702  -0.426  1.00 17.95 ? 3   DG  A C2    1 
ATOM   58  N  N2    . DG  A 1 3  ? 9.245   -0.971  0.052   1.00 18.53 ? 3   DG  A N2    1 
ATOM   59  N  N3    . DG  A 1 3  ? 8.107   -2.968  -0.046  1.00 18.77 ? 3   DG  A N3    1 
ATOM   60  C  C4    . DG  A 1 3  ? 6.994   -3.550  -0.564  1.00 18.21 ? 3   DG  A C4    1 
ATOM   61  P  P     . DT  A 1 4  ? 6.304   -5.801  5.030   1.00 22.23 ? 4   DT  A P     1 
ATOM   62  O  OP1   . DT  A 1 4  ? 6.615   -6.583  6.263   1.00 24.50 ? 4   DT  A OP1   1 
ATOM   63  O  OP2   . DT  A 1 4  ? 4.932   -5.277  4.817   1.00 22.71 ? 4   DT  A OP2   1 
ATOM   64  O  "O5'" . DT  A 1 4  ? 7.280   -4.493  4.940   1.00 21.42 ? 4   DT  A "O5'" 1 
ATOM   65  C  "C5'" . DT  A 1 4  ? 8.628   -4.462  5.395   1.00 21.24 ? 4   DT  A "C5'" 1 
ATOM   66  C  "C4'" . DT  A 1 4  ? 9.072   -3.015  5.459   1.00 20.42 ? 4   DT  A "C4'" 1 
ATOM   67  O  "O4'" . DT  A 1 4  ? 9.167   -2.468  4.104   1.00 19.47 ? 4   DT  A "O4'" 1 
ATOM   68  C  "C3'" . DT  A 1 4  ? 8.157   -2.062  6.172   1.00 19.33 ? 4   DT  A "C3'" 1 
ATOM   69  O  "O3'" . DT  A 1 4  ? 8.417   -2.130  7.550   1.00 21.51 ? 4   DT  A "O3'" 1 
ATOM   70  C  "C2'" . DT  A 1 4  ? 8.522   -0.740  5.553   1.00 19.66 ? 4   DT  A "C2'" 1 
ATOM   71  C  "C1'" . DT  A 1 4  ? 8.802   -1.087  4.127   1.00 18.33 ? 4   DT  A "C1'" 1 
ATOM   72  N  N1    . DT  A 1 4  ? 7.638   -0.931  3.196   1.00 17.94 ? 4   DT  A N1    1 
ATOM   73  C  C2    . DT  A 1 4  ? 7.486   0.295   2.568   1.00 17.69 ? 4   DT  A C2    1 
ATOM   74  O  O2    . DT  A 1 4  ? 8.245   1.207   2.763   1.00 18.32 ? 4   DT  A O2    1 
ATOM   75  N  N3    . DT  A 1 4  ? 6.429   0.381   1.695   1.00 16.40 ? 4   DT  A N3    1 
ATOM   76  C  C4    . DT  A 1 4  ? 5.508   -0.607  1.440   1.00 16.91 ? 4   DT  A C4    1 
ATOM   77  O  O4    . DT  A 1 4  ? 4.628   -0.438  0.612   1.00 17.07 ? 4   DT  A O4    1 
ATOM   78  C  C5    . DT  A 1 4  ? 5.650   -1.806  2.206   1.00 17.17 ? 4   DT  A C5    1 
ATOM   79  C  C7    . DT  A 1 4  ? 4.621   -2.875  2.082   1.00 18.43 ? 4   DT  A C7    1 
ATOM   80  C  C6    . DT  A 1 4  ? 6.708   -1.914  3.035   1.00 17.59 ? 4   DT  A C6    1 
ATOM   81  P  P     . DA  A 1 5  ? 7.243   -1.919  8.566   1.00 22.20 ? 5   DA  A P     1 
ATOM   82  O  OP1   . DA  A 1 5  ? 7.861   -2.011  9.901   1.00 24.93 ? 5   DA  A OP1   1 
ATOM   83  O  OP2   . DA  A 1 5  ? 6.085   -2.769  8.252   1.00 24.08 ? 5   DA  A OP2   1 
ATOM   84  O  "O5'" . DA  A 1 5  ? 6.854   -0.394  8.326   1.00 20.72 ? 5   DA  A "O5'" 1 
ATOM   85  C  "C5'" . DA  A 1 5  ? 5.551   0.070   8.292   1.00 21.08 ? 5   DA  A "C5'" 1 
ATOM   86  C  "C4'" . DA  A 1 5  ? 5.530   1.496   7.777   1.00 19.74 ? 5   DA  A "C4'" 1 
ATOM   87  O  "O4'" . DA  A 1 5  ? 5.951   1.518   6.406   1.00 19.46 ? 5   DA  A "O4'" 1 
ATOM   88  C  "C3'" . DA  A 1 5  ? 4.212   2.200   7.736   1.00 20.59 ? 5   DA  A "C3'" 1 
ATOM   89  O  "O3'" . DA  A 1 5  ? 3.860   2.647   9.060   1.00 22.62 ? 5   DA  A "O3'" 1 
ATOM   90  C  "C2'" . DA  A 1 5  ? 4.519   3.306   6.740   1.00 19.88 ? 5   DA  A "C2'" 1 
ATOM   91  C  "C1'" . DA  A 1 5  ? 5.316   2.571   5.719   1.00 19.18 ? 5   DA  A "C1'" 1 
ATOM   92  N  N9    . DA  A 1 5  ? 4.504   1.974   4.641   1.00 17.77 ? 5   DA  A N9    1 
ATOM   93  C  C8    . DA  A 1 5  ? 4.122   0.672   4.490   1.00 18.57 ? 5   DA  A C8    1 
ATOM   94  N  N7    . DA  A 1 5  ? 3.348   0.510   3.413   1.00 17.54 ? 5   DA  A N7    1 
ATOM   95  C  C5    . DA  A 1 5  ? 3.261   1.745   2.828   1.00 16.92 ? 5   DA  A C5    1 
ATOM   96  C  C6    . DA  A 1 5  ? 2.651   2.214   1.652   1.00 17.70 ? 5   DA  A C6    1 
ATOM   97  N  N6    . DA  A 1 5  ? 1.934   1.409   0.870   1.00 17.59 ? 5   DA  A N6    1 
ATOM   98  N  N1    . DA  A 1 5  ? 2.760   3.539   1.379   1.00 17.70 ? 5   DA  A N1    1 
ATOM   99  C  C2    . DA  A 1 5  ? 3.465   4.296   2.183   1.00 18.02 ? 5   DA  A C2    1 
ATOM   100 N  N3    . DA  A 1 5  ? 4.110   3.989   3.312   1.00 18.79 ? 5   DA  A N3    1 
ATOM   101 C  C4    . DA  A 1 5  ? 3.978   2.658   3.549   1.00 17.42 ? 5   DA  A C4    1 
HETATM 102 P  P     . GMU A 1 6  ? 2.324   2.831   9.519   1.00 23.23 ? 6   GMU A P     1 
HETATM 103 O  OP2   . GMU A 1 6  ? 1.506   1.633   9.169   1.00 24.30 ? 6   GMU A OP2   1 
HETATM 104 O  "O5'" . GMU A 1 6  ? 1.743   3.990   8.569   1.00 21.87 ? 6   GMU A "O5'" 1 
HETATM 105 C  "C5'" . GMU A 1 6  ? 2.176   5.325   8.759   1.00 22.03 ? 6   GMU A "C5'" 1 
HETATM 106 C  "C4'" . GMU A 1 6  ? 1.678   6.185   7.628   1.00 21.67 ? 6   GMU A "C4'" 1 
HETATM 107 O  "O4'" . GMU A 1 6  ? 2.190   5.738   6.350   1.00 20.94 ? 6   GMU A "O4'" 1 
HETATM 108 C  "C3'" . GMU A 1 6  ? 0.180   6.142   7.418   1.00 21.00 ? 6   GMU A "C3'" 1 
HETATM 109 O  "O3'" . GMU A 1 6  ? -0.502  6.905   8.456   1.00 21.99 ? 6   GMU A "O3'" 1 
HETATM 110 C  "C2'" . GMU A 1 6  ? 0.082   6.733   6.032   1.00 20.29 ? 6   GMU A "C2'" 1 
HETATM 111 C  "C1'" . GMU A 1 6  ? 1.203   5.973   5.347   1.00 19.55 ? 6   GMU A "C1'" 1 
HETATM 112 N  N1    . GMU A 1 6  ? 0.765   4.691   4.779   1.00 18.49 ? 6   GMU A N1    1 
HETATM 113 C  C2    . GMU A 1 6  ? 0.197   4.713   3.497   1.00 17.51 ? 6   GMU A C2    1 
HETATM 114 O  O2    . GMU A 1 6  ? 0.076   5.762   2.879   1.00 18.72 ? 6   GMU A O2    1 
HETATM 115 N  N3    . GMU A 1 6  ? -0.175  3.503   2.990   1.00 17.38 ? 6   GMU A N3    1 
HETATM 116 C  C6    . GMU A 1 6  ? 0.872   3.496   5.442   1.00 17.91 ? 6   GMU A C6    1 
HETATM 117 C  C5    . GMU A 1 6  ? 0.455   2.310   4.966   1.00 17.63 ? 6   GMU A C5    1 
HETATM 118 C  C5M   . GMU A 1 6  ? 0.580   1.036   5.717   1.00 19.68 ? 6   GMU A C5M   1 
HETATM 119 C  C4    . GMU A 1 6  ? -0.105  2.293   3.616   1.00 17.42 ? 6   GMU A C4    1 
HETATM 120 O  O4    . GMU A 1 6  ? -0.466  1.283   3.047   1.00 18.29 ? 6   GMU A O4    1 
HETATM 121 O  "O2'" . GMU A 1 6  ? 0.357   8.126   6.120   1.00 21.27 ? 6   GMU A "O2'" 1 
HETATM 122 C  "CA'" . GMU A 1 6  ? 0.199   8.826   4.903   1.00 22.06 ? 6   GMU A "CA'" 1 
HETATM 123 C  "CB'" . GMU A 1 6  ? 0.495   10.297  5.166   1.00 24.73 ? 6   GMU A "CB'" 1 
HETATM 124 N  "NC'" . GMU A 1 6  ? -0.486  10.836  6.138   1.00 28.70 ? 6   GMU A "NC'" 1 
HETATM 125 C  "CD'" . GMU A 1 6  ? -0.435  10.817  7.494   1.00 31.16 ? 6   GMU A "CD'" 1 
HETATM 126 N  "NE'" . GMU A 1 6  ? 0.508   10.146  8.162   1.00 33.68 ? 6   GMU A "NE'" 1 
HETATM 127 N  "NF'" . GMU A 1 6  ? -1.363  11.493  8.207   1.00 34.00 ? 6   GMU A "NF'" 1 
HETATM 128 O  OP1   . GMU A 1 6  ? 2.391   3.260   10.926  1.00 26.47 ? 6   GMU A OP1   1 
ATOM   129 P  P     . DA  A 1 7  ? -2.000  6.452   8.876   1.00 22.65 ? 7   DA  A P     1 
ATOM   130 O  OP1   . DA  A 1 7  ? -2.304  7.307   10.067  1.00 24.96 ? 7   DA  A OP1   1 
ATOM   131 O  OP2   . DA  A 1 7  ? -2.065  5.026   8.980   1.00 23.53 ? 7   DA  A OP2   1 
ATOM   132 O  "O5'" . DA  A 1 7  ? -2.904  6.877   7.635   1.00 21.22 ? 7   DA  A "O5'" 1 
ATOM   133 C  "C5'" . DA  A 1 7  ? -3.101  8.232   7.375   1.00 22.00 ? 7   DA  A "C5'" 1 
ATOM   134 C  "C4'" . DA  A 1 7  ? -3.878  8.378   6.068   1.00 20.19 ? 7   DA  A "C4'" 1 
ATOM   135 O  "O4'" . DA  A 1 7  ? -3.083  7.830   4.978   1.00 20.20 ? 7   DA  A "O4'" 1 
ATOM   136 C  "C3'" . DA  A 1 7  ? -5.160  7.592   5.969   1.00 20.72 ? 7   DA  A "C3'" 1 
ATOM   137 O  "O3'" . DA  A 1 7  ? -6.221  8.311   6.659   1.00 22.02 ? 7   DA  A "O3'" 1 
ATOM   138 C  "C2'" . DA  A 1 7  ? -5.331  7.533   4.470   1.00 19.06 ? 7   DA  A "C2'" 1 
ATOM   139 C  "C1'" . DA  A 1 7  ? -3.920  7.277   3.987   1.00 18.10 ? 7   DA  A "C1'" 1 
ATOM   140 N  N9    . DA  A 1 7  ? -3.657  5.840   3.892   1.00 18.15 ? 7   DA  A N9    1 
ATOM   141 C  C8    . DA  A 1 7  ? -3.171  5.010   4.860   1.00 17.90 ? 7   DA  A C8    1 
ATOM   142 N  N7    . DA  A 1 7  ? -3.123  3.748   4.513   1.00 18.14 ? 7   DA  A N7    1 
ATOM   143 C  C5    . DA  A 1 7  ? -3.643  3.745   3.224   1.00 16.84 ? 7   DA  A C5    1 
ATOM   144 C  C6    . DA  A 1 7  ? -3.919  2.722   2.332   1.00 16.99 ? 7   DA  A C6    1 
ATOM   145 N  N6    . DA  A 1 7  ? -3.638  1.431   2.534   1.00 18.34 ? 7   DA  A N6    1 
ATOM   146 N  N1    . DA  A 1 7  ? -4.499  3.069   1.164   1.00 17.20 ? 7   DA  A N1    1 
ATOM   147 C  C2    . DA  A 1 7  ? -4.799  4.342   0.947   1.00 17.30 ? 7   DA  A C2    1 
ATOM   148 N  N3    . DA  A 1 7  ? -4.570  5.412   1.713   1.00 17.37 ? 7   DA  A N3    1 
ATOM   149 C  C4    . DA  A 1 7  ? -4.024  5.012   2.859   1.00 17.23 ? 7   DA  A C4    1 
ATOM   150 P  P     . DC  A 1 8  ? -7.495  7.520   7.206   1.00 23.42 ? 8   DC  A P     1 
ATOM   151 O  OP1   . DC  A 1 8  ? -8.315  8.521   7.886   1.00 25.64 ? 8   DC  A OP1   1 
ATOM   152 O  OP2   . DC  A 1 8  ? -7.144  6.250   7.858   1.00 25.58 ? 8   DC  A OP2   1 
ATOM   153 O  "O5'" . DC  A 1 8  ? -8.265  7.065   5.874   1.00 20.19 ? 8   DC  A "O5'" 1 
ATOM   154 C  "C5'" . DC  A 1 8  ? -8.785  8.012   4.976   1.00 20.72 ? 8   DC  A "C5'" 1 
ATOM   155 C  "C4'" . DC  A 1 8  ? -9.273  7.337   3.740   1.00 19.02 ? 8   DC  A "C4'" 1 
ATOM   156 O  "O4'" . DC  A 1 8  ? -8.168  6.697   3.078   1.00 17.93 ? 8   DC  A "O4'" 1 
ATOM   157 C  "C3'" . DC  A 1 8  ? -10.273 6.215   3.896   1.00 19.42 ? 8   DC  A "C3'" 1 
ATOM   158 O  "O3'" . DC  A 1 8  ? -11.538 6.753   4.161   1.00 20.56 ? 8   DC  A "O3'" 1 
ATOM   159 C  "C2'" . DC  A 1 8  ? -10.150 5.529   2.540   1.00 18.37 ? 8   DC  A "C2'" 1 
ATOM   160 C  "C1'" . DC  A 1 8  ? -8.631  5.560   2.354   1.00 17.48 ? 8   DC  A "C1'" 1 
ATOM   161 N  N1    . DC  A 1 8  ? -7.977  4.359   2.896   1.00 17.39 ? 8   DC  A N1    1 
ATOM   162 C  C2    . DC  A 1 8  ? -8.062  3.208   2.138   1.00 17.34 ? 8   DC  A C2    1 
ATOM   163 O  O2    . DC  A 1 8  ? -8.591  3.308   0.999   1.00 18.95 ? 8   DC  A O2    1 
ATOM   164 N  N3    . DC  A 1 8  ? -7.495  2.080   2.577   1.00 17.88 ? 8   DC  A N3    1 
ATOM   165 C  C4    . DC  A 1 8  ? -6.959  2.043   3.807   1.00 18.43 ? 8   DC  A C4    1 
ATOM   166 N  N4    . DC  A 1 8  ? -6.457  0.894   4.266   1.00 19.89 ? 8   DC  A N4    1 
ATOM   167 C  C5    . DC  A 1 8  ? -6.926  3.207   4.623   1.00 19.55 ? 8   DC  A C5    1 
ATOM   168 C  C6    . DC  A 1 8  ? -7.462  4.322   4.128   1.00 18.79 ? 8   DC  A C6    1 
ATOM   169 P  P     . DG  A 1 9  ? -12.633 5.823   4.929   1.00 22.94 ? 9   DG  A P     1 
ATOM   170 O  OP1   . DG  A 1 9  ? -13.762 6.740   5.187   1.00 26.03 ? 9   DG  A OP1   1 
ATOM   171 O  OP2   . DG  A 1 9  ? -11.996 5.077   6.072   1.00 27.53 ? 9   DG  A OP2   1 
ATOM   172 O  "O5'" . DG  A 1 9  ? -13.088 4.746   3.844   1.00 21.13 ? 9   DG  A "O5'" 1 
ATOM   173 C  "C5'" . DG  A 1 9  ? -13.725 5.105   2.640   1.00 20.13 ? 9   DG  A "C5'" 1 
ATOM   174 C  "C4'" . DG  A 1 9  ? -13.897 3.871   1.763   1.00 19.13 ? 9   DG  A "C4'" 1 
ATOM   175 O  "O4'" . DG  A 1 9  ? -12.598 3.377   1.432   1.00 20.30 ? 9   DG  A "O4'" 1 
ATOM   176 C  "C3'" . DG  A 1 9  ? -14.560 2.681   2.407   1.00 21.11 ? 9   DG  A "C3'" 1 
ATOM   177 O  "O3'" . DG  A 1 9  ? -15.957 2.881   2.435   1.00 22.78 ? 9   DG  A "O3'" 1 
ATOM   178 C  "C2'" . DG  A 1 9  ? -14.142 1.560   1.496   1.00 21.20 ? 9   DG  A "C2'" 1 
ATOM   179 C  "C1'" . DG  A 1 9  ? -12.686 1.951   1.335   1.00 20.02 ? 9   DG  A "C1'" 1 
ATOM   180 N  N9    . DG  A 1 9  ? -11.778 1.345   2.302   1.00 19.29 ? 9   DG  A N9    1 
ATOM   181 C  C8    . DG  A 1 9  ? -11.143 1.861   3.375   1.00 19.58 ? 9   DG  A C8    1 
ATOM   182 N  N7    . DG  A 1 9  ? -10.385 1.028   4.009   1.00 19.60 ? 9   DG  A N7    1 
ATOM   183 C  C5    . DG  A 1 9  ? -10.513 -0.147  3.314   1.00 19.33 ? 9   DG  A C5    1 
ATOM   184 C  C6    . DG  A 1 9  ? -9.911  -1.441  3.457   1.00 18.87 ? 9   DG  A C6    1 
ATOM   185 O  O6    . DG  A 1 9  ? -9.074  -1.797  4.315   1.00 20.75 ? 9   DG  A O6    1 
ATOM   186 N  N1    . DG  A 1 9  ? -10.395 -2.345  2.510   1.00 19.38 ? 9   DG  A N1    1 
ATOM   187 C  C2    . DG  A 1 9  ? -11.286 -2.067  1.546   1.00 19.29 ? 9   DG  A C2    1 
ATOM   188 N  N2    . DG  A 1 9  ? -11.671 -3.084  0.727   1.00 20.80 ? 9   DG  A N2    1 
ATOM   189 N  N3    . DG  A 1 9  ? -11.817 -0.878  1.363   1.00 19.95 ? 9   DG  A N3    1 
ATOM   190 C  C4    . DG  A 1 9  ? -11.372 0.035   2.258   1.00 18.94 ? 9   DG  A C4    1 
ATOM   191 P  P     . DC  A 1 10 ? -16.829 2.176   3.553   1.00 25.64 ? 10  DC  A P     1 
ATOM   192 O  OP1   . DC  A 1 10 ? -18.113 2.736   3.339   1.00 27.80 ? 10  DC  A OP1   1 
ATOM   193 O  OP2   . DC  A 1 10 ? -16.224 2.227   4.922   1.00 27.73 ? 10  DC  A OP2   1 
ATOM   194 O  "O5'" . DC  A 1 10 ? -16.789 0.639   3.180   1.00 22.14 ? 10  DC  A "O5'" 1 
ATOM   195 C  "C5'" . DC  A 1 10 ? -17.406 0.176   2.000   1.00 21.84 ? 10  DC  A "C5'" 1 
ATOM   196 C  "C4'" . DC  A 1 10 ? -17.142 -1.311  1.842   1.00 20.01 ? 10  DC  A "C4'" 1 
ATOM   197 O  "O4'" . DC  A 1 10 ? -15.737 -1.607  1.763   1.00 19.92 ? 10  DC  A "O4'" 1 
ATOM   198 C  "C3'" . DC  A 1 10 ? -17.587 -2.190  3.000   1.00 18.42 ? 10  DC  A "C3'" 1 
ATOM   199 O  "O3'" . DC  A 1 10 ? -18.999 -2.497  2.958   1.00 19.85 ? 10  DC  A "O3'" 1 
ATOM   200 C  "C2'" . DC  A 1 10 ? -16.779 -3.432  2.787   1.00 18.56 ? 10  DC  A "C2'" 1 
ATOM   201 C  "C1'" . DC  A 1 10 ? -15.456 -2.888  2.300   1.00 19.43 ? 10  DC  A "C1'" 1 
ATOM   202 N  N1    . DC  A 1 10 ? -14.456 -2.722  3.354   1.00 19.61 ? 10  DC  A N1    1 
ATOM   203 C  C2    . DC  A 1 10 ? -13.697 -3.842  3.699   1.00 18.73 ? 10  DC  A C2    1 
ATOM   204 O  O2    . DC  A 1 10 ? -13.923 -4.916  3.117   1.00 20.32 ? 10  DC  A O2    1 
ATOM   205 N  N3    . DC  A 1 10 ? -12.763 -3.713  4.698   1.00 20.61 ? 10  DC  A N3    1 
ATOM   206 C  C4    . DC  A 1 10 ? -12.620 -2.532  5.304   1.00 20.36 ? 10  DC  A C4    1 
ATOM   207 N  N4    . DC  A 1 10 ? -11.682 -2.431  6.274   1.00 22.41 ? 10  DC  A N4    1 
ATOM   208 C  C5    . DC  A 1 10 ? -13.419 -1.392  4.963   1.00 20.58 ? 10  DC  A C5    1 
ATOM   209 C  C6    . DC  A 1 10 ? -14.318 -1.554  3.999   1.00 19.82 ? 10  DC  A C6    1 
ATOM   210 O  "O5'" . DG  B 1 1  ? -5.263  -10.315 6.785   1.00 41.51 ? 11  DG  B "O5'" 1 
ATOM   211 C  "C5'" . DG  B 1 1  ? -5.376  -11.613 6.225   1.00 35.46 ? 11  DG  B "C5'" 1 
ATOM   212 C  "C4'" . DG  B 1 1  ? -6.662  -11.792 5.446   1.00 32.69 ? 11  DG  B "C4'" 1 
ATOM   213 O  "O4'" . DG  B 1 1  ? -7.823  -11.374 6.234   1.00 32.01 ? 11  DG  B "O4'" 1 
ATOM   214 C  "C3'" . DG  B 1 1  ? -6.699  -11.000 4.165   1.00 31.78 ? 11  DG  B "C3'" 1 
ATOM   215 O  "O3'" . DG  B 1 1  ? -6.117  -11.747 3.037   1.00 28.88 ? 11  DG  B "O3'" 1 
ATOM   216 C  "C2'" . DG  B 1 1  ? -8.176  -10.677 4.033   1.00 27.78 ? 11  DG  B "C2'" 1 
ATOM   217 C  "C1'" . DG  B 1 1  ? -8.604  -10.482 5.482   1.00 27.66 ? 11  DG  B "C1'" 1 
ATOM   218 N  N9    . DG  B 1 1  ? -8.684  -9.076  6.030   1.00 26.42 ? 11  DG  B N9    1 
ATOM   219 C  C8    . DG  B 1 1  ? -8.049  -8.495  7.120   1.00 26.38 ? 11  DG  B C8    1 
ATOM   220 N  N7    . DG  B 1 1  ? -8.411  -7.291  7.408   1.00 26.98 ? 11  DG  B N7    1 
ATOM   221 C  C5    . DG  B 1 1  ? -9.409  -7.011  6.458   1.00 23.97 ? 11  DG  B C5    1 
ATOM   222 C  C6    . DG  B 1 1  ? -10.196 -5.869  6.281   1.00 23.87 ? 11  DG  B C6    1 
ATOM   223 O  O6    . DG  B 1 1  ? -10.176 -4.815  6.918   1.00 25.71 ? 11  DG  B O6    1 
ATOM   224 N  N1    . DG  B 1 1  ? -11.099 -6.016  5.201   1.00 22.04 ? 11  DG  B N1    1 
ATOM   225 C  C2    . DG  B 1 1  ? -11.217 -7.137  4.459   1.00 20.98 ? 11  DG  B C2    1 
ATOM   226 N  N2    . DG  B 1 1  ? -12.135 -7.118  3.472   1.00 21.78 ? 11  DG  B N2    1 
ATOM   227 N  N3    . DG  B 1 1  ? -10.460 -8.221  4.623   1.00 23.06 ? 11  DG  B N3    1 
ATOM   228 C  C4    . DG  B 1 1  ? -9.609  -8.086  5.636   1.00 25.04 ? 11  DG  B C4    1 
ATOM   229 P  P     . DC  B 1 2  ? -5.469  -10.822 1.935   1.00 32.38 ? 12  DC  B P     1 
ATOM   230 O  OP1   . DC  B 1 2  ? -4.860  -11.850 1.015   1.00 34.33 ? 12  DC  B OP1   1 
ATOM   231 O  OP2   . DC  B 1 2  ? -4.619  -9.685  2.432   1.00 32.41 ? 12  DC  B OP2   1 
ATOM   232 O  "O5'" . DC  B 1 2  ? -6.774  -10.283 1.338   1.00 28.56 ? 12  DC  B "O5'" 1 
ATOM   233 C  "C5'" . DC  B 1 2  ? -7.829  -11.123 0.877   1.00 27.48 ? 12  DC  B "C5'" 1 
ATOM   234 C  "C4'" . DC  B 1 2  ? -8.963  -10.262 0.406   1.00 25.46 ? 12  DC  B "C4'" 1 
ATOM   235 O  "O4'" . DC  B 1 2  ? -9.532  -9.454  1.408   1.00 24.81 ? 12  DC  B "O4'" 1 
ATOM   236 C  "C3'" . DC  B 1 2  ? -8.484  -9.309  -0.610  1.00 24.09 ? 12  DC  B "C3'" 1 
ATOM   237 O  "O3'" . DC  B 1 2  ? -8.469  -10.029 -1.746  1.00 26.59 ? 12  DC  B "O3'" 1 
ATOM   238 C  "C2'" . DC  B 1 2  ? -9.517  -8.162  -0.585  1.00 22.10 ? 12  DC  B "C2'" 1 
ATOM   239 C  "C1'" . DC  B 1 2  ? -9.872  -8.181  0.859   1.00 20.73 ? 12  DC  B "C1'" 1 
ATOM   240 N  N1    . DC  B 1 2  ? -9.188  -7.164  1.664   1.00 20.42 ? 12  DC  B N1    1 
ATOM   241 C  C2    . DC  B 1 2  ? -9.747  -5.897  1.708   1.00 19.18 ? 12  DC  B C2    1 
ATOM   242 O  O2    . DC  B 1 2  ? -10.714 -5.675  0.960   1.00 20.03 ? 12  DC  B O2    1 
ATOM   243 N  N3    . DC  B 1 2  ? -9.256  -4.980  2.563   1.00 19.28 ? 12  DC  B N3    1 
ATOM   244 C  C4    . DC  B 1 2  ? -8.205  -5.301  3.333   1.00 21.03 ? 12  DC  B C4    1 
ATOM   245 N  N4    . DC  B 1 2  ? -7.754  -4.379  4.154   1.00 21.55 ? 12  DC  B N4    1 
ATOM   246 C  C5    . DC  B 1 2  ? -7.574  -6.564  3.267   1.00 20.92 ? 12  DC  B C5    1 
ATOM   247 C  C6    . DC  B 1 2  ? -8.098  -7.471  2.454   1.00 21.41 ? 12  DC  B C6    1 
ATOM   248 P  P     . DG  B 1 3  ? -7.489  -9.467  -2.820  1.00 26.37 ? 13  DG  B P     1 
ATOM   249 O  OP1   . DG  B 1 3  ? -7.569  -10.505 -3.897  1.00 29.25 ? 13  DG  B OP1   1 
ATOM   250 O  OP2   . DG  B 1 3  ? -6.146  -9.081  -2.307  1.00 30.01 ? 13  DG  B OP2   1 
ATOM   251 O  "O5'" . DG  B 1 3  ? -8.209  -8.141  -3.212  1.00 26.71 ? 13  DG  B "O5'" 1 
ATOM   252 C  "C5'" . DG  B 1 3  ? -7.397  -6.865  -3.472  1.00 21.38 ? 13  DG  B "C5'" 1 
ATOM   253 C  "C4'" . DG  B 1 3  ? -8.390  -5.691  -3.624  1.00 24.55 ? 13  DG  B "C4'" 1 
ATOM   254 O  "O4'" . DG  B 1 3  ? -9.025  -5.422  -2.343  1.00 24.15 ? 13  DG  B "O4'" 1 
ATOM   255 C  "C3'" . DG  B 1 3  ? -7.737  -4.383  -4.013  1.00 21.48 ? 13  DG  B "C3'" 1 
ATOM   256 O  "O3'" . DG  B 1 3  ? -7.556  -4.265  -5.428  1.00 23.79 ? 13  DG  B "O3'" 1 
ATOM   257 C  "C2'" . DG  B 1 3  ? -8.726  -3.384  -3.419  1.00 22.48 ? 13  DG  B "C2'" 1 
ATOM   258 C  "C1'" . DG  B 1 3  ? -9.148  -4.023  -2.106  1.00 21.70 ? 13  DG  B "C1'" 1 
ATOM   259 N  N9    . DG  B 1 3  ? -8.297  -3.679  -0.989  1.00 21.37 ? 13  DG  B N9    1 
ATOM   260 C  C8    . DG  B 1 3  ? -7.435  -4.464  -0.283  1.00 22.82 ? 13  DG  B C8    1 
ATOM   261 N  N7    . DG  B 1 3  ? -6.849  -3.837  0.691   1.00 22.45 ? 13  DG  B N7    1 
ATOM   262 C  C5    . DG  B 1 3  ? -7.349  -2.545  0.620   1.00 20.45 ? 13  DG  B C5    1 
ATOM   263 C  C6    . DG  B 1 3  ? -7.110  -1.423  1.421   1.00 19.93 ? 13  DG  B C6    1 
ATOM   264 O  O6    . DG  B 1 3  ? -6.330  -1.308  2.390   1.00 20.45 ? 13  DG  B O6    1 
ATOM   265 N  N1    . DG  B 1 3  ? -7.831  -0.286  0.990   1.00 19.03 ? 13  DG  B N1    1 
ATOM   266 C  C2    . DG  B 1 3  ? -8.686  -0.277  -0.059  1.00 19.81 ? 13  DG  B C2    1 
ATOM   267 N  N2    . DG  B 1 3  ? -9.255  0.900   -0.332  1.00 19.61 ? 13  DG  B N2    1 
ATOM   268 N  N3    . DG  B 1 3  ? -8.953  -1.338  -0.785  1.00 20.42 ? 13  DG  B N3    1 
ATOM   269 C  C4    . DG  B 1 3  ? -8.247  -2.443  -0.397  1.00 19.37 ? 13  DG  B C4    1 
ATOM   270 P  P     . DT  B 1 4  ? -6.289  -3.496  -6.046  1.00 23.22 ? 14  DT  B P     1 
ATOM   271 O  OP1   . DT  B 1 4  ? -6.335  -3.679  -7.545  1.00 25.57 ? 14  DT  B OP1   1 
ATOM   272 O  OP2   . DT  B 1 4  ? -5.069  -3.836  -5.303  1.00 22.98 ? 14  DT  B OP2   1 
ATOM   273 O  "O5'" . DT  B 1 4  ? -6.541  -1.979  -5.669  1.00 22.51 ? 14  DT  B "O5'" 1 
ATOM   274 C  "C5'" . DT  B 1 4  ? -7.509  -1.228  -6.363  1.00 22.78 ? 14  DT  B "C5'" 1 
ATOM   275 C  "C4'" . DT  B 1 4  ? -7.581  0.195   -5.829  1.00 21.91 ? 14  DT  B "C4'" 1 
ATOM   276 O  "O4'" . DT  B 1 4  ? -7.971  0.155   -4.424  1.00 20.82 ? 14  DT  B "O4'" 1 
ATOM   277 C  "C3'" . DT  B 1 4  ? -6.263  0.937   -5.830  1.00 21.42 ? 14  DT  B "C3'" 1 
ATOM   278 O  "O3'" . DT  B 1 4  ? -5.893  1.394   -7.176  1.00 22.99 ? 14  DT  B "O3'" 1 
ATOM   279 C  "C2'" . DT  B 1 4  ? -6.653  2.030   -4.852  1.00 19.13 ? 14  DT  B "C2'" 1 
ATOM   280 C  "C1'" . DT  B 1 4  ? -7.375  1.278   -3.755  1.00 19.20 ? 14  DT  B "C1'" 1 
ATOM   281 N  N1    . DT  B 1 4  ? -6.482  0.775   -2.711  1.00 18.63 ? 14  DT  B N1    1 
ATOM   282 C  C2    . DT  B 1 4  ? -6.066  1.698   -1.773  1.00 17.27 ? 14  DT  B C2    1 
ATOM   283 O  O2    . DT  B 1 4  ? -6.430  2.855   -1.797  1.00 18.32 ? 14  DT  B O2    1 
ATOM   284 N  N3    . DT  B 1 4  ? -5.287  1.205   -0.779  1.00 17.30 ? 14  DT  B N3    1 
ATOM   285 C  C4    . DT  B 1 4  ? -4.786  -0.067  -0.704  1.00 16.78 ? 14  DT  B C4    1 
ATOM   286 O  O4    . DT  B 1 4  ? -4.026  -0.371  0.219   1.00 18.56 ? 14  DT  B O4    1 
ATOM   287 C  C5    . DT  B 1 4  ? -5.183  -0.981  -1.718  1.00 18.05 ? 14  DT  B C5    1 
ATOM   288 C  C7    . DT  B 1 4  ? -4.630  -2.377  -1.745  1.00 19.27 ? 14  DT  B C7    1 
ATOM   289 C  C6    . DT  B 1 4  ? -6.006  -0.513  -2.649  1.00 18.17 ? 14  DT  B C6    1 
ATOM   290 P  P     . DA  B 1 5  ? -4.408  1.619   -7.552  1.00 26.39 ? 15  DA  B P     1 
ATOM   291 O  OP1   . DA  B 1 5  ? -4.364  1.855   -9.020  1.00 29.77 ? 15  DA  B OP1   1 
ATOM   292 O  OP2   . DA  B 1 5  ? -3.642  0.496   -6.984  1.00 27.95 ? 15  DA  B OP2   1 
ATOM   293 O  "O5'" . DA  B 1 5  ? -3.998  2.933   -6.699  1.00 23.68 ? 15  DA  B "O5'" 1 
ATOM   294 C  "C5'" . DA  B 1 5  ? -4.604  4.186   -7.021  1.00 23.77 ? 15  DA  B "C5'" 1 
ATOM   295 C  "C4'" . DA  B 1 5  ? -4.209  5.216   -6.000  1.00 21.28 ? 15  DA  B "C4'" 1 
ATOM   296 O  "O4'" . DA  B 1 5  ? -4.651  4.810   -4.695  1.00 19.52 ? 15  DA  B "O4'" 1 
ATOM   297 C  "C3'" . DA  B 1 5  ? -2.744  5.470   -5.861  1.00 20.38 ? 15  DA  B "C3'" 1 
ATOM   298 O  "O3'" . DA  B 1 5  ? -2.278  6.301   -6.936  1.00 21.76 ? 15  DA  B "O3'" 1 
ATOM   299 C  "C2'" . DA  B 1 5  ? -2.716  6.104   -4.488  1.00 19.79 ? 15  DA  B "C2'" 1 
ATOM   300 C  "C1'" . DA  B 1 5  ? -3.726  5.263   -3.741  1.00 18.63 ? 15  DA  B "C1'" 1 
ATOM   301 N  N9    . DA  B 1 5  ? -3.155  4.085   -3.091  1.00 17.44 ? 15  DA  B N9    1 
ATOM   302 C  C8    . DA  B 1 5  ? -3.197  2.795   -3.472  1.00 18.15 ? 15  DA  B C8    1 
ATOM   303 N  N7    . DA  B 1 5  ? -2.647  1.978   -2.628  1.00 17.62 ? 15  DA  B N7    1 
ATOM   304 C  C5    . DA  B 1 5  ? -2.198  2.778   -1.598  1.00 16.56 ? 15  DA  B C5    1 
ATOM   305 C  C6    . DA  B 1 5  ? -1.555  2.504   -0.367  1.00 16.96 ? 15  DA  B C6    1 
ATOM   306 N  N6    . DA  B 1 5  ? -1.247  1.290   0.072   1.00 17.56 ? 15  DA  B N6    1 
ATOM   307 N  N1    . DA  B 1 5  ? -1.252  3.562   0.383   1.00 16.67 ? 15  DA  B N1    1 
ATOM   308 C  C2    . DA  B 1 5  ? -1.594  4.793   0.036   1.00 17.39 ? 15  DA  B C2    1 
ATOM   309 N  N3    . DA  B 1 5  ? -2.205  5.148   -1.120  1.00 17.37 ? 15  DA  B N3    1 
ATOM   310 C  C4    . DA  B 1 5  ? -2.498  4.076   -1.850  1.00 17.03 ? 15  DA  B C4    1 
HETATM 311 P  P     . GMU B 1 6  ? -0.735  6.297   -7.387  1.00 21.40 ? 16  GMU B P     1 
HETATM 312 O  OP2   . GMU B 1 6  ? -0.170  4.953   -7.416  1.00 22.10 ? 16  GMU B OP2   1 
HETATM 313 O  "O5'" . GMU B 1 6  ? 0.074   7.045   -6.210  1.00 19.41 ? 16  GMU B "O5'" 1 
HETATM 314 C  "C5'" . GMU B 1 6  ? -0.151  8.387   -5.977  1.00 20.24 ? 16  GMU B "C5'" 1 
HETATM 315 C  "C4'" . GMU B 1 6  ? 0.618   8.806   -4.749  1.00 20.57 ? 16  GMU B "C4'" 1 
HETATM 316 O  "O4'" . GMU B 1 6  ? 0.009   8.129   -3.604  1.00 19.06 ? 16  GMU B "O4'" 1 
HETATM 317 C  "C3'" . GMU B 1 6  ? 2.089   8.382   -4.657  1.00 19.99 ? 16  GMU B "C3'" 1 
HETATM 318 O  "O3'" . GMU B 1 6  ? 2.921   9.273   -5.490  1.00 22.13 ? 16  GMU B "O3'" 1 
HETATM 319 C  "C2'" . GMU B 1 6  ? 2.302   8.537   -3.157  1.00 19.93 ? 16  GMU B "C2'" 1 
HETATM 320 C  "C1'" . GMU B 1 6  ? 1.042   7.903   -2.632  1.00 19.05 ? 16  GMU B "C1'" 1 
HETATM 321 N  N1    . GMU B 1 6  ? 1.165   6.454   -2.449  1.00 17.62 ? 16  GMU B N1    1 
HETATM 322 C  C2    . GMU B 1 6  ? 1.661   6.005   -1.250  1.00 17.52 ? 16  GMU B C2    1 
HETATM 323 O  O2    . GMU B 1 6  ? 2.052   6.760   -0.410  1.00 19.33 ? 16  GMU B O2    1 
HETATM 324 N  N3    . GMU B 1 6  ? 1.702   4.634   -1.094  1.00 17.49 ? 16  GMU B N3    1 
HETATM 325 C  C6    . GMU B 1 6  ? 0.747   5.544   -3.407  1.00 18.06 ? 16  GMU B C6    1 
HETATM 326 C  C5    . GMU B 1 6  ? 0.850   4.224   -3.264  1.00 17.95 ? 16  GMU B C5    1 
HETATM 327 C  C5M   . GMU B 1 6  ? 0.398   3.247   -4.327  1.00 19.02 ? 16  GMU B C5M   1 
HETATM 328 C  C4    . GMU B 1 6  ? 1.321   3.699   -2.014  1.00 17.11 ? 16  GMU B C4    1 
HETATM 329 O  O4    . GMU B 1 6  ? 1.431   2.499   -1.751  1.00 17.61 ? 16  GMU B O4    1 
HETATM 330 O  "O2'" . GMU B 1 6  ? 2.340   9.913   -2.824  1.00 21.53 ? 16  GMU B "O2'" 1 
HETATM 331 C  "CA'" . GMU B 1 6  ? 2.735   10.148  -1.463  1.00 23.72 ? 16  GMU B "CA'" 1 
HETATM 332 C  "CB'" . GMU B 1 6  ? 2.897   11.644  -1.216  1.00 26.08 ? 16  GMU B "CB'" 1 
HETATM 333 N  "NC'" . GMU B 1 6  ? 3.845   12.225  -2.192  1.00 31.45 ? 16  GMU B "NC'" 1 
HETATM 334 C  "CD'" . GMU B 1 6  ? 5.178   12.353  -2.064  1.00 35.11 ? 16  GMU B "CD'" 1 
HETATM 335 N  "NE'" . GMU B 1 6  ? 5.860   12.933  -3.067  1.00 38.62 ? 16  GMU B "NE'" 1 
HETATM 336 N  "NF'" . GMU B 1 6  ? 5.846   11.898  -0.998  1.00 34.84 ? 16  GMU B "NF'" 1 
HETATM 337 O  OP1   . GMU B 1 6  ? -0.687  7.129   -8.614  1.00 23.97 ? 16  GMU B OP1   1 
ATOM   338 P  P     . DA  B 1 7  ? 4.220   8.643   -6.185  1.00 23.16 ? 17  DA  B P     1 
ATOM   339 O  OP1   . DA  B 1 7  ? 4.703   9.680   -7.085  1.00 25.63 ? 17  DA  B OP1   1 
ATOM   340 O  OP2   . DA  B 1 7  ? 3.892   7.323   -6.712  1.00 24.74 ? 17  DA  B OP2   1 
ATOM   341 O  "O5'" . DA  B 1 7  ? 5.216   8.477   -4.954  1.00 22.15 ? 17  DA  B "O5'" 1 
ATOM   342 C  "C5'" . DA  B 1 7  ? 5.842   9.619   -4.349  1.00 22.26 ? 17  DA  B "C5'" 1 
ATOM   343 C  "C4'" . DA  B 1 7  ? 6.625   9.139   -3.171  1.00 21.65 ? 17  DA  B "C4'" 1 
ATOM   344 O  "O4'" . DA  B 1 7  ? 5.745   8.553   -2.160  1.00 21.06 ? 17  DA  B "O4'" 1 
ATOM   345 C  "C3'" . DA  B 1 7  ? 7.659   8.096   -3.423  1.00 21.11 ? 17  DA  B "C3'" 1 
ATOM   346 O  "O3'" . DA  B 1 7  ? 8.821   8.661   -4.066  1.00 23.54 ? 17  DA  B "O3'" 1 
ATOM   347 C  "C2'" . DA  B 1 7  ? 7.914   7.613   -2.005  1.00 20.61 ? 17  DA  B "C2'" 1 
ATOM   348 C  "C1'" . DA  B 1 7  ? 6.500   7.571   -1.436  1.00 19.61 ? 17  DA  B "C1'" 1 
ATOM   349 N  N9    . DA  B 1 7  ? 5.860   6.280   -1.624  1.00 18.42 ? 17  DA  B N9    1 
ATOM   350 C  C8    . DA  B 1 7  ? 5.052   5.894   -2.654  1.00 18.70 ? 17  DA  B C8    1 
ATOM   351 N  N7    . DA  B 1 7  ? 4.685   4.623   -2.575  1.00 17.97 ? 17  DA  B N7    1 
ATOM   352 C  C5    . DA  B 1 7  ? 5.273   4.172   -1.376  1.00 17.17 ? 17  DA  B C5    1 
ATOM   353 C  C6    . DA  B 1 7  ? 5.270   2.937   -0.714  1.00 17.18 ? 17  DA  B C6    1 
ATOM   354 N  N6    . DA  B 1 7  ? 4.579   1.884   -1.142  1.00 17.24 ? 17  DA  B N6    1 
ATOM   355 N  N1    . DA  B 1 7  ? 6.003   2.832   0.377   1.00 16.86 ? 17  DA  B N1    1 
ATOM   356 C  C2    . DA  B 1 7  ? 6.701   3.892   0.794   1.00 18.26 ? 17  DA  B C2    1 
ATOM   357 N  N3    . DA  B 1 7  ? 6.729   5.124   0.269   1.00 19.07 ? 17  DA  B N3    1 
ATOM   358 C  C4    . DA  B 1 7  ? 6.013   5.180   -0.829  1.00 17.91 ? 17  DA  B C4    1 
ATOM   359 P  P     . DC  B 1 8  ? 9.696   7.819   -5.066  1.00 24.70 ? 18  DC  B P     1 
ATOM   360 O  OP1   . DC  B 1 8  ? 10.706  8.797   -5.555  1.00 27.64 ? 18  DC  B OP1   1 
ATOM   361 O  OP2   . DC  B 1 8  ? 8.828   7.043   -5.982  1.00 27.50 ? 18  DC  B OP2   1 
ATOM   362 O  "O5'" . DC  B 1 8  ? 10.387  6.724   -4.169  1.00 22.56 ? 18  DC  B "O5'" 1 
ATOM   363 C  "C5'" . DC  B 1 8  ? 11.369  7.081   -3.208  1.00 23.92 ? 18  DC  B "C5'" 1 
ATOM   364 C  "C4'" . DC  B 1 8  ? 11.614  5.923   -2.281  1.00 21.13 ? 18  DC  B "C4'" 1 
ATOM   365 O  "O4'" . DC  B 1 8  ? 10.390  5.544   -1.601  1.00 20.51 ? 18  DC  B "O4'" 1 
ATOM   366 C  "C3'" . DC  B 1 8  ? 12.112  4.606   -2.913  1.00 21.88 ? 18  DC  B "C3'" 1 
ATOM   367 O  "O3'" . DC  B 1 8  ? 13.489  4.658   -3.171  1.00 26.41 ? 18  DC  B "O3'" 1 
ATOM   368 C  "C2'" . DC  B 1 8  ? 11.742  3.633   -1.818  1.00 19.95 ? 18  DC  B "C2'" 1 
ATOM   369 C  "C1'" . DC  B 1 8  ? 10.405  4.154   -1.347  1.00 19.49 ? 18  DC  B "C1'" 1 
ATOM   370 N  N1    . DC  B 1 8  ? 9.281   3.507   -2.034  1.00 18.95 ? 18  DC  B N1    1 
ATOM   371 C  C2    . DC  B 1 8  ? 8.878   2.244   -1.576  1.00 18.43 ? 18  DC  B C2    1 
ATOM   372 O  O2    . DC  B 1 8  ? 9.440   1.788   -0.588  1.00 19.07 ? 18  DC  B O2    1 
ATOM   373 N  N3    . DC  B 1 8  ? 7.880   1.603   -2.225  1.00 17.93 ? 18  DC  B N3    1 
ATOM   374 C  C4    . DC  B 1 8  ? 7.343   2.100   -3.327  1.00 18.14 ? 18  DC  B C4    1 
ATOM   375 N  N4    . DC  B 1 8  ? 6.355   1.434   -3.928  1.00 18.88 ? 18  DC  B N4    1 
ATOM   376 C  C5    . DC  B 1 8  ? 7.729   3.374   -3.827  1.00 19.44 ? 18  DC  B C5    1 
ATOM   377 C  C6    . DC  B 1 8  ? 8.715   4.016   -3.159  1.00 19.89 ? 18  DC  B C6    1 
ATOM   378 P  P     . DG  B 1 9  ? 14.227  3.619   -4.189  1.00 29.08 ? 19  DG  B P     1 
ATOM   379 O  OP1   . DG  B 1 9  ? 15.645  4.030   -4.273  1.00 33.88 ? 19  DG  B OP1   1 
ATOM   380 O  OP2   . DG  B 1 9  ? 13.417  3.628   -5.404  1.00 31.25 ? 19  DG  B OP2   1 
ATOM   381 O  "O5'" . DG  B 1 9  ? 14.098  2.118   -3.597  1.00 27.61 ? 19  DG  B "O5'" 1 
ATOM   382 C  "C5'" . DG  B 1 9  ? 14.807  1.737   -2.525  1.00 26.64 ? 19  DG  B "C5'" 1 
ATOM   383 C  "C4'" . DG  B 1 9  ? 14.313  0.434   -2.019  1.00 21.82 ? 19  DG  B "C4'" 1 
ATOM   384 O  "O4'" . DG  B 1 9  ? 12.900  0.563   -1.740  1.00 21.32 ? 19  DG  B "O4'" 1 
ATOM   385 C  "C3'" . DG  B 1 9  ? 14.413  -0.813  -2.854  1.00 20.00 ? 19  DG  B "C3'" 1 
ATOM   386 O  "O3'" . DG  B 1 9  ? 15.750  -1.290  -2.770  1.00 22.94 ? 19  DG  B "O3'" 1 
ATOM   387 C  "C2'" . DG  B 1 9  ? 13.447  -1.689  -2.092  1.00 18.66 ? 19  DG  B "C2'" 1 
ATOM   388 C  "C1'" . DG  B 1 9  ? 12.340  -0.718  -1.862  1.00 19.31 ? 19  DG  B "C1'" 1 
ATOM   389 N  N9    . DG  B 1 9  ? 11.291  -0.714  -2.876  1.00 18.21 ? 19  DG  B N9    1 
ATOM   390 C  C8    . DG  B 1 9  ? 10.909  0.304   -3.678  1.00 19.53 ? 19  DG  B C8    1 
ATOM   391 N  N7    . DG  B 1 9  ? 9.816   0.037   -4.387  1.00 18.31 ? 19  DG  B N7    1 
ATOM   392 C  C5    . DG  B 1 9  ? 9.509   -1.308  -4.041  1.00 17.39 ? 19  DG  B C5    1 
ATOM   393 C  C6    . DG  B 1 9  ? 8.455   -2.134  -4.393  1.00 17.28 ? 19  DG  B C6    1 
ATOM   394 O  O6    . DG  B 1 9  ? 7.491   -1.892  -5.164  1.00 17.86 ? 19  DG  B O6    1 
ATOM   395 N  N1    . DG  B 1 9  ? 8.518   -3.394  -3.792  1.00 16.79 ? 19  DG  B N1    1 
ATOM   396 C  C2    . DG  B 1 9  ? 9.522   -3.776  -2.927  1.00 17.12 ? 19  DG  B C2    1 
ATOM   397 N  N2    . DG  B 1 9  ? 9.466   -5.030  -2.484  1.00 17.78 ? 19  DG  B N2    1 
ATOM   398 N  N3    . DG  B 1 9  ? 10.466  -2.962  -2.525  1.00 17.32 ? 19  DG  B N3    1 
ATOM   399 C  C4    . DG  B 1 9  ? 10.389  -1.733  -3.095  1.00 17.13 ? 19  DG  B C4    1 
ATOM   400 P  P     . DC  B 1 10 ? 16.340  -2.234  -3.907  1.00 22.76 ? 20  DC  B P     1 
ATOM   401 O  OP1   . DC  B 1 10 ? 17.770  -2.473  -3.518  1.00 25.95 ? 20  DC  B OP1   1 
ATOM   402 O  OP2   . DC  B 1 10 ? 16.033  -1.712  -5.243  1.00 23.71 ? 20  DC  B OP2   1 
ATOM   403 O  "O5'" . DC  B 1 10 ? 15.469  -3.582  -3.796  1.00 21.63 ? 20  DC  B "O5'" 1 
ATOM   404 C  "C5'" . DC  B 1 10 ? 15.643  -4.440  -2.698  1.00 21.62 ? 20  DC  B "C5'" 1 
ATOM   405 C  "C4'" . DC  B 1 10 ? 14.864  -5.706  -2.972  1.00 20.29 ? 20  DC  B "C4'" 1 
ATOM   406 O  "O4'" . DC  B 1 10 ? 13.474  -5.397  -2.987  1.00 18.31 ? 20  DC  B "O4'" 1 
ATOM   407 C  "C3'" . DC  B 1 10 ? 15.094  -6.380  -4.313  1.00 21.14 ? 20  DC  B "C3'" 1 
ATOM   408 O  "O3'" . DC  B 1 10 ? 16.245  -7.259  -4.264  1.00 27.02 ? 20  DC  B "O3'" 1 
ATOM   409 C  "C2'" . DC  B 1 10 ? 13.829  -7.163  -4.521  1.00 18.91 ? 20  DC  B "C2'" 1 
ATOM   410 C  "C1'" . DC  B 1 10 ? 12.805  -6.268  -3.884  1.00 17.94 ? 20  DC  B "C1'" 1 
ATOM   411 N  N1    . DC  B 1 10 ? 12.033  -5.436  -4.826  1.00 17.50 ? 20  DC  B N1    1 
ATOM   412 C  C2    . DC  B 1 10 ? 10.888  -5.972  -5.404  1.00 17.98 ? 20  DC  B C2    1 
ATOM   413 O  O2    . DC  B 1 10 ? 10.631  -7.147  -5.206  1.00 17.78 ? 20  DC  B O2    1 
ATOM   414 N  N3    . DC  B 1 10 ? 10.106  -5.158  -6.196  1.00 17.71 ? 20  DC  B N3    1 
ATOM   415 C  C4    . DC  B 1 10 ? 10.512  -3.918  -6.450  1.00 18.02 ? 20  DC  B C4    1 
ATOM   416 N  N4    . DC  B 1 10 ? 9.669   -3.159  -7.202  1.00 19.71 ? 20  DC  B N4    1 
ATOM   417 C  C5    . DC  B 1 10 ? 11.709  -3.370  -5.906  1.00 18.50 ? 20  DC  B C5    1 
ATOM   418 C  C6    . DC  B 1 10 ? 12.438  -4.169  -5.114  1.00 17.70 ? 20  DC  B C6    1 
HETATM 419 MG MG    . MG  C 2 .  ? 1.608   -1.961  -2.508  1.00 33.25 ? 101 MG  A MG    1 
HETATM 420 O  O     . HOH D 3 .  ? 2.514   -3.652  -2.809  1.00 25.45 ? 102 HOH A O     1 
HETATM 421 O  O     . HOH D 3 .  ? 2.353   -1.623  -0.424  1.00 27.95 ? 104 HOH A O     1 
HETATM 422 O  O     . HOH D 3 .  ? 1.214   -2.249  -4.416  1.00 33.93 ? 105 HOH A O     1 
HETATM 423 O  O     . HOH D 3 .  ? 3.233   -1.031  -3.687  1.00 32.94 ? 106 HOH A O     1 
HETATM 424 O  O     . HOH D 3 .  ? -13.518 -1.239  -0.839  1.00 26.78 ? 202 HOH A O     1 
HETATM 425 O  O     . HOH D 3 .  ? 8.850   -9.194  -2.247  1.00 22.73 ? 205 HOH A O     1 
HETATM 426 O  O     . HOH D 3 .  ? 4.589   -2.669  5.879   1.00 24.08 ? 206 HOH A O     1 
HETATM 427 O  O     . HOH D 3 .  ? -20.495 -0.389  3.774   1.00 20.39 ? 207 HOH A O     1 
HETATM 428 O  O     . HOH D 3 .  ? -1.253  8.036   1.994   1.00 26.34 ? 208 HOH A O     1 
HETATM 429 O  O     . HOH D 3 .  ? 5.422   6.195   4.630   1.00 24.01 ? 209 HOH A O     1 
HETATM 430 O  O     . HOH D 3 .  ? -1.183  2.384   8.542   1.00 24.24 ? 210 HOH A O     1 
HETATM 431 O  O     . HOH D 3 .  ? 1.001   -6.012  -2.980  1.00 26.01 ? 211 HOH A O     1 
HETATM 432 O  O     . HOH D 3 .  ? -2.788  1.699   6.382   1.00 23.03 ? 212 HOH A O     1 
HETATM 433 O  O     . HOH D 3 .  ? 2.540   -6.610  -0.892  1.00 26.97 ? 215 HOH A O     1 
HETATM 434 O  O     . HOH D 3 .  ? -19.758 1.716   5.368   1.00 26.02 ? 217 HOH A O     1 
HETATM 435 O  O     . HOH D 3 .  ? -5.454  1.164   7.067   1.00 32.39 ? 218 HOH A O     1 
HETATM 436 O  O     . HOH D 3 .  ? -2.829  -0.597  4.850   1.00 29.63 ? 219 HOH A O     1 
HETATM 437 O  O     . HOH D 3 .  ? 9.281   -8.528  0.483   1.00 31.97 ? 226 HOH A O     1 
HETATM 438 O  O     . HOH D 3 .  ? -9.343  1.536   6.560   1.00 29.23 ? 229 HOH A O     1 
HETATM 439 O  O     . HOH D 3 .  ? 10.135  -3.751  10.140  1.00 29.74 ? 230 HOH A O     1 
HETATM 440 O  O     . HOH D 3 .  ? 5.414   7.048   7.301   1.00 29.53 ? 232 HOH A O     1 
HETATM 441 O  O     . HOH D 3 .  ? -11.425 0.091   7.661   1.00 31.87 ? 234 HOH A O     1 
HETATM 442 O  O     . HOH D 3 .  ? 6.266   -0.096  11.824  1.00 31.72 ? 237 HOH A O     1 
HETATM 443 O  O     . HOH D 3 .  ? -18.014 -0.934  -1.662  1.00 45.90 ? 238 HOH A O     1 
HETATM 444 O  O     . HOH D 3 .  ? 5.748   -12.079 -5.695  1.00 24.70 ? 239 HOH A O     1 
HETATM 445 O  O     . HOH D 3 .  ? 1.741   -4.451  0.635   1.00 33.76 ? 240 HOH A O     1 
HETATM 446 O  O     . HOH D 3 .  ? -18.459 4.953   1.176   1.00 39.68 ? 241 HOH A O     1 
HETATM 447 O  O     . HOH D 3 .  ? -7.765  -1.335  6.582   1.00 35.36 ? 246 HOH A O     1 
HETATM 448 O  O     . HOH D 3 .  ? 2.611   -5.858  3.611   1.00 36.30 ? 247 HOH A O     1 
HETATM 449 O  O     . HOH D 3 .  ? -1.019  -1.313  3.244   1.00 29.38 ? 248 HOH A O     1 
HETATM 450 O  O     . HOH D 3 .  ? 2.605   -3.037  -6.751  1.00 35.78 ? 249 HOH A O     1 
HETATM 451 O  O     . HOH D 3 .  ? 1.439   -1.629  3.412   1.00 33.54 ? 250 HOH A O     1 
HETATM 452 O  O     . HOH D 3 .  ? 0.608   -5.573  -6.511  1.00 39.04 ? 251 HOH A O     1 
HETATM 453 O  O     . HOH D 3 .  ? 2.086   -2.143  6.375   1.00 33.94 ? 252 HOH A O     1 
HETATM 454 O  O     . HOH D 3 .  ? -13.451 1.997   6.121   1.00 39.37 ? 254 HOH A O     1 
HETATM 455 O  O     . HOH D 3 .  ? 1.814   -0.987  8.944   1.00 36.67 ? 255 HOH A O     1 
HETATM 456 O  O     . HOH D 3 .  ? 6.124   -5.774  8.779   1.00 38.28 ? 257 HOH A O     1 
HETATM 457 O  O     . HOH D 3 .  ? -9.465  4.083   7.478   1.00 36.63 ? 261 HOH A O     1 
HETATM 458 O  O     . HOH D 3 .  ? 6.448   -2.067  -9.229  1.00 39.50 ? 263 HOH A O     1 
HETATM 459 O  O     . HOH D 3 .  ? -5.130  4.225   8.196   1.00 36.08 ? 265 HOH A O     1 
HETATM 460 O  O     . HOH D 3 .  ? -15.927 -0.404  -1.599  1.00 35.42 ? 267 HOH A O     1 
HETATM 461 O  O     . HOH D 3 .  ? -0.561  -12.620 -8.622  1.00 50.56 ? 269 HOH A O     1 
HETATM 462 O  O     . HOH D 3 .  ? 7.484   -1.029  14.180  1.00 43.37 ? 280 HOH A O     1 
HETATM 463 O  O     . HOH D 3 .  ? 5.288   -12.138 2.924   1.00 31.32 ? 281 HOH A O     1 
HETATM 464 O  O     . HOH D 3 .  ? -1.860  -11.437 -6.504  1.00 35.95 ? 282 HOH A O     1 
HETATM 465 O  O     . HOH D 3 .  ? -0.022  4.419   12.286  1.00 45.77 ? 287 HOH A O     1 
HETATM 466 O  O     . HOH D 3 .  ? 8.964   -1.275  -10.826 1.00 39.12 ? 288 HOH A O     1 
HETATM 467 O  O     . HOH D 3 .  ? 3.855   -2.648  9.808   1.00 41.25 ? 289 HOH A O     1 
HETATM 468 O  O     . HOH D 3 .  ? -1.303  -10.808 -10.877 1.00 44.03 ? 290 HOH A O     1 
HETATM 469 O  O     . HOH D 3 .  ? -15.315 1.780   -1.670  0.50 34.68 ? 294 HOH A O     1 
HETATM 470 O  O     . HOH D 3 .  ? -5.405  2.569   10.897  0.50 39.48 ? 296 HOH A O     1 
HETATM 471 O  O     . HOH D 3 .  ? 3.154   -5.514  1.398   0.50 49.62 ? 299 HOH A O     1 
HETATM 472 O  O     . HOH D 3 .  ? -21.446 -0.627  -2.783  0.50 38.93 ? 301 HOH A O     1 
HETATM 473 O  O     . HOH D 3 .  ? -3.985  9.762   13.274  0.50 37.24 ? 302 HOH A O     1 
HETATM 474 O  O     . HOH D 3 .  ? -0.262  -9.311  0.458   0.50 41.71 ? 304 HOH A O     1 
HETATM 475 O  O     . HOH D 3 .  ? -2.963  0.614   10.138  0.50 37.83 ? 305 HOH A O     1 
HETATM 476 O  O     . HOH D 3 .  ? -18.358 5.488   5.330   0.50 28.16 ? 307 HOH A O     1 
HETATM 477 O  O     . HOH D 3 .  ? -1.271  -10.355 -1.902  0.50 33.14 ? 309 HOH A O     1 
HETATM 478 O  O     . HOH D 3 .  ? -20.276 0.017   -0.874  0.50 31.96 ? 310 HOH A O     1 
HETATM 479 O  O     . HOH D 3 .  ? -16.701 3.874   7.297   0.50 33.39 ? 311 HOH A O     1 
HETATM 480 O  O     . HOH D 3 .  ? 1.169   -5.354  -11.137 0.50 34.80 ? 314 HOH A O     1 
HETATM 481 O  O     . HOH D 3 .  ? -2.778  3.951   11.419  0.50 35.42 ? 316 HOH A O     1 
HETATM 482 O  O     A HOH D 3 .  ? -21.231 6.839   -1.591  0.50 33.07 ? 321 HOH A O     1 
HETATM 483 O  O     B HOH D 3 .  ? -20.314 6.422   -0.381  0.50 31.80 ? 322 HOH A O     1 
HETATM 484 O  O     . HOH D 3 .  ? 1.865   -5.260  7.702   0.50 43.61 ? 323 HOH A O     1 
HETATM 485 O  O     . HOH D 3 .  ? 1.306   -12.868 1.382   0.50 41.05 ? 325 HOH A O     1 
HETATM 486 O  O     . HOH D 3 .  ? -10.783 8.171   8.743   0.50 37.41 ? 326 HOH A O     1 
HETATM 487 O  O     . HOH D 3 .  ? -0.222  7.248   11.983  0.50 37.74 ? 327 HOH A O     1 
HETATM 488 O  O     . HOH D 3 .  ? 5.923   2.728   11.512  0.50 36.54 ? 328 HOH A O     1 
HETATM 489 O  O     . HOH D 3 .  ? 3.371   9.461   7.019   0.50 38.30 ? 329 HOH A O     1 
HETATM 490 O  O     . HOH D 3 .  ? -1.511  10.137  13.176  0.50 38.48 ? 330 HOH A O     1 
HETATM 491 O  O     . HOH D 3 .  ? -2.185  8.145   14.201  0.50 39.39 ? 331 HOH A O     1 
HETATM 492 O  O     . HOH D 3 .  ? -1.322  -7.146  0.653   0.50 35.41 ? 332 HOH A O     1 
HETATM 493 O  O     . HOH D 3 .  ? 5.609   -9.167  6.058   0.50 40.64 ? 335 HOH A O     1 
HETATM 494 O  O     . HOH D 3 .  ? -19.556 2.184   -0.385  0.50 39.22 ? 336 HOH A O     1 
HETATM 495 O  O     . HOH D 3 .  ? -6.708  6.183   10.547  0.50 40.87 ? 338 HOH A O     1 
HETATM 496 O  O     . HOH D 3 .  ? 4.854   -3.882  -11.728 0.50 38.75 ? 345 HOH A O     1 
HETATM 497 O  O     . HOH D 3 .  ? -16.526 7.264   4.750   0.50 38.19 ? 346 HOH A O     1 
HETATM 498 O  O     . HOH D 3 .  ? -4.700  8.077   11.227  0.50 38.70 ? 347 HOH A O     1 
HETATM 499 O  O     . HOH D 3 .  ? -21.502 7.891   -4.591  0.50 36.17 ? 352 HOH A O     1 
HETATM 500 O  O     . HOH E 3 .  ? 0.888   -0.137  -2.521  1.00 32.92 ? 103 HOH B O     1 
HETATM 501 O  O     . HOH E 3 .  ? -0.039  -2.669  -1.777  1.00 38.85 ? 107 HOH B O     1 
HETATM 502 O  O     . HOH E 3 .  ? 11.179  -9.439  -3.761  1.00 19.86 ? 201 HOH B O     1 
HETATM 503 O  O     . HOH E 3 .  ? 3.857   3.260   -4.938  1.00 22.36 ? 203 HOH B O     1 
HETATM 504 O  O     . HOH E 3 .  ? -11.212 -1.255  -2.432  1.00 26.63 ? 204 HOH B O     1 
HETATM 505 O  O     . HOH E 3 .  ? 9.138   1.509   -6.639  1.00 30.13 ? 213 HOH B O     1 
HETATM 506 O  O     . HOH E 3 .  ? 7.171   7.039   2.454   1.00 27.87 ? 214 HOH B O     1 
HETATM 507 O  O     . HOH E 3 .  ? 2.576   4.938   -6.716  1.00 23.92 ? 216 HOH B O     1 
HETATM 508 O  O     . HOH E 3 .  ? -3.818  -5.521  -3.353  1.00 30.31 ? 220 HOH B O     1 
HETATM 509 O  O     . HOH E 3 .  ? -1.860  -0.589  -3.151  1.00 30.34 ? 221 HOH B O     1 
HETATM 510 O  O     . HOH E 3 .  ? 12.528  1.391   -6.609  1.00 34.98 ? 222 HOH B O     1 
HETATM 511 O  O     . HOH E 3 .  ? 10.389  -0.532  -8.145  1.00 29.49 ? 223 HOH B O     1 
HETATM 512 O  O     . HOH E 3 .  ? 1.290   10.013  1.752   1.00 40.67 ? 224 HOH B O     1 
HETATM 513 O  O     . HOH E 3 .  ? 13.713  -0.750  -6.435  1.00 33.45 ? 225 HOH B O     1 
HETATM 514 O  O     . HOH E 3 .  ? -4.686  -4.796  2.108   1.00 31.72 ? 227 HOH B O     1 
HETATM 515 O  O     . HOH E 3 .  ? 3.575   0.654   -5.647  1.00 33.09 ? 228 HOH B O     1 
HETATM 516 O  O     . HOH E 3 .  ? -3.244  -1.746  -5.203  1.00 29.27 ? 231 HOH B O     1 
HETATM 517 O  O     . HOH E 3 .  ? 6.429   5.734   -6.301  1.00 30.82 ? 233 HOH B O     1 
HETATM 518 O  O     . HOH E 3 .  ? 9.911   4.302   -6.898  1.00 33.99 ? 235 HOH B O     1 
HETATM 519 O  O     . HOH E 3 .  ? -1.472  -4.889  -2.351  1.00 36.37 ? 236 HOH B O     1 
HETATM 520 O  O     . HOH E 3 .  ? 7.618   9.551   1.733   1.00 33.62 ? 242 HOH B O     1 
HETATM 521 O  O     . HOH E 3 .  ? -2.698  -2.480  1.256   1.00 36.30 ? 243 HOH B O     1 
HETATM 522 O  O     . HOH E 3 .  ? -5.140  -2.194  4.692   1.00 31.84 ? 244 HOH B O     1 
HETATM 523 O  O     . HOH E 3 .  ? 6.245   -0.180  -6.793  1.00 31.63 ? 245 HOH B O     1 
HETATM 524 O  O     . HOH E 3 .  ? 5.205   10.462  0.875   1.00 35.06 ? 253 HOH B O     1 
HETATM 525 O  O     . HOH E 3 .  ? 7.010   1.716   -7.838  1.00 36.38 ? 256 HOH B O     1 
HETATM 526 O  O     . HOH E 3 .  ? 3.503   8.195   3.916   1.00 32.05 ? 258 HOH B O     1 
HETATM 527 O  O     . HOH E 3 .  ? 1.545   8.452   -9.629  1.00 45.22 ? 259 HOH B O     1 
HETATM 528 O  O     . HOH E 3 .  ? -2.445  3.065   -10.351 1.00 38.56 ? 260 HOH B O     1 
HETATM 529 O  O     . HOH E 3 .  ? -5.576  -13.829 -0.560  1.00 39.17 ? 262 HOH B O     1 
HETATM 530 O  O     . HOH E 3 .  ? -5.280  -5.055  5.745   1.00 38.79 ? 264 HOH B O     1 
HETATM 531 O  O     . HOH E 3 .  ? -4.161  -10.861 -1.670  1.00 36.82 ? 266 HOH B O     1 
HETATM 532 O  O     . HOH E 3 .  ? 12.591  5.152   -7.236  1.00 34.49 ? 268 HOH B O     1 
HETATM 533 O  O     . HOH E 3 .  ? 18.656  -6.521  -3.340  1.00 43.29 ? 270 HOH B O     1 
HETATM 534 O  O     . HOH E 3 .  ? 3.716   8.238   1.333   1.00 38.25 ? 273 HOH B O     1 
HETATM 535 O  O     . HOH E 3 .  ? -7.884  -3.635  7.816   1.00 39.55 ? 275 HOH B O     1 
HETATM 536 O  O     . HOH E 3 .  ? 7.566   8.795   -8.136  1.00 50.94 ? 277 HOH B O     1 
HETATM 537 O  O     . HOH E 3 .  ? 2.448   1.304   -8.138  1.00 43.75 ? 278 HOH B O     1 
HETATM 538 O  O     . HOH E 3 .  ? -0.141  2.448   -8.308  1.00 39.75 ? 283 HOH B O     1 
HETATM 539 O  O     . HOH E 3 .  ? -5.336  -7.207  -0.531  1.00 37.53 ? 284 HOH B O     1 
HETATM 540 O  O     . HOH E 3 .  ? -0.720  0.559   -5.904  1.00 37.65 ? 285 HOH B O     1 
HETATM 541 O  O     . HOH E 3 .  ? -4.210  -7.404  1.492   1.00 36.69 ? 286 HOH B O     1 
HETATM 542 O  O     . HOH E 3 .  ? 18.430  0.515   -1.980  0.50 34.01 ? 291 HOH B O     1 
HETATM 543 O  O     . HOH E 3 .  ? 4.359   1.191   -10.371 0.50 41.96 ? 292 HOH B O     1 
HETATM 544 O  O     . HOH E 3 .  ? 9.000   6.613   -10.492 0.50 39.32 ? 293 HOH B O     1 
HETATM 545 O  O     . HOH E 3 .  ? -10.631 1.138   -2.756  0.50 30.67 ? 295 HOH B O     1 
HETATM 546 O  O     A HOH E 3 .  ? -1.236  -3.015  -4.229  0.50 79.57 ? 297 HOH B O     1 
HETATM 547 O  O     B HOH E 3 .  ? -1.107  -3.777  -5.063  0.50 34.25 ? 297 HOH B O     1 
HETATM 548 O  O     . HOH E 3 .  ? 11.156  3.031   -5.551  0.50 43.15 ? 298 HOH B O     1 
HETATM 549 O  O     A HOH E 3 .  ? -1.485  0.196   -8.392  0.50 48.91 ? 300 HOH B O     1 
HETATM 550 O  O     B HOH E 3 .  ? -1.398  1.050   -10.044 0.50 42.97 ? 300 HOH B O     1 
HETATM 551 O  O     . HOH E 3 .  ? 16.531  5.727   -2.054  0.50 32.46 ? 303 HOH B O     1 
HETATM 552 O  O     A HOH E 3 .  ? 21.231  -4.190  -0.826  0.50 36.22 ? 306 HOH B O     1 
HETATM 553 O  O     B HOH E 3 .  ? 22.051  -5.499  -2.213  0.50 34.22 ? 306 HOH B O     1 
HETATM 554 O  O     . HOH E 3 .  ? 16.701  5.824   -6.204  0.50 27.61 ? 308 HOH B O     1 
HETATM 555 O  O     . HOH E 3 .  ? 7.926   12.725  -5.087  0.50 33.85 ? 312 HOH B O     1 
HETATM 556 O  O     . HOH E 3 .  ? 13.298  9.683   -5.184  0.50 33.60 ? 313 HOH B O     1 
HETATM 557 O  O     . HOH E 3 .  ? 5.100   4.779   -10.908 0.50 45.85 ? 315 HOH B O     1 
HETATM 558 O  O     . HOH E 3 .  ? 2.767   10.731  -8.662  0.50 36.50 ? 317 HOH B O     1 
HETATM 559 O  O     . HOH E 3 .  ? -1.044  -3.847  -0.143  0.50 32.95 ? 318 HOH B O     1 
HETATM 560 O  O     A HOH E 3 .  ? 5.406   12.301  -6.872  0.50 34.66 ? 319 HOH B O     1 
HETATM 561 O  O     B HOH E 3 .  ? 5.423   13.858  -5.865  0.50 45.70 ? 320 HOH B O     1 
HETATM 562 O  O     . HOH E 3 .  ? 9.752   10.627  -0.453  0.50 41.30 ? 324 HOH B O     1 
HETATM 563 O  O     . HOH E 3 .  ? 9.140   3.897   -9.625  0.50 41.09 ? 333 HOH B O     1 
HETATM 564 O  O     . HOH E 3 .  ? -0.304  -1.944  -8.603  0.50 36.57 ? 334 HOH B O     1 
HETATM 565 O  O     . HOH E 3 .  ? -4.099  -12.571 -4.249  0.50 38.60 ? 337 HOH B O     1 
HETATM 566 O  O     . HOH E 3 .  ? 18.833  -3.024  -1.172  0.50 33.63 ? 339 HOH B O     1 
HETATM 567 O  O     . HOH E 3 .  ? 3.322   15.042  -7.518  0.50 38.18 ? 340 HOH B O     1 
HETATM 568 O  O     . HOH E 3 .  ? -6.432  -5.835  8.692   0.50 47.59 ? 341 HOH B O     1 
HETATM 569 O  O     . HOH E 3 .  ? 8.720   12.234  -2.326  0.50 36.04 ? 342 HOH B O     1 
HETATM 570 O  O     . HOH E 3 .  ? -3.482  -5.506  -0.784  0.50 36.76 ? 343 HOH B O     1 
HETATM 571 O  O     . HOH E 3 .  ? 19.087  6.271   -5.248  0.50 36.59 ? 344 HOH B O     1 
HETATM 572 O  O     . HOH E 3 .  ? -3.059  -3.345  7.289   0.50 58.91 ? 348 HOH B O     1 
HETATM 573 O  O     . HOH E 3 .  ? -1.510  -1.577  8.042   0.50 63.29 ? 349 HOH B O     1 
HETATM 574 O  O     . HOH E 3 .  ? 14.367  9.114   -1.942  0.50 46.34 ? 350 HOH B O     1 
HETATM 575 O  O     . HOH E 3 .  ? 12.902  7.757   -6.894  0.50 40.10 ? 351 HOH B O     1 
# 
loop_
_atom_site_anisotrop.id 
_atom_site_anisotrop.type_symbol 
_atom_site_anisotrop.pdbx_label_atom_id 
_atom_site_anisotrop.pdbx_label_alt_id 
_atom_site_anisotrop.pdbx_label_comp_id 
_atom_site_anisotrop.pdbx_label_asym_id 
_atom_site_anisotrop.pdbx_label_seq_id 
_atom_site_anisotrop.pdbx_PDB_ins_code 
_atom_site_anisotrop.U[1][1] 
_atom_site_anisotrop.U[2][2] 
_atom_site_anisotrop.U[3][3] 
_atom_site_anisotrop.U[1][2] 
_atom_site_anisotrop.U[1][3] 
_atom_site_anisotrop.U[2][3] 
_atom_site_anisotrop.pdbx_auth_seq_id 
_atom_site_anisotrop.pdbx_auth_comp_id 
_atom_site_anisotrop.pdbx_auth_asym_id 
_atom_site_anisotrop.pdbx_auth_atom_id 
1   O  "O5'" . DG  A 1  ? 0.3860 0.4180 0.4843 0.0626  -0.0499 -0.0148 1   DG  A "O5'" 
2   C  "C5'" . DG  A 1  ? 0.2588 0.3798 0.3951 0.0195  -0.0503 0.0008  1   DG  A "C5'" 
3   C  "C4'" . DG  A 1  ? 0.2461 0.3464 0.3395 0.0173  -0.0444 -0.0317 1   DG  A "C4'" 
4   O  "O4'" . DG  A 1  ? 0.2408 0.3466 0.3339 0.0037  -0.0713 -0.0080 1   DG  A "O4'" 
5   C  "C3'" . DG  A 1  ? 0.2080 0.3060 0.3261 0.0136  -0.0190 -0.0356 1   DG  A "C3'" 
6   O  "O3'" . DG  A 1  ? 0.1981 0.3084 0.3743 0.0129  -0.0340 -0.0580 1   DG  A "O3'" 
7   C  "C2'" . DG  A 1  ? 0.2133 0.3040 0.3203 0.0143  -0.0469 -0.0277 1   DG  A "C2'" 
8   C  "C1'" . DG  A 1  ? 0.2096 0.3040 0.3162 -0.0018 -0.0486 -0.0296 1   DG  A "C1'" 
9   N  N9    . DG  A 1  ? 0.2264 0.2896 0.3154 0.0206  -0.0526 -0.0018 1   DG  A N9    
10  C  C8    . DG  A 1  ? 0.2284 0.3089 0.3467 0.0149  -0.0386 -0.0057 1   DG  A C8    
11  N  N7    . DG  A 1  ? 0.2413 0.2933 0.3576 0.0250  -0.0361 0.0150  1   DG  A N7    
12  C  C5    . DG  A 1  ? 0.2008 0.2867 0.2933 0.0175  -0.0336 -0.0065 1   DG  A C5    
13  C  C6    . DG  A 1  ? 0.2140 0.2638 0.2913 0.0012  -0.0154 -0.0068 1   DG  A C6    
14  O  O6    . DG  A 1  ? 0.2162 0.2815 0.3395 0.0217  -0.0323 0.0066  1   DG  A O6    
15  N  N1    . DG  A 1  ? 0.1937 0.2716 0.2311 0.0309  -0.0198 -0.0109 1   DG  A N1    
16  C  C2    . DG  A 1  ? 0.1996 0.2479 0.2480 -0.0028 -0.0023 -0.0030 1   DG  A C2    
17  N  N2    . DG  A 1  ? 0.2202 0.2641 0.2454 0.0092  -0.0303 0.0144  1   DG  A N2    
18  N  N3    . DG  A 1  ? 0.2084 0.2717 0.2555 -0.0031 -0.0239 -0.0041 1   DG  A N3    
19  C  C4    . DG  A 1  ? 0.1966 0.2725 0.2880 0.0124  -0.0329 -0.0097 1   DG  A C4    
20  P  P     . DC  A 2  ? 0.2040 0.2855 0.3716 -0.0003 -0.0096 -0.0453 2   DC  A P     
21  O  OP1   . DC  A 2  ? 0.2006 0.3177 0.4478 -0.0279 0.0264  -0.0321 2   DC  A OP1   
22  O  OP2   . DC  A 2  ? 0.2326 0.2843 0.3788 0.0112  -0.0145 -0.0321 2   DC  A OP2   
23  O  "O5'" . DC  A 2  ? 0.2225 0.2614 0.3270 -0.0119 -0.0279 -0.0284 2   DC  A "O5'" 
24  C  "C5'" . DC  A 2  ? 0.2453 0.2420 0.3059 -0.0139 0.0062  -0.0039 2   DC  A "C5'" 
25  C  "C4'" . DC  A 2  ? 0.2271 0.2433 0.2727 -0.0058 0.0040  -0.0163 2   DC  A "C4'" 
26  O  "O4'" . DC  A 2  ? 0.2070 0.2436 0.2526 -0.0085 -0.0167 -0.0347 2   DC  A "O4'" 
27  C  "C3'" . DC  A 2  ? 0.2477 0.2607 0.2811 0.0029  0.0088  -0.0031 2   DC  A "C3'" 
28  O  "O3'" . DC  A 2  ? 0.3033 0.3046 0.2492 -0.0141 0.0396  -0.0177 2   DC  A "O3'" 
29  C  "C2'" . DC  A 2  ? 0.2517 0.2355 0.2512 -0.0011 -0.0220 -0.0318 2   DC  A "C2'" 
30  C  "C1'" . DC  A 2  ? 0.2001 0.2283 0.2455 -0.0006 -0.0285 -0.0228 2   DC  A "C1'" 
31  N  N1    . DC  A 2  ? 0.1915 0.2406 0.2642 0.0045  -0.0279 -0.0232 2   DC  A N1    
32  C  C2    . DC  A 2  ? 0.2079 0.2426 0.2343 0.0048  -0.0094 -0.0209 2   DC  A C2    
33  O  O2    . DC  A 2  ? 0.2114 0.2334 0.2471 0.0138  -0.0326 -0.0141 2   DC  A O2    
34  N  N3    . DC  A 2  ? 0.1930 0.2478 0.2239 0.0025  -0.0237 -0.0102 2   DC  A N3    
35  C  C4    . DC  A 2  ? 0.2065 0.2328 0.2642 0.0017  -0.0166 -0.0230 2   DC  A C4    
36  N  N4    . DC  A 2  ? 0.2263 0.2522 0.2841 -0.0012 -0.0464 0.0020  2   DC  A N4    
37  C  C5    . DC  A 2  ? 0.2068 0.2484 0.2682 0.0024  -0.0462 -0.0131 2   DC  A C5    
38  C  C6    . DC  A 2  ? 0.2062 0.2383 0.2902 0.0100  -0.0268 -0.0241 2   DC  A C6    
39  P  P     . DG  A 3  ? 0.2899 0.2897 0.3091 -0.0149 0.0300  -0.0104 3   DG  A P     
40  O  OP1   . DG  A 3  ? 0.3851 0.3292 0.3142 -0.0599 0.0762  0.0150  3   DG  A OP1   
41  O  OP2   . DG  A 3  ? 0.3284 0.3323 0.3050 0.0261  0.0256  -0.0509 3   DG  A OP2   
42  O  "O5'" . DG  A 3  ? 0.3246 0.2630 0.2676 -0.0178 0.0280  -0.0094 3   DG  A "O5'" 
43  C  "C5'" . DG  A 3  ? 0.3020 0.2222 0.3232 -0.0318 -0.0038 -0.0250 3   DG  A "C5'" 
44  C  "C4'" . DG  A 3  ? 0.3328 0.2218 0.2736 -0.0296 -0.0092 0.0084  3   DG  A "C4'" 
45  O  "O4'" . DG  A 3  ? 0.3872 0.2278 0.2456 -0.0502 0.0086  -0.0120 3   DG  A "O4'" 
46  C  "C3'" . DG  A 3  ? 0.2904 0.2270 0.2489 -0.0290 0.0116  -0.0008 3   DG  A "C3'" 
47  O  "O3'" . DG  A 3  ? 0.3185 0.2384 0.2531 -0.0144 -0.0123 0.0256  3   DG  A "O3'" 
48  C  "C2'" . DG  A 3  ? 0.3132 0.2094 0.2570 -0.0018 0.0220  0.0155  3   DG  A "C2'" 
49  C  "C1'" . DG  A 3  ? 0.2999 0.2280 0.2691 -0.0173 0.0165  -0.0095 3   DG  A "C1'" 
50  N  N9    . DG  A 3  ? 0.2747 0.2172 0.2389 -0.0222 0.0221  -0.0130 3   DG  A N9    
51  C  C8    . DG  A 3  ? 0.2840 0.2312 0.2201 -0.0427 0.0292  -0.0195 3   DG  A C8    
52  N  N7    . DG  A 3  ? 0.2508 0.2438 0.2478 -0.0389 0.0086  -0.0185 3   DG  A N7    
53  C  C5    . DG  A 3  ? 0.2466 0.2214 0.2311 -0.0217 0.0156  -0.0171 3   DG  A C5    
54  C  C6    . DG  A 3  ? 0.2332 0.2302 0.2339 -0.0227 0.0133  -0.0121 3   DG  A C6    
55  O  O6    . DG  A 3  ? 0.2396 0.2430 0.2245 -0.0232 0.0060  0.0025  3   DG  A O6    
56  N  N1    . DG  A 3  ? 0.2164 0.2191 0.2223 -0.0120 0.0014  -0.0113 3   DG  A N1    
57  C  C2    . DG  A 3  ? 0.2187 0.2075 0.2557 0.0045  0.0154  -0.0154 3   DG  A C2    
58  N  N2    . DG  A 3  ? 0.2202 0.2314 0.2523 -0.0190 0.0039  -0.0189 3   DG  A N2    
59  N  N3    . DG  A 3  ? 0.2579 0.2161 0.2390 -0.0128 0.0114  -0.0039 3   DG  A N3    
60  C  C4    . DG  A 3  ? 0.2485 0.2129 0.2305 -0.0229 0.0173  -0.0096 3   DG  A C4    
61  P  P     . DT  A 4  ? 0.3578 0.2628 0.2242 -0.0279 -0.0149 0.0058  4   DT  A P     
62  O  OP1   . DT  A 4  ? 0.3978 0.2959 0.2371 -0.0146 -0.0269 0.0155  4   DT  A OP1   
63  O  OP2   . DT  A 4  ? 0.3042 0.3004 0.2580 -0.0176 -0.0033 0.0100  4   DT  A OP2   
64  O  "O5'" . DT  A 4  ? 0.3115 0.2463 0.2557 -0.0132 -0.0297 -0.0066 4   DT  A "O5'" 
65  C  "C5'" . DT  A 4  ? 0.3081 0.2505 0.2483 0.0008  -0.0390 -0.0077 4   DT  A "C5'" 
66  C  "C4'" . DT  A 4  ? 0.2639 0.2572 0.2548 -0.0187 -0.0405 -0.0186 4   DT  A "C4'" 
67  O  "O4'" . DT  A 4  ? 0.2426 0.2340 0.2630 0.0087  -0.0362 -0.0140 4   DT  A "O4'" 
68  C  "C3'" . DT  A 4  ? 0.2803 0.2468 0.2074 -0.0033 -0.0168 0.0014  4   DT  A "C3'" 
69  O  "O3'" . DT  A 4  ? 0.3317 0.2740 0.2115 -0.0042 -0.0537 -0.0044 4   DT  A "O3'" 
70  C  "C2'" . DT  A 4  ? 0.2402 0.2674 0.2393 -0.0001 -0.0504 -0.0030 4   DT  A "C2'" 
71  C  "C1'" . DT  A 4  ? 0.2195 0.2261 0.2507 0.0030  -0.0315 -0.0113 4   DT  A "C1'" 
72  N  N1    . DT  A 4  ? 0.2157 0.2323 0.2335 0.0010  -0.0235 -0.0030 4   DT  A N1    
73  C  C2    . DT  A 4  ? 0.2154 0.2242 0.2324 -0.0120 -0.0236 -0.0083 4   DT  A C2    
74  O  O2    . DT  A 4  ? 0.2262 0.2292 0.2403 -0.0174 -0.0397 -0.0072 4   DT  A O2    
75  N  N3    . DT  A 4  ? 0.1891 0.2279 0.2060 -0.0240 -0.0175 -0.0058 4   DT  A N3    
76  C  C4    . DT  A 4  ? 0.2110 0.2353 0.1958 -0.0081 -0.0100 -0.0057 4   DT  A C4    
77  O  O4    . DT  A 4  ? 0.2064 0.2344 0.2077 -0.0198 -0.0110 -0.0029 4   DT  A O4    
78  C  C5    . DT  A 4  ? 0.2177 0.2232 0.2114 -0.0163 -0.0047 -0.0095 4   DT  A C5    
79  C  C7    . DT  A 4  ? 0.2330 0.2300 0.2369 -0.0043 -0.0029 0.0028  4   DT  A C7    
80  C  C6    . DT  A 4  ? 0.2174 0.2282 0.2226 -0.0069 -0.0071 -0.0084 4   DT  A C6    
81  P  P     . DA  A 5  ? 0.3150 0.3029 0.2255 -0.0258 -0.0382 0.0184  5   DA  A P     
82  O  OP1   . DA  A 5  ? 0.3801 0.3197 0.2471 -0.0402 -0.0402 0.0080  5   DA  A OP1   
83  O  OP2   . DA  A 5  ? 0.3029 0.3562 0.2557 -0.0283 -0.0053 0.0580  5   DA  A OP2   
84  O  "O5'" . DA  A 5  ? 0.2611 0.2644 0.2617 -0.0138 -0.0395 0.0066  5   DA  A "O5'" 
85  C  "C5'" . DA  A 5  ? 0.2623 0.3195 0.2189 -0.0453 -0.0316 -0.0121 5   DA  A "C5'" 
86  C  "C4'" . DA  A 5  ? 0.2351 0.3009 0.2139 -0.0057 -0.0131 0.0089  5   DA  A "C4'" 
87  O  "O4'" . DA  A 5  ? 0.2325 0.2813 0.2255 0.0056  -0.0259 0.0024  5   DA  A "O4'" 
88  C  "C3'" . DA  A 5  ? 0.2377 0.3367 0.2078 -0.0041 -0.0262 -0.0136 5   DA  A "C3'" 
89  O  "O3'" . DA  A 5  ? 0.2618 0.3892 0.2083 0.0082  -0.0173 -0.0087 5   DA  A "O3'" 
90  C  "C2'" . DA  A 5  ? 0.2371 0.3070 0.2111 0.0131  -0.0186 -0.0054 5   DA  A "C2'" 
91  C  "C1'" . DA  A 5  ? 0.2113 0.2799 0.2376 0.0015  -0.0177 0.0012  5   DA  A "C1'" 
92  N  N9    . DA  A 5  ? 0.2263 0.2540 0.1949 0.0006  -0.0170 -0.0044 5   DA  A N9    
93  C  C8    . DA  A 5  ? 0.2294 0.2648 0.2112 0.0249  -0.0012 0.0036  5   DA  A C8    
94  N  N7    . DA  A 5  ? 0.2120 0.2512 0.2034 0.0072  -0.0098 -0.0127 5   DA  A N7    
95  C  C5    . DA  A 5  ? 0.2064 0.2429 0.1934 0.0101  -0.0010 0.0137  5   DA  A C5    
96  C  C6    . DA  A 5  ? 0.2028 0.2756 0.1939 0.0052  -0.0075 0.0108  5   DA  A C6    
97  N  N6    . DA  A 5  ? 0.2000 0.2584 0.2098 -0.0070 -0.0048 0.0032  5   DA  A N6    
98  N  N1    . DA  A 5  ? 0.2083 0.2690 0.1953 0.0007  -0.0104 0.0039  5   DA  A N1    
99  C  C2    . DA  A 5  ? 0.2237 0.2544 0.2065 0.0114  0.0035  0.0123  5   DA  A C2    
100 N  N3    . DA  A 5  ? 0.2338 0.2605 0.2197 0.0004  -0.0105 0.0071  5   DA  A N3    
101 C  C4    . DA  A 5  ? 0.2187 0.2515 0.1914 0.0119  0.0052  0.0119  5   DA  A C4    
102 P  P     . GMU A 6  ? 0.2979 0.3883 0.1965 0.0152  -0.0039 -0.0036 6   GMU A P     
103 O  OP2   . GMU A 6  ? 0.3251 0.3735 0.2246 -0.0050 0.0090  0.0217  6   GMU A OP2   
104 O  "O5'" . GMU A 6  ? 0.2793 0.3302 0.2215 0.0009  -0.0319 -0.0125 6   GMU A "O5'" 
105 C  "C5'" . GMU A 6  ? 0.2569 0.3411 0.2390 -0.0018 -0.0131 -0.0143 6   GMU A "C5'" 
106 C  "C4'" . GMU A 6  ? 0.2693 0.3199 0.2342 0.0128  -0.0369 -0.0436 6   GMU A "C4'" 
107 O  "O4'" . GMU A 6  ? 0.2331 0.3306 0.2320 -0.0085 -0.0300 -0.0268 6   GMU A "O4'" 
108 C  "C3'" . GMU A 6  ? 0.2622 0.3088 0.2268 0.0099  -0.0086 -0.0480 6   GMU A "C3'" 
109 O  "O3'" . GMU A 6  ? 0.3003 0.3112 0.2239 -0.0158 -0.0176 -0.0536 6   GMU A "O3'" 
110 C  "C2'" . GMU A 6  ? 0.2763 0.2600 0.2346 0.0088  -0.0126 -0.0300 6   GMU A "C2'" 
111 C  "C1'" . GMU A 6  ? 0.2287 0.2678 0.2464 -0.0076 -0.0238 -0.0211 6   GMU A "C1'" 
112 N  N1    . GMU A 6  ? 0.2394 0.2480 0.2149 0.0056  -0.0076 -0.0247 6   GMU A N1    
113 C  C2    . GMU A 6  ? 0.2222 0.2481 0.1949 0.0012  -0.0132 -0.0104 6   GMU A C2    
114 O  O2    . GMU A 6  ? 0.2377 0.2372 0.2361 -0.0022 -0.0152 -0.0132 6   GMU A O2    
115 N  N3    . GMU A 6  ? 0.2136 0.2193 0.2273 -0.0098 -0.0018 -0.0182 6   GMU A N3    
116 C  C6    . GMU A 6  ? 0.2217 0.2648 0.1936 0.0212  -0.0043 -0.0225 6   GMU A C6    
117 C  C5    . GMU A 6  ? 0.2160 0.2509 0.2031 0.0024  0.0152  -0.0175 6   GMU A C5    
118 C  C5M   . GMU A 6  ? 0.2257 0.2847 0.2372 0.0016  -0.0141 -0.0039 6   GMU A C5M   
119 C  C4    . GMU A 6  ? 0.2000 0.2528 0.2092 -0.0128 0.0102  -0.0272 6   GMU A C4    
120 O  O4    . GMU A 6  ? 0.2267 0.2435 0.2246 -0.0067 -0.0002 -0.0067 6   GMU A O4    
121 O  "O2'" . GMU A 6  ? 0.2808 0.2615 0.2657 -0.0038 -0.0284 -0.0448 6   GMU A "O2'" 
122 C  "CA'" . GMU A 6  ? 0.3076 0.2408 0.2898 -0.0050 0.0009  -0.0270 6   GMU A "CA'" 
123 C  "CB'" . GMU A 6  ? 0.2996 0.2890 0.3508 -0.0062 -0.0258 -0.0333 6   GMU A "CB'" 
124 N  "NC'" . GMU A 6  ? 0.3666 0.3473 0.3767 -0.0119 -0.0399 -0.0711 6   GMU A "NC'" 
125 C  "CD'" . GMU A 6  ? 0.4054 0.3646 0.4139 0.0014  -0.0203 -0.0608 6   GMU A "CD'" 
126 N  "NE'" . GMU A 6  ? 0.4405 0.4005 0.4385 -0.0041 -0.0645 -0.0699 6   GMU A "NE'" 
127 N  "NF'" . GMU A 6  ? 0.4382 0.4077 0.4457 0.0171  0.0010  -0.0600 6   GMU A "NF'" 
128 O  OP1   . GMU A 6  ? 0.3612 0.4453 0.1991 0.0298  0.0043  -0.0019 6   GMU A OP1   
129 P  P     . DA  A 7  ? 0.3120 0.3210 0.2275 0.0162  0.0014  -0.0564 7   DA  A P     
130 O  OP1   . DA  A 7  ? 0.3442 0.3690 0.2348 0.0239  -0.0087 -0.0398 7   DA  A OP1   
131 O  OP2   . DA  A 7  ? 0.3272 0.3228 0.2441 0.0326  0.0189  -0.0125 7   DA  A OP2   
132 O  "O5'" . DA  A 7  ? 0.2964 0.2901 0.2197 0.0184  -0.0289 -0.0454 7   DA  A "O5'" 
133 C  "C5'" . DA  A 7  ? 0.2944 0.2723 0.2690 0.0003  -0.0041 -0.0592 7   DA  A "C5'" 
134 C  "C4'" . DA  A 7  ? 0.2722 0.2373 0.2574 -0.0069 -0.0197 -0.0550 7   DA  A "C4'" 
135 O  "O4'" . DA  A 7  ? 0.2512 0.2565 0.2595 -0.0302 -0.0171 -0.0566 7   DA  A "O4'" 
136 C  "C3'" . DA  A 7  ? 0.2742 0.2574 0.2554 0.0147  -0.0054 -0.0457 7   DA  A "C3'" 
137 O  "O3'" . DA  A 7  ? 0.3031 0.2858 0.2476 0.0140  -0.0176 -0.0575 7   DA  A "O3'" 
138 C  "C2'" . DA  A 7  ? 0.2473 0.2312 0.2457 -0.0186 -0.0179 -0.0431 7   DA  A "C2'" 
139 C  "C1'" . DA  A 7  ? 0.2276 0.2173 0.2425 -0.0153 -0.0143 -0.0243 7   DA  A "C1'" 
140 N  N9    . DA  A 7  ? 0.2293 0.2376 0.2226 -0.0183 -0.0147 -0.0232 7   DA  A N9    
141 C  C8    . DA  A 7  ? 0.2364 0.2419 0.2018 -0.0191 -0.0151 -0.0402 7   DA  A C8    
142 N  N7    . DA  A 7  ? 0.2435 0.2242 0.2213 -0.0165 -0.0035 -0.0325 7   DA  A N7    
143 C  C5    . DA  A 7  ? 0.2041 0.2194 0.2161 -0.0132 0.0005  -0.0281 7   DA  A C5    
144 C  C6    . DA  A 7  ? 0.2037 0.2263 0.2153 -0.0099 0.0196  -0.0336 7   DA  A C6    
145 N  N6    . DA  A 7  ? 0.2248 0.2234 0.2484 -0.0080 -0.0098 -0.0230 7   DA  A N6    
146 N  N1    . DA  A 7  ? 0.2063 0.2322 0.2150 -0.0299 0.0080  -0.0383 7   DA  A N1    
147 C  C2    . DA  A 7  ? 0.2151 0.2132 0.2289 -0.0093 0.0024  -0.0199 7   DA  A C2    
148 N  N3    . DA  A 7  ? 0.2165 0.2177 0.2255 -0.0217 -0.0046 -0.0340 7   DA  A N3    
149 C  C4    . DA  A 7  ? 0.2220 0.2272 0.2052 -0.0188 -0.0165 -0.0352 7   DA  A C4    
150 P  P     . DC  A 8  ? 0.3136 0.3295 0.2465 0.0329  0.0169  -0.0440 8   DC  A P     
151 O  OP1   . DC  A 8  ? 0.3304 0.3519 0.2917 0.0420  0.0022  -0.0770 8   DC  A OP1   
152 O  OP2   . DC  A 8  ? 0.3200 0.3833 0.2685 0.0176  0.0086  0.0119  8   DC  A OP2   
153 O  "O5'" . DC  A 8  ? 0.3002 0.2421 0.2244 -0.0017 0.0059  -0.0232 8   DC  A "O5'" 
154 C  "C5'" . DC  A 8  ? 0.2663 0.2395 0.2812 -0.0055 0.0307  -0.0043 8   DC  A "C5'" 
155 C  "C4'" . DC  A 8  ? 0.2390 0.2224 0.2614 -0.0415 -0.0069 -0.0336 8   DC  A "C4'" 
156 O  "O4'" . DC  A 8  ? 0.2386 0.2125 0.2300 -0.0353 0.0141  -0.0180 8   DC  A "O4'" 
157 C  "C3'" . DC  A 8  ? 0.2355 0.2474 0.2548 -0.0352 0.0054  -0.0139 8   DC  A "C3'" 
158 O  "O3'" . DC  A 8  ? 0.2407 0.2511 0.2893 -0.0273 0.0360  -0.0183 8   DC  A "O3'" 
159 C  "C2'" . DC  A 8  ? 0.2448 0.2082 0.2447 -0.0281 -0.0001 -0.0133 8   DC  A "C2'" 
160 C  "C1'" . DC  A 8  ? 0.2301 0.1998 0.2340 -0.0398 -0.0015 -0.0071 8   DC  A "C1'" 
161 N  N1    . DC  A 8  ? 0.2200 0.2077 0.2328 -0.0359 0.0080  -0.0133 8   DC  A N1    
162 C  C2    . DC  A 8  ? 0.2083 0.1984 0.2519 -0.0113 0.0165  -0.0127 8   DC  A C2    
163 O  O2    . DC  A 8  ? 0.2434 0.2278 0.2488 -0.0118 0.0014  -0.0218 8   DC  A O2    
164 N  N3    . DC  A 8  ? 0.2007 0.2136 0.2647 -0.0098 0.0078  -0.0125 8   DC  A N3    
165 C  C4    . DC  A 8  ? 0.2225 0.2131 0.2645 -0.0227 0.0058  -0.0066 8   DC  A C4    
166 N  N4    . DC  A 8  ? 0.2222 0.2405 0.2929 -0.0247 -0.0117 -0.0053 8   DC  A N4    
167 C  C5    . DC  A 8  ? 0.2373 0.2473 0.2581 -0.0226 0.0087  0.0023  8   DC  A C5    
168 C  C6    . DC  A 8  ? 0.2783 0.1949 0.2407 -0.0197 0.0075  -0.0165 8   DC  A C6    
169 P  P     . DG  A 9  ? 0.2708 0.3199 0.2808 -0.0105 0.0361  0.0174  9   DG  A P     
170 O  OP1   . DG  A 9  ? 0.2932 0.3698 0.3259 -0.0063 0.0077  -0.0058 9   DG  A OP1   
171 O  OP2   . DG  A 9  ? 0.3291 0.4373 0.2794 -0.0394 0.0112  0.0568  9   DG  A OP2   
172 O  "O5'" . DG  A 9  ? 0.2593 0.2448 0.2984 -0.0377 0.0232  0.0174  9   DG  A "O5'" 
173 C  "C5'" . DG  A 9  ? 0.2609 0.2010 0.3029 -0.0093 0.0160  0.0142  9   DG  A "C5'" 
174 C  "C4'" . DG  A 9  ? 0.2425 0.1798 0.3044 -0.0093 0.0018  0.0003  9   DG  A "C4'" 
175 O  "O4'" . DG  A 9  ? 0.2353 0.1918 0.3441 -0.0037 0.0067  -0.0201 9   DG  A "O4'" 
176 C  "C3'" . DG  A 9  ? 0.2123 0.2124 0.3771 -0.0055 0.0048  0.0172  9   DG  A "C3'" 
177 O  "O3'" . DG  A 9  ? 0.2163 0.2272 0.4219 -0.0237 0.0194  -0.0076 9   DG  A "O3'" 
178 C  "C2'" . DG  A 9  ? 0.2427 0.1982 0.3645 0.0054  0.0147  0.0009  9   DG  A "C2'" 
179 C  "C1'" . DG  A 9  ? 0.2237 0.1957 0.3411 -0.0083 0.0185  -0.0114 9   DG  A "C1'" 
180 N  N9    . DG  A 9  ? 0.2025 0.2033 0.3270 -0.0097 0.0134  -0.0054 9   DG  A N9    
181 C  C8    . DG  A 9  ? 0.2050 0.2182 0.3208 -0.0131 0.0166  -0.0019 9   DG  A C8    
182 N  N7    . DG  A 9  ? 0.2080 0.2230 0.3136 -0.0260 0.0340  -0.0087 9   DG  A N7    
183 C  C5    . DG  A 9  ? 0.2022 0.2227 0.3095 -0.0106 0.0268  -0.0351 9   DG  A C5    
184 C  C6    . DG  A 9  ? 0.1829 0.2184 0.3156 -0.0121 0.0196  -0.0123 9   DG  A C6    
185 O  O6    . DG  A 9  ? 0.2190 0.2293 0.3399 -0.0113 -0.0001 -0.0273 9   DG  A O6    
186 N  N1    . DG  A 9  ? 0.1877 0.2114 0.3371 -0.0155 0.0031  -0.0247 9   DG  A N1    
187 C  C2    . DG  A 9  ? 0.1994 0.2071 0.3261 -0.0140 0.0103  -0.0186 9   DG  A C2    
188 N  N2    . DG  A 9  ? 0.2223 0.2117 0.3563 -0.0162 0.0068  -0.0332 9   DG  A N2    
189 N  N3    . DG  A 9  ? 0.1942 0.2203 0.3434 -0.0187 0.0136  -0.0161 9   DG  A N3    
190 C  C4    . DG  A 9  ? 0.1868 0.2099 0.3227 -0.0163 0.0036  -0.0062 9   DG  A C4    
191 P  P     . DC  A 10 ? 0.2570 0.2374 0.4796 -0.0021 0.0787  -0.0122 10  DC  A P     
192 O  OP1   . DC  A 10 ? 0.2761 0.2778 0.5020 -0.0259 0.0098  0.0276  10  DC  A OP1   
193 O  OP2   . DC  A 10 ? 0.3412 0.2548 0.4576 0.0170  0.0646  -0.0512 10  DC  A OP2   
194 O  "O5'" . DC  A 10 ? 0.1887 0.2391 0.4133 -0.0112 0.0038  0.0360  10  DC  A "O5'" 
195 C  "C5'" . DC  A 10 ? 0.1987 0.2508 0.3799 -0.0156 -0.0044 0.0453  10  DC  A "C5'" 
196 C  "C4'" . DC  A 10 ? 0.2082 0.2500 0.3021 -0.0213 -0.0025 0.0325  10  DC  A "C4'" 
197 O  "O4'" . DC  A 10 ? 0.1939 0.2251 0.3376 -0.0102 -0.0017 0.0343  10  DC  A "O4'" 
198 C  "C3'" . DC  A 10 ? 0.1791 0.2260 0.2946 -0.0130 -0.0063 0.0308  10  DC  A "C3'" 
199 O  "O3'" . DC  A 10 ? 0.2082 0.2331 0.3130 -0.0278 -0.0097 0.0170  10  DC  A "O3'" 
200 C  "C2'" . DC  A 10 ? 0.2001 0.2250 0.2800 -0.0261 -0.0114 0.0087  10  DC  A "C2'" 
201 C  "C1'" . DC  A 10 ? 0.1929 0.2525 0.2929 -0.0222 -0.0121 0.0087  10  DC  A "C1'" 
202 N  N1    . DC  A 10 ? 0.2045 0.2381 0.3024 -0.0174 0.0076  0.0167  10  DC  A N1    
203 C  C2    . DC  A 10 ? 0.1976 0.2501 0.2640 -0.0167 0.0073  0.0191  10  DC  A C2    
204 O  O2    . DC  A 10 ? 0.2152 0.2306 0.3260 0.0012  -0.0179 0.0013  10  DC  A O2    
205 N  N3    . DC  A 10 ? 0.2258 0.2615 0.2958 -0.0279 -0.0130 0.0039  10  DC  A N3    
206 C  C4    . DC  A 10 ? 0.1997 0.2709 0.3030 -0.0330 0.0014  0.0031  10  DC  A C4    
207 N  N4    . DC  A 10 ? 0.2230 0.2994 0.3290 -0.0403 -0.0180 0.0013  10  DC  A N4    
208 C  C5    . DC  A 10 ? 0.2326 0.2522 0.2970 -0.0167 0.0109  0.0006  10  DC  A C5    
209 C  C6    . DC  A 10 ? 0.2016 0.2226 0.3288 -0.0232 -0.0012 0.0111  10  DC  A C6    
210 O  "O5'" . DG  B 1  ? 0.4894 0.5185 0.5693 0.0077  -0.0344 -0.0200 11  DG  B "O5'" 
211 C  "C5'" . DG  B 1  ? 0.4043 0.4643 0.4786 0.0135  -0.0276 -0.0020 11  DG  B "C5'" 
212 C  "C4'" . DG  B 1  ? 0.3836 0.3983 0.4601 0.0127  -0.0509 -0.0103 11  DG  B "C4'" 
213 O  "O4'" . DG  B 1  ? 0.4254 0.3922 0.3986 -0.0429 -0.0300 0.0195  11  DG  B "O4'" 
214 C  "C3'" . DG  B 1  ? 0.3150 0.4321 0.4602 0.0039  -0.0162 -0.0012 11  DG  B "C3'" 
215 O  "O3'" . DG  B 1  ? 0.2578 0.2899 0.5494 0.0656  -0.0925 -0.0177 11  DG  B "O3'" 
216 C  "C2'" . DG  B 1  ? 0.3101 0.3491 0.3961 0.0151  -0.0374 -0.0138 11  DG  B "C2'" 
217 C  "C1'" . DG  B 1  ? 0.2787 0.3667 0.4053 0.0301  -0.0215 -0.0038 11  DG  B "C1'" 
218 N  N9    . DG  B 1  ? 0.2857 0.3386 0.3794 0.0329  -0.0474 0.0189  11  DG  B N9    
219 C  C8    . DG  B 1  ? 0.2847 0.3330 0.3845 0.0397  -0.0491 0.0063  11  DG  B C8    
220 N  N7    . DG  B 1  ? 0.2713 0.3627 0.3909 0.0144  -0.0585 0.0010  11  DG  B N7    
221 C  C5    . DG  B 1  ? 0.2274 0.3325 0.3508 0.0067  -0.0353 0.0174  11  DG  B C5    
222 C  C6    . DG  B 1  ? 0.2381 0.3220 0.3466 -0.0069 -0.0208 -0.0024 11  DG  B C6    
223 O  O6    . DG  B 1  ? 0.2478 0.3438 0.3850 0.0096  -0.0604 -0.0026 11  DG  B O6    
224 N  N1    . DG  B 1  ? 0.2130 0.2860 0.3381 -0.0007 -0.0339 0.0155  11  DG  B N1    
225 C  C2    . DG  B 1  ? 0.2128 0.2564 0.3280 -0.0089 -0.0070 0.0086  11  DG  B C2    
226 N  N2    . DG  B 1  ? 0.2058 0.2652 0.3562 -0.0095 -0.0393 0.0158  11  DG  B N2    
227 N  N3    . DG  B 1  ? 0.2319 0.2995 0.3448 0.0059  -0.0080 0.0153  11  DG  B N3    
228 C  C4    . DG  B 1  ? 0.2670 0.3186 0.3656 0.0309  -0.0351 0.0148  11  DG  B C4    
229 P  P     . DC  B 2  ? 0.3002 0.3484 0.5816 0.0565  -0.0457 -0.0847 12  DC  B P     
230 O  OP1   . DC  B 2  ? 0.3360 0.4265 0.5417 0.1121  -0.0404 -0.0741 12  DC  B OP1   
231 O  OP2   . DC  B 2  ? 0.2553 0.4388 0.5373 -0.0125 -0.0630 -0.0732 12  DC  B OP2   
232 O  "O5'" . DC  B 2  ? 0.2413 0.3353 0.5084 0.0602  -0.0674 -0.0948 12  DC  B "O5'" 
233 C  "C5'" . DC  B 2  ? 0.2966 0.2868 0.4608 0.0472  -0.0552 -0.0481 12  DC  B "C5'" 
234 C  "C4'" . DC  B 2  ? 0.2501 0.2888 0.4283 0.0238  -0.0372 -0.0435 12  DC  B "C4'" 
235 O  "O4'" . DC  B 2  ? 0.2397 0.2285 0.4744 0.0036  -0.0311 -0.0359 12  DC  B "O4'" 
236 C  "C3'" . DC  B 2  ? 0.2281 0.3163 0.3709 0.0216  -0.0398 -0.0721 12  DC  B "C3'" 
237 O  "O3'" . DC  B 2  ? 0.3025 0.2841 0.4236 0.0100  -0.0060 -0.0656 12  DC  B "O3'" 
238 C  "C2'" . DC  B 2  ? 0.2218 0.2371 0.3805 -0.0011 -0.0145 -0.0604 12  DC  B "C2'" 
239 C  "C1'" . DC  B 2  ? 0.2056 0.1961 0.3859 0.0122  -0.0196 -0.0223 12  DC  B "C1'" 
240 N  N1    . DC  B 2  ? 0.2026 0.2062 0.3669 0.0009  -0.0046 -0.0302 12  DC  B N1    
241 C  C2    . DC  B 2  ? 0.1683 0.2068 0.3538 -0.0210 0.0156  -0.0368 12  DC  B C2    
242 O  O2    . DC  B 2  ? 0.1938 0.2086 0.3586 -0.0168 -0.0065 -0.0366 12  DC  B O2    
243 N  N3    . DC  B 2  ? 0.1996 0.2070 0.3258 -0.0106 -0.0054 -0.0175 12  DC  B N3    
244 C  C4    . DC  B 2  ? 0.2070 0.2357 0.3562 -0.0094 0.0060  -0.0109 12  DC  B C4    
245 N  N4    . DC  B 2  ? 0.2178 0.2334 0.3676 -0.0078 -0.0108 -0.0222 12  DC  B N4    
246 C  C5    . DC  B 2  ? 0.2324 0.2228 0.3396 0.0036  -0.0098 -0.0080 12  DC  B C5    
247 C  C6    . DC  B 2  ? 0.1946 0.2358 0.3829 -0.0047 -0.0139 -0.0278 12  DC  B C6    
248 P  P     . DG  B 3  ? 0.2791 0.2919 0.4306 -0.0094 0.0082  -0.0398 13  DG  B P     
249 O  OP1   . DG  B 3  ? 0.3520 0.2946 0.4645 0.0200  0.0383  -0.0950 13  DG  B OP1   
250 O  OP2   . DG  B 3  ? 0.3281 0.3773 0.4348 -0.0230 0.0370  -0.1066 13  DG  B OP2   
251 O  "O5'" . DG  B 3  ? 0.2509 0.2933 0.4705 -0.0017 0.0252  -0.0616 13  DG  B "O5'" 
252 C  "C5'" . DG  B 3  ? 0.2726 0.1945 0.3451 -0.0016 0.0265  -0.0502 13  DG  B "C5'" 
253 C  "C4'" . DG  B 3  ? 0.2877 0.2798 0.3652 -0.0442 0.0254  -0.0778 13  DG  B "C4'" 
254 O  "O4'" . DG  B 3  ? 0.2750 0.2601 0.3824 -0.0475 0.0504  -0.0814 13  DG  B "O4'" 
255 C  "C3'" . DG  B 3  ? 0.2428 0.2424 0.3310 -0.0480 0.0257  -0.0615 13  DG  B "C3'" 
256 O  "O3'" . DG  B 3  ? 0.2823 0.2831 0.3383 -0.0381 0.0217  -0.0836 13  DG  B "O3'" 
257 C  "C2'" . DG  B 3  ? 0.2878 0.2543 0.3118 -0.0255 -0.0085 -0.0818 13  DG  B "C2'" 
258 C  "C1'" . DG  B 3  ? 0.2255 0.2651 0.3339 -0.0066 0.0146  -0.0594 13  DG  B "C1'" 
259 N  N9    . DG  B 3  ? 0.2289 0.2436 0.3391 -0.0434 0.0157  -0.0538 13  DG  B N9    
260 C  C8    . DG  B 3  ? 0.2543 0.2565 0.3560 -0.0002 0.0292  -0.0529 13  DG  B C8    
261 N  N7    . DG  B 3  ? 0.2296 0.2369 0.3863 -0.0086 0.0413  -0.0520 13  DG  B N7    
262 C  C5    . DG  B 3  ? 0.2018 0.2248 0.3500 -0.0266 0.0185  -0.0510 13  DG  B C5    
263 C  C6    . DG  B 3  ? 0.2058 0.2289 0.3225 -0.0136 0.0311  -0.0284 13  DG  B C6    
264 O  O6    . DG  B 3  ? 0.2289 0.2270 0.3208 -0.0046 0.0096  -0.0284 13  DG  B O6    
265 N  N1    . DG  B 3  ? 0.1952 0.2166 0.3111 -0.0172 0.0345  -0.0371 13  DG  B N1    
266 C  C2    . DG  B 3  ? 0.2069 0.2497 0.2957 -0.0118 0.0292  -0.0459 13  DG  B C2    
267 N  N2    . DG  B 3  ? 0.2029 0.2440 0.2981 -0.0211 0.0239  -0.0407 13  DG  B N2    
268 N  N3    . DG  B 3  ? 0.2107 0.2350 0.3299 -0.0224 0.0233  -0.0659 13  DG  B N3    
269 C  C4    . DG  B 3  ? 0.2138 0.2296 0.2924 -0.0285 0.0511  -0.0433 13  DG  B C4    
270 P  P     . DT  B 4  ? 0.2897 0.2591 0.3332 -0.0216 0.0168  -0.0833 14  DT  B P     
271 O  OP1   . DT  B 4  ? 0.3782 0.2983 0.2948 -0.0269 0.0247  -0.0805 14  DT  B OP1   
272 O  OP2   . DT  B 4  ? 0.2770 0.2732 0.3227 -0.0194 0.0352  -0.0556 14  DT  B OP2   
273 O  "O5'" . DT  B 4  ? 0.2746 0.2585 0.3221 -0.0160 -0.0237 -0.0680 14  DT  B "O5'" 
274 C  "C5'" . DT  B 4  ? 0.2903 0.2585 0.3166 -0.0175 -0.0183 -0.0587 14  DT  B "C5'" 
275 C  "C4'" . DT  B 4  ? 0.2707 0.2629 0.2988 -0.0196 -0.0295 -0.0444 14  DT  B "C4'" 
276 O  "O4'" . DT  B 4  ? 0.2425 0.2427 0.3057 -0.0355 -0.0303 -0.0489 14  DT  B "O4'" 
277 C  "C3'" . DT  B 4  ? 0.2650 0.2773 0.2715 -0.0330 -0.0259 -0.0474 14  DT  B "C3'" 
278 O  "O3'" . DT  B 4  ? 0.3148 0.3154 0.2433 -0.0334 -0.0410 -0.0465 14  DT  B "O3'" 
279 C  "C2'" . DT  B 4  ? 0.2494 0.2341 0.2433 -0.0088 -0.0378 -0.0335 14  DT  B "C2'" 
280 C  "C1'" . DT  B 4  ? 0.2338 0.2380 0.2576 -0.0082 -0.0107 -0.0400 14  DT  B "C1'" 
281 N  N1    . DT  B 4  ? 0.2247 0.2142 0.2689 -0.0044 -0.0191 -0.0345 14  DT  B N1    
282 C  C2    . DT  B 4  ? 0.2076 0.2068 0.2415 -0.0176 -0.0108 -0.0287 14  DT  B C2    
283 O  O2    . DT  B 4  ? 0.2320 0.2086 0.2556 -0.0097 -0.0132 -0.0312 14  DT  B O2    
284 N  N3    . DT  B 4  ? 0.2057 0.2189 0.2324 -0.0113 0.0092  -0.0309 14  DT  B N3    
285 C  C4    . DT  B 4  ? 0.1882 0.2049 0.2446 -0.0211 0.0080  -0.0296 14  DT  B C4    
286 O  O4    . DT  B 4  ? 0.2192 0.2202 0.2656 -0.0147 -0.0200 -0.0274 14  DT  B O4    
287 C  C5    . DT  B 4  ? 0.2060 0.2170 0.2630 -0.0113 -0.0044 -0.0378 14  DT  B C5    
288 C  C7    . DT  B 4  ? 0.2281 0.2295 0.2743 -0.0169 -0.0034 -0.0468 14  DT  B C7    
289 C  C6    . DT  B 4  ? 0.2065 0.2066 0.2768 -0.0148 -0.0022 -0.0440 14  DT  B C6    
290 P  P     . DA  B 5  ? 0.3592 0.3957 0.2476 -0.0918 0.0099  -0.0746 15  DA  B P     
291 O  OP1   . DA  B 5  ? 0.4120 0.4845 0.2344 -0.0852 0.0102  -0.0730 15  DA  B OP1   
292 O  OP2   . DA  B 5  ? 0.4244 0.3418 0.2957 -0.0317 0.0534  -0.0721 15  DA  B OP2   
293 O  "O5'" . DA  B 5  ? 0.3195 0.3305 0.2497 -0.0765 -0.0217 -0.0139 15  DA  B "O5'" 
294 C  "C5'" . DA  B 5  ? 0.3007 0.3437 0.2585 -0.0720 -0.0350 -0.0018 15  DA  B "C5'" 
295 C  "C4'" . DA  B 5  ? 0.2625 0.2755 0.2703 -0.0300 -0.0415 0.0028  15  DA  B "C4'" 
296 O  "O4'" . DA  B 5  ? 0.2279 0.2679 0.2458 -0.0329 -0.0424 0.0058  15  DA  B "O4'" 
297 C  "C3'" . DA  B 5  ? 0.2502 0.2859 0.2382 -0.0230 -0.0339 0.0182  15  DA  B "C3'" 
298 O  "O3'" . DA  B 5  ? 0.2778 0.3126 0.2360 -0.0241 -0.0412 0.0493  15  DA  B "O3'" 
299 C  "C2'" . DA  B 5  ? 0.2422 0.2647 0.2448 -0.0295 -0.0268 -0.0015 15  DA  B "C2'" 
300 C  "C1'" . DA  B 5  ? 0.2170 0.2444 0.2464 -0.0168 -0.0188 -0.0255 15  DA  B "C1'" 
301 N  N9    . DA  B 5  ? 0.2094 0.2414 0.2117 -0.0095 -0.0189 -0.0119 15  DA  B N9    
302 C  C8    . DA  B 5  ? 0.2263 0.2400 0.2231 -0.0233 -0.0229 -0.0212 15  DA  B C8    
303 N  N7    . DA  B 5  ? 0.2093 0.2449 0.2153 -0.0262 -0.0117 -0.0232 15  DA  B N7    
304 C  C5    . DA  B 5  ? 0.1961 0.2189 0.2141 -0.0152 -0.0123 -0.0245 15  DA  B C5    
305 C  C6    . DA  B 5  ? 0.1977 0.2141 0.2324 -0.0238 0.0102  -0.0174 15  DA  B C6    
306 N  N6    . DA  B 5  ? 0.2181 0.2203 0.2288 -0.0112 -0.0027 -0.0190 15  DA  B N6    
307 N  N1    . DA  B 5  ? 0.2019 0.2241 0.2072 -0.0202 0.0027  -0.0297 15  DA  B N1    
308 C  C2    . DA  B 5  ? 0.2131 0.2154 0.2319 -0.0213 -0.0071 -0.0191 15  DA  B C2    
309 N  N3    . DA  B 5  ? 0.2323 0.2095 0.2181 -0.0199 -0.0076 -0.0118 15  DA  B N3    
310 C  C4    . DA  B 5  ? 0.1963 0.2476 0.2030 -0.0295 -0.0004 -0.0319 15  DA  B C4    
311 P  P     . GMU B 6  ? 0.2694 0.3264 0.2171 -0.0145 -0.0174 0.0341  16  GMU B P     
312 O  OP2   . GMU B 6  ? 0.3144 0.3021 0.2231 0.0045  -0.0204 0.0025  16  GMU B OP2   
313 O  "O5'" . GMU B 6  ? 0.2411 0.2687 0.2276 -0.0033 -0.0209 0.0177  16  GMU B "O5'" 
314 C  "C5'" . GMU B 6  ? 0.2422 0.2901 0.2365 0.0032  -0.0065 0.0339  16  GMU B "C5'" 
315 C  "C4'" . GMU B 6  ? 0.2688 0.2527 0.2598 -0.0010 -0.0345 0.0216  16  GMU B "C4'" 
316 O  "O4'" . GMU B 6  ? 0.2168 0.2730 0.2343 -0.0100 -0.0217 0.0216  16  GMU B "O4'" 
317 C  "C3'" . GMU B 6  ? 0.2275 0.2982 0.2336 -0.0230 -0.0132 0.0393  16  GMU B "C3'" 
318 O  "O3'" . GMU B 6  ? 0.2851 0.2803 0.2753 -0.0199 -0.0227 0.0470  16  GMU B "O3'" 
319 C  "C2'" . GMU B 6  ? 0.2327 0.2613 0.2632 -0.0035 -0.0054 0.0249  16  GMU B "C2'" 
320 C  "C1'" . GMU B 6  ? 0.2286 0.2694 0.2256 -0.0018 -0.0150 -0.0080 16  GMU B "C1'" 
321 N  N1    . GMU B 6  ? 0.2158 0.2517 0.2017 -0.0060 -0.0111 0.0093  16  GMU B N1    
322 C  C2    . GMU B 6  ? 0.2110 0.2561 0.1986 -0.0060 0.0010  -0.0102 16  GMU B C2    
323 O  O2    . GMU B 6  ? 0.2420 0.2687 0.2236 -0.0144 -0.0155 -0.0021 16  GMU B O2    
324 N  N3    . GMU B 6  ? 0.1982 0.2516 0.2146 -0.0086 -0.0016 -0.0038 16  GMU B N3    
325 C  C6    . GMU B 6  ? 0.2105 0.2620 0.2134 -0.0126 -0.0103 0.0160  16  GMU B C6    
326 C  C5    . GMU B 6  ? 0.2108 0.2602 0.2108 -0.0059 0.0026  -0.0057 16  GMU B C5    
327 C  C5M   . GMU B 6  ? 0.2266 0.2566 0.2395 0.0051  0.0021  0.0009  16  GMU B C5M   
328 C  C4    . GMU B 6  ? 0.1911 0.2491 0.2097 -0.0081 -0.0124 0.0090  16  GMU B C4    
329 O  O4    . GMU B 6  ? 0.2083 0.2500 0.2105 -0.0061 -0.0037 0.0035  16  GMU B O4    
330 O  "O2'" . GMU B 6  ? 0.2556 0.2748 0.2874 -0.0165 -0.0285 0.0077  16  GMU B "O2'" 
331 C  "CA'" . GMU B 6  ? 0.2866 0.2931 0.3212 0.0070  -0.0164 -0.0173 16  GMU B "CA'" 
332 C  "CB'" . GMU B 6  ? 0.3202 0.3179 0.3525 0.0104  -0.0206 -0.0215 16  GMU B "CB'" 
333 N  "NC'" . GMU B 6  ? 0.3715 0.3815 0.4417 -0.0358 -0.0103 -0.0398 16  GMU B "NC'" 
334 C  "CD'" . GMU B 6  ? 0.4312 0.4259 0.4767 -0.0175 -0.0155 -0.0090 16  GMU B "CD'" 
335 N  "NE'" . GMU B 6  ? 0.4835 0.4722 0.5115 -0.0358 0.0159  -0.0239 16  GMU B "NE'" 
336 N  "NF'" . GMU B 6  ? 0.4299 0.4149 0.4787 -0.0051 -0.0440 -0.0568 16  GMU B "NF'" 
337 O  OP1   . GMU B 6  ? 0.2885 0.3754 0.2467 -0.0187 -0.0147 0.0382  16  GMU B OP1   
338 P  P     . DA  B 7  ? 0.2478 0.3607 0.2714 -0.0323 0.0143  0.0526  17  DA  B P     
339 O  OP1   . DA  B 7  ? 0.2893 0.3961 0.2883 -0.0088 0.0265  0.0872  17  DA  B OP1   
340 O  OP2   . DA  B 7  ? 0.2626 0.3990 0.2781 -0.0587 0.0219  0.0013  17  DA  B OP2   
341 O  "O5'" . DA  B 7  ? 0.2494 0.3107 0.2814 -0.0368 -0.0162 0.0391  17  DA  B "O5'" 
342 C  "C5'" . DA  B 7  ? 0.2727 0.2893 0.2836 -0.0594 -0.0260 0.0275  17  DA  B "C5'" 
343 C  "C4'" . DA  B 7  ? 0.2549 0.2535 0.3142 -0.0169 -0.0071 0.0246  17  DA  B "C4'" 
344 O  "O4'" . DA  B 7  ? 0.2463 0.2333 0.3205 -0.0174 -0.0088 0.0161  17  DA  B "O4'" 
345 C  "C3'" . DA  B 7  ? 0.2428 0.2685 0.2905 -0.0211 0.0056  0.0359  17  DA  B "C3'" 
346 O  "O3'" . DA  B 7  ? 0.2763 0.3132 0.3046 -0.0553 0.0076  0.0503  17  DA  B "O3'" 
347 C  "C2'" . DA  B 7  ? 0.2433 0.2369 0.3026 -0.0421 -0.0148 0.0165  17  DA  B "C2'" 
348 C  "C1'" . DA  B 7  ? 0.2456 0.2374 0.2621 -0.0077 -0.0229 0.0130  17  DA  B "C1'" 
349 N  N9    . DA  B 7  ? 0.2239 0.2334 0.2423 -0.0201 -0.0173 0.0047  17  DA  B N9    
350 C  C8    . DA  B 7  ? 0.2334 0.2316 0.2454 -0.0013 -0.0040 0.0281  17  DA  B C8    
351 N  N7    . DA  B 7  ? 0.2058 0.2345 0.2423 -0.0167 0.0073  0.0039  17  DA  B N7    
352 C  C5    . DA  B 7  ? 0.2068 0.2492 0.1961 -0.0156 -0.0077 0.0209  17  DA  B C5    
353 C  C6    . DA  B 7  ? 0.2105 0.2244 0.2178 -0.0111 0.0002  0.0032  17  DA  B C6    
354 N  N6    . DA  B 7  ? 0.1933 0.2451 0.2164 -0.0170 0.0017  -0.0099 17  DA  B N6    
355 N  N1    . DA  B 7  ? 0.2021 0.2330 0.2051 -0.0134 -0.0080 0.0028  17  DA  B N1    
356 C  C2    . DA  B 7  ? 0.2256 0.2291 0.2390 0.0004  -0.0173 0.0090  17  DA  B C2    
357 N  N3    . DA  B 7  ? 0.2321 0.2433 0.2491 -0.0068 -0.0196 -0.0025 17  DA  B N3    
358 C  C4    . DA  B 7  ? 0.2134 0.2291 0.2380 -0.0147 -0.0048 0.0146  17  DA  B C4    
359 P  P     . DC  B 8  ? 0.2656 0.3568 0.3161 -0.0464 0.0205  0.0699  18  DC  B P     
360 O  OP1   . DC  B 8  ? 0.2993 0.3731 0.3778 -0.0420 0.0305  0.0834  18  DC  B OP1   
361 O  OP2   . DC  B 8  ? 0.2861 0.4601 0.2984 -0.0442 0.0111  0.0347  18  DC  B OP2   
362 O  "O5'" . DC  B 8  ? 0.2588 0.2844 0.3140 -0.0421 0.0036  0.0536  18  DC  B "O5'" 
363 C  "C5'" . DC  B 8  ? 0.2603 0.2889 0.3595 -0.0401 0.0053  0.0225  18  DC  B "C5'" 
364 C  "C4'" . DC  B 8  ? 0.2267 0.2515 0.3246 -0.0278 -0.0148 0.0186  18  DC  B "C4'" 
365 O  "O4'" . DC  B 8  ? 0.2306 0.2183 0.3303 -0.0177 -0.0122 0.0100  18  DC  B "O4'" 
366 C  "C3'" . DC  B 8  ? 0.2247 0.2882 0.3184 -0.0069 0.0050  0.0182  18  DC  B "C3'" 
367 O  "O3'" . DC  B 8  ? 0.2552 0.3504 0.3978 -0.0133 0.0327  0.0611  18  DC  B "O3'" 
368 C  "C2'" . DC  B 8  ? 0.2259 0.2496 0.2825 -0.0008 -0.0081 0.0034  18  DC  B "C2'" 
369 C  "C1'" . DC  B 8  ? 0.2362 0.2139 0.2904 -0.0044 -0.0108 0.0024  18  DC  B "C1'" 
370 N  N1    . DC  B 8  ? 0.2275 0.2290 0.2635 -0.0118 -0.0078 0.0122  18  DC  B N1    
371 C  C2    . DC  B 8  ? 0.2194 0.2100 0.2708 -0.0081 -0.0080 -0.0001 18  DC  B C2    
372 O  O2    . DC  B 8  ? 0.2278 0.2244 0.2721 -0.0158 -0.0147 0.0013  18  DC  B O2    
373 N  N3    . DC  B 8  ? 0.2109 0.2236 0.2466 -0.0078 -0.0007 0.0043  18  DC  B N3    
374 C  C4    . DC  B 8  ? 0.2082 0.2405 0.2404 -0.0169 0.0124  -0.0080 18  DC  B C4    
375 N  N4    . DC  B 8  ? 0.2255 0.2497 0.2419 -0.0166 0.0059  0.0064  18  DC  B N4    
376 C  C5    . DC  B 8  ? 0.2325 0.2409 0.2650 -0.0175 0.0056  0.0258  18  DC  B C5    
377 C  C6    . DC  B 8  ? 0.2480 0.2476 0.2599 -0.0419 0.0005  0.0195  18  DC  B C6    
378 P  P     . DG  B 9  ? 0.2921 0.4045 0.4083 0.0038  0.0811  0.0751  19  DG  B P     
379 O  OP1   . DG  B 9  ? 0.3489 0.4452 0.4929 -0.0342 0.0797  0.0512  19  DG  B OP1   
380 O  OP2   . DG  B 9  ? 0.4040 0.3998 0.3833 -0.0003 0.0320  0.0735  19  DG  B OP2   
381 O  "O5'" . DG  B 9  ? 0.3107 0.3809 0.3574 -0.0334 0.0564  0.0696  19  DG  B "O5'" 
382 C  "C5'" . DG  B 9  ? 0.2825 0.3575 0.3719 -0.0326 0.0176  0.0071  19  DG  B "C5'" 
383 C  "C4'" . DG  B 9  ? 0.2062 0.2644 0.3583 -0.0123 -0.0008 -0.0090 19  DG  B "C4'" 
384 O  "O4'" . DG  B 9  ? 0.2160 0.2536 0.3404 -0.0128 -0.0106 -0.0415 19  DG  B "O4'" 
385 C  "C3'" . DG  B 9  ? 0.2003 0.2576 0.3018 -0.0023 0.0035  -0.0129 19  DG  B "C3'" 
386 O  "O3'" . DG  B 9  ? 0.2186 0.2717 0.3811 -0.0103 -0.0043 -0.0366 19  DG  B "O3'" 
387 C  "C2'" . DG  B 9  ? 0.2177 0.2390 0.2523 -0.0184 -0.0206 -0.0228 19  DG  B "C2'" 
388 C  "C1'" . DG  B 9  ? 0.2301 0.2415 0.2618 -0.0136 -0.0048 -0.0228 19  DG  B "C1'" 
389 N  N9    . DG  B 9  ? 0.2098 0.2442 0.2377 -0.0107 -0.0145 0.0031  19  DG  B N9    
390 C  C8    . DG  B 9  ? 0.2279 0.2470 0.2670 -0.0181 0.0057  0.0027  19  DG  B C8    
391 N  N7    . DG  B 9  ? 0.2239 0.2412 0.2303 0.0030  -0.0026 -0.0020 19  DG  B N7    
392 C  C5    . DG  B 9  ? 0.2047 0.2210 0.2349 0.0047  -0.0041 -0.0107 19  DG  B C5    
393 C  C6    . DG  B 9  ? 0.1925 0.2464 0.2176 -0.0003 -0.0066 -0.0027 19  DG  B C6    
394 O  O6    . DG  B 9  ? 0.2037 0.2385 0.2362 0.0059  -0.0130 0.0018  19  DG  B O6    
395 N  N1    . DG  B 9  ? 0.1882 0.2210 0.2287 0.0075  -0.0109 -0.0094 19  DG  B N1    
396 C  C2    . DG  B 9  ? 0.1812 0.2470 0.2223 -0.0102 -0.0124 -0.0210 19  DG  B C2    
397 N  N2    . DG  B 9  ? 0.2179 0.2187 0.2386 -0.0078 -0.0110 -0.0008 19  DG  B N2    
398 N  N3    . DG  B 9  ? 0.2047 0.2170 0.2362 -0.0021 -0.0122 -0.0161 19  DG  B N3    
399 C  C4    . DG  B 9  ? 0.1877 0.2294 0.2335 -0.0048 -0.0084 -0.0085 19  DG  B C4    
400 P  P     . DC  B 10 ? 0.2307 0.2842 0.3497 -0.0205 0.0127  -0.0249 20  DC  B P     
401 O  OP1   . DC  B 10 ? 0.1967 0.3544 0.4347 -0.0033 -0.0004 -0.0340 20  DC  B OP1   
402 O  OP2   . DC  B 10 ? 0.2549 0.2824 0.3632 -0.0228 0.0220  -0.0200 20  DC  B OP2   
403 O  "O5'" . DC  B 10 ? 0.2225 0.2917 0.3073 -0.0353 -0.0054 -0.0121 20  DC  B "O5'" 
404 C  "C5'" . DC  B 10 ? 0.2194 0.2877 0.3143 0.0061  -0.0168 -0.0025 20  DC  B "C5'" 
405 C  "C4'" . DC  B 10 ? 0.2211 0.2471 0.3026 0.0127  -0.0331 -0.0140 20  DC  B "C4'" 
406 O  "O4'" . DC  B 10 ? 0.2028 0.2330 0.2596 0.0025  -0.0190 -0.0040 20  DC  B "O4'" 
407 C  "C3'" . DC  B 10 ? 0.2063 0.2956 0.3012 0.0280  -0.0234 -0.0245 20  DC  B "C3'" 
408 O  "O3'" . DC  B 10 ? 0.2407 0.3580 0.4278 0.0744  -0.0396 -0.0862 20  DC  B "O3'" 
409 C  "C2'" . DC  B 10 ? 0.2245 0.2318 0.2621 0.0207  -0.0279 0.0003  20  DC  B "C2'" 
410 C  "C1'" . DC  B 10 ? 0.2070 0.2315 0.2428 0.0078  -0.0209 0.0058  20  DC  B "C1'" 
411 N  N1    . DC  B 10 ? 0.2058 0.2330 0.2261 0.0001  -0.0006 -0.0028 20  DC  B N1    
412 C  C2    . DC  B 10 ? 0.1986 0.2461 0.2383 0.0029  0.0037  0.0048  20  DC  B C2    
413 O  O2    . DC  B 10 ? 0.1909 0.2420 0.2427 0.0004  -0.0197 0.0061  20  DC  B O2    
414 N  N3    . DC  B 10 ? 0.1952 0.2454 0.2322 0.0142  -0.0192 0.0157  20  DC  B N3    
415 C  C4    . DC  B 10 ? 0.2107 0.2495 0.2244 0.0229  0.0017  0.0057  20  DC  B C4    
416 N  N4    . DC  B 10 ? 0.2387 0.2527 0.2574 0.0367  0.0069  0.0122  20  DC  B N4    
417 C  C5    . DC  B 10 ? 0.2209 0.2197 0.2619 0.0127  0.0180  -0.0122 20  DC  B C5    
418 C  C6    . DC  B 10 ? 0.2038 0.2299 0.2387 0.0188  0.0068  -0.0086 20  DC  B C6    
419 MG MG    . MG  C .  ? 0.3143 0.3925 0.5562 -0.0181 -0.0407 -0.1349 101 MG  A MG    
420 O  O     . HOH D .  ? 0.2767 0.2948 0.3952 -0.0217 0.0268  -0.0557 102 HOH A O     
421 O  O     . HOH D .  ? 0.2534 0.3402 0.4682 -0.0100 -0.0689 -0.0622 104 HOH A O     
422 O  O     . HOH D .  ? 0.4727 0.3735 0.4428 0.0123  0.0027  -0.0610 105 HOH A O     
423 O  O     . HOH D .  ? 0.2691 0.3481 0.6343 0.0105  -0.0773 0.0441  106 HOH A O     
424 O  O     . HOH D .  ? 0.3919 0.2404 0.3849 -0.0151 -0.0550 -0.0051 202 HOH A O     
425 O  O     . HOH D .  ? 0.2446 0.2455 0.3734 -0.0078 -0.0480 -0.0104 205 HOH A O     
426 O  O     . HOH D .  ? 0.3210 0.3347 0.2591 -0.0287 -0.0017 0.0080  206 HOH A O     
427 O  O     . HOH D .  ? 0.2283 0.2299 0.3162 -0.0147 -0.0073 0.0104  207 HOH A O     
428 O  O     . HOH D .  ? 0.4535 0.2724 0.2746 0.0630  -0.0428 -0.0475 208 HOH A O     
429 O  O     . HOH D .  ? 0.2970 0.2957 0.3195 -0.0082 -0.0450 -0.0406 209 HOH A O     
430 O  O     . HOH D .  ? 0.3058 0.3511 0.2641 -0.0125 -0.0085 -0.0101 210 HOH A O     
431 O  O     . HOH D .  ? 0.2697 0.3101 0.4085 0.0020  -0.0138 -0.0441 211 HOH A O     
432 O  O     . HOH D .  ? 0.2681 0.2890 0.3177 -0.0131 0.0004  0.0094  212 HOH A O     
433 O  O     . HOH D .  ? 0.2857 0.3436 0.3952 0.0145  -0.0087 -0.0448 215 HOH A O     
434 O  O     . HOH D .  ? 0.2712 0.2671 0.4503 -0.0036 0.0253  0.0163  217 HOH A O     
435 O  O     . HOH D .  ? 0.3398 0.5191 0.3716 -0.0205 -0.0125 0.0438  218 HOH A O     
436 O  O     . HOH D .  ? 0.3159 0.3774 0.4325 -0.0599 -0.0105 -0.0389 219 HOH A O     
437 O  O     . HOH D .  ? 0.3948 0.4263 0.3936 -0.0355 -0.0410 -0.0369 226 HOH A O     
438 O  O     . HOH D .  ? 0.3588 0.3496 0.4020 -0.0453 -0.0170 -0.0137 229 HOH A O     
439 O  O     . HOH D .  ? 0.3886 0.3321 0.4090 0.0106  0.0093  0.0047  230 HOH A O     
440 O  O     . HOH D .  ? 0.3287 0.4199 0.3732 0.0498  -0.0775 -0.0977 232 HOH A O     
441 O  O     . HOH D .  ? 0.3626 0.4174 0.4306 -0.1083 0.0211  -0.1046 234 HOH A O     
442 O  O     . HOH D .  ? 0.3977 0.4122 0.3951 -0.0003 -0.0545 -0.0026 237 HOH A O     
443 O  O     . HOH D .  ? 0.5921 0.5472 0.6046 0.0439  -0.0005 0.0118  238 HOH A O     
444 O  O     . HOH D .  ? 0.2864 0.2966 0.3553 0.0017  -0.0104 -0.0271 239 HOH A O     
445 O  O     . HOH D .  ? 0.3781 0.3978 0.5068 -0.1078 0.0053  -0.0562 240 HOH A O     
446 O  O     . HOH D .  ? 0.4153 0.6107 0.4813 -0.1031 0.0433  0.0562  241 HOH A O     
447 O  O     . HOH D .  ? 0.4944 0.4330 0.4160 -0.0676 -0.0482 -0.0073 246 HOH A O     
448 O  O     . HOH D .  ? 0.3893 0.5049 0.4847 -0.0527 -0.0146 -0.0558 247 HOH A O     
449 O  O     . HOH D .  ? 0.3390 0.4329 0.3444 0.0272  -0.0354 0.0031  248 HOH A O     
450 O  O     . HOH D .  ? 0.3746 0.4766 0.5083 0.0506  -0.1620 0.0053  249 HOH A O     
451 O  O     . HOH D .  ? 0.3503 0.4306 0.4932 -0.0622 0.0567  -0.0957 250 HOH A O     
452 O  O     . HOH D .  ? 0.4981 0.4431 0.5419 0.0399  -0.0534 -0.0063 251 HOH A O     
453 O  O     . HOH D .  ? 0.4093 0.4390 0.4411 0.0690  0.0084  0.0593  252 HOH A O     
454 O  O     . HOH D .  ? 0.4665 0.4909 0.5381 0.0366  0.0001  -0.0374 254 HOH A O     
455 O  O     . HOH D .  ? 0.4749 0.4353 0.4829 0.0109  0.0145  0.0684  255 HOH A O     
456 O  O     . HOH D .  ? 0.5163 0.4876 0.4503 -0.0845 0.0432  -0.0144 257 HOH A O     
457 O  O     . HOH D .  ? 0.4754 0.4997 0.4162 -0.0301 0.0494  0.0118  261 HOH A O     
458 O  O     . HOH D .  ? 0.5269 0.4771 0.4968 -0.0107 -0.0908 0.0393  263 HOH A O     
459 O  O     . HOH D .  ? 0.4903 0.4045 0.4761 0.0561  0.0215  -0.0143 265 HOH A O     
460 O  O     . HOH D .  ? 0.4926 0.3625 0.4906 0.0179  -0.0393 0.0286  267 HOH A O     
461 O  O     . HOH D .  ? 0.6126 0.6473 0.6610 -0.0081 -0.0029 0.0125  269 HOH A O     
462 O  O     . HOH D .  ? 0.4891 0.5978 0.5608 -0.0051 -0.0021 0.0020  280 HOH A O     
463 O  O     . HOH D .  ? 0.5133 0.3947 0.2820 0.0211  0.0060  -0.0440 281 HOH A O     
464 O  O     . HOH D .  ? 0.4259 0.3970 0.5430 -0.0441 -0.1067 -0.0452 282 HOH A O     
465 O  O     . HOH D .  ? 0.6356 0.5850 0.5183 0.0341  0.0101  0.0216  287 HOH A O     
466 O  O     . HOH D .  ? 0.5278 0.4607 0.4976 0.0112  -0.0268 0.0375  288 HOH A O     
467 O  O     . HOH D .  ? 0.5729 0.5061 0.4880 0.0300  -0.0153 0.0622  289 HOH A O     
468 O  O     . HOH D .  ? 0.5208 0.5864 0.5656 0.0174  -0.0476 -0.0086 290 HOH A O     
500 O  O     . HOH E .  ? 0.4133 0.3978 0.4396 0.0225  -0.0159 -0.1050 103 HOH B O     
501 O  O     . HOH E .  ? 0.3985 0.5348 0.5428 0.0000  -0.0137 -0.0796 107 HOH B O     
502 O  O     . HOH E .  ? 0.2425 0.2416 0.2701 -0.0075 -0.0371 -0.0122 201 HOH B O     
503 O  O     . HOH E .  ? 0.2675 0.2936 0.2882 -0.0107 -0.0082 -0.0262 203 HOH B O     
504 O  O     . HOH E .  ? 0.3058 0.3416 0.3643 -0.0134 -0.0118 -0.0307 204 HOH B O     
505 O  O     . HOH E .  ? 0.4720 0.3913 0.2813 0.0260  0.0298  0.0381  213 HOH B O     
506 O  O     . HOH E .  ? 0.3515 0.3175 0.3898 0.0057  -0.0350 -0.0416 214 HOH B O     
507 O  O     . HOH E .  ? 0.3079 0.3237 0.2771 0.0139  -0.0098 0.0061  216 HOH B O     
508 O  O     . HOH E .  ? 0.3615 0.3232 0.4668 0.0053  -0.0048 -0.0643 220 HOH B O     
509 O  O     . HOH E .  ? 0.3357 0.2853 0.5316 0.0252  -0.0472 -0.0890 221 HOH B O     
510 O  O     . HOH E .  ? 0.4335 0.4983 0.3971 -0.0483 0.0462  0.0243  222 HOH B O     
511 O  O     . HOH E .  ? 0.4461 0.3364 0.3378 0.0264  0.0406  0.0530  223 HOH B O     
512 O  O     . HOH E .  ? 0.4911 0.5399 0.5138 -0.0044 0.0123  0.0144  224 HOH B O     
513 O  O     . HOH E .  ? 0.3434 0.4613 0.4662 -0.0763 -0.0535 -0.0145 225 HOH B O     
514 O  O     . HOH E .  ? 0.2931 0.3421 0.5700 0.0177  -0.0155 0.0304  227 HOH B O     
515 O  O     . HOH E .  ? 0.4516 0.3559 0.4497 -0.0005 -0.0777 -0.0466 228 HOH B O     
516 O  O     . HOH E .  ? 0.3613 0.3857 0.3650 -0.0800 0.0424  -0.0683 231 HOH B O     
517 O  O     . HOH E .  ? 0.3498 0.3569 0.4641 -0.0375 -0.0036 -0.0084 233 HOH B O     
518 O  O     . HOH E .  ? 0.3997 0.4600 0.4316 -0.0244 0.0337  0.0809  235 HOH B O     
519 O  O     . HOH E .  ? 0.3806 0.4555 0.5456 0.0584  0.0177  -0.0607 236 HOH B O     
520 O  O     . HOH E .  ? 0.3853 0.3532 0.5389 0.0202  -0.0571 -0.0294 242 HOH B O     
521 O  O     . HOH E .  ? 0.5087 0.4066 0.4637 0.0719  -0.0877 -0.0176 243 HOH B O     
522 O  O     . HOH E .  ? 0.3891 0.3258 0.4947 -0.0601 -0.0513 0.0164  244 HOH B O     
523 O  O     . HOH E .  ? 0.4863 0.3600 0.3553 0.0491  -0.0807 0.0131  245 HOH B O     
524 O  O     . HOH E .  ? 0.3917 0.4440 0.4962 -0.0137 -0.0824 -0.0718 253 HOH B O     
525 O  O     . HOH E .  ? 0.4540 0.4697 0.4583 0.0194  -0.0076 0.0627  256 HOH B O     
526 O  O     . HOH E .  ? 0.3502 0.3807 0.4867 0.0267  -0.0156 -0.0070 258 HOH B O     
527 O  O     . HOH E .  ? 0.5641 0.6238 0.5301 -0.0185 0.0821  0.0298  259 HOH B O     
528 O  O     . HOH E .  ? 0.4563 0.5477 0.4611 -0.1041 0.0175  -0.0202 260 HOH B O     
529 O  O     . HOH E .  ? 0.4452 0.4496 0.5933 0.0526  0.0254  -0.0560 262 HOH B O     
530 O  O     . HOH E .  ? 0.4379 0.5232 0.5124 0.0252  -0.1067 0.0089  264 HOH B O     
531 O  O     . HOH E .  ? 0.4012 0.4792 0.5183 0.0447  0.0040  0.0055  266 HOH B O     
532 O  O     . HOH E .  ? 0.3737 0.5193 0.4175 0.0594  0.0255  0.0055  268 HOH B O     
533 O  O     . HOH E .  ? 0.5132 0.5017 0.6296 0.0636  -0.0316 0.0220  270 HOH B O     
534 O  O     . HOH E .  ? 0.4928 0.4894 0.4709 -0.0211 -0.0911 -0.0149 273 HOH B O     
535 O  O     . HOH E .  ? 0.4987 0.5197 0.4842 -0.0554 -0.0728 -0.0040 275 HOH B O     
536 O  O     . HOH E .  ? 0.6365 0.6701 0.6286 -0.0356 0.0223  0.0131  277 HOH B O     
537 O  O     . HOH E .  ? 0.5446 0.5321 0.5856 0.0334  -0.0507 -0.0016 278 HOH B O     
538 O  O     . HOH E .  ? 0.4962 0.4422 0.5716 0.0045  -0.0585 -0.0592 283 HOH B O     
539 O  O     . HOH E .  ? 0.4544 0.3944 0.5769 0.0485  -0.0167 -0.0749 284 HOH B O     
540 O  O     . HOH E .  ? 0.4763 0.4409 0.5130 -0.0762 0.0121  -0.0338 285 HOH B O     
541 O  O     . HOH E .  ? 0.3489 0.4825 0.5626 0.0200  0.0174  -0.0590 286 HOH B O     
# 
